data_8SMU
#
_entry.id   8SMU
#
_cell.length_a   63.826
_cell.length_b   272.783
_cell.length_c   73.518
_cell.angle_alpha   90
_cell.angle_beta   114.22
_cell.angle_gamma   90
#
_symmetry.space_group_name_H-M   'P 1 21 1'
#
loop_
_entity.id
_entity.type
_entity.pdbx_description
1 polymer 'HtaACR2 integral fusion within enhanced green fluorescent protein'
2 non-polymer 'PROTOPORPHYRIN IX CONTAINING FE'
3 non-polymer GLYCEROL
4 non-polymer 'PENTAETHYLENE GLYCOL'
5 non-polymer 'CHLORIDE ION'
6 water water
#
_entity_poly.entity_id   1
_entity_poly.type   'polypeptide(L)'
_entity_poly.pdbx_seq_one_letter_code
;MSKGEELFTGVVPILVELDGDVNGHKFSVSGEGEGDATYGGSGVTQAHAAWGLKKSFQSYITGSIAKGQWNLDGVGYSNG
EFTFSGASGAVDPQAKSGFVKFGGTMRFSGHHGILDLNISNPEIVFNGATGTLFAQVRSSDMEGKKSDYGRVAIGNLTFS
SLNASETAASGKATMTLHPDGAGAFAGFYEAGSDLDPITFDAQLGGGKLTLKFICTTGKLPVPWPTLVTTL(CRO)VQCF
SRYPDHMKQHDFFKSAMPEGYVQERTIFFKDDGNYKTRAEVKFEGDTLVNRIELKGIDFKEDGNILGHKLEYNYNSHNVY
IMADKQKNGIKVNFKIRHNIEDGSVQLADHYQQNTPIGDGPVLLPDNHYLSTQSALSKDPNEKRDHMVLKEFVTAAGITL
GMDELYK
;
_entity_poly.pdbx_strand_id   A,B,C,D
#
# COMPACT_ATOMS: atom_id res chain seq x y z
N SER A 2 -25.01 11.51 64.24
CA SER A 2 -24.35 12.75 64.64
C SER A 2 -23.20 12.50 65.61
N LYS A 3 -23.45 11.70 66.67
CA LYS A 3 -22.39 11.36 67.63
C LYS A 3 -21.35 10.43 66.96
N GLY A 4 -21.83 9.50 66.14
CA GLY A 4 -20.96 8.57 65.42
C GLY A 4 -20.17 9.23 64.30
N GLU A 5 -20.83 10.11 63.52
CA GLU A 5 -20.23 10.87 62.42
C GLU A 5 -19.07 11.74 62.91
N GLU A 6 -19.22 12.38 64.08
CA GLU A 6 -18.20 13.24 64.66
C GLU A 6 -16.86 12.54 64.93
N LEU A 7 -16.89 11.22 65.13
CA LEU A 7 -15.67 10.45 65.35
C LEU A 7 -14.80 10.32 64.10
N PHE A 8 -15.34 10.59 62.91
CA PHE A 8 -14.65 10.39 61.64
C PHE A 8 -14.32 11.65 60.86
N THR A 9 -14.46 12.82 61.49
CA THR A 9 -14.19 14.11 60.83
C THR A 9 -12.70 14.36 60.49
N GLY A 10 -11.81 13.61 61.13
CA GLY A 10 -10.39 13.73 60.89
C GLY A 10 -9.76 12.39 60.58
N VAL A 11 -8.43 12.33 60.71
CA VAL A 11 -7.69 11.09 60.47
C VAL A 11 -7.75 10.22 61.72
N VAL A 12 -8.23 8.99 61.58
CA VAL A 12 -8.40 8.05 62.69
C VAL A 12 -7.44 6.88 62.57
N PRO A 13 -6.68 6.55 63.63
CA PRO A 13 -5.79 5.38 63.55
C PRO A 13 -6.59 4.07 63.50
N ILE A 14 -6.08 3.10 62.75
CA ILE A 14 -6.71 1.80 62.59
C ILE A 14 -5.77 0.67 62.99
N LEU A 15 -6.34 -0.37 63.60
CA LEU A 15 -5.63 -1.58 63.96
C LEU A 15 -6.48 -2.77 63.52
N VAL A 16 -5.89 -3.70 62.78
CA VAL A 16 -6.62 -4.88 62.29
C VAL A 16 -5.93 -6.13 62.81
N GLU A 17 -6.70 -7.08 63.36
CA GLU A 17 -6.14 -8.34 63.86
C GLU A 17 -6.98 -9.49 63.30
N LEU A 18 -6.36 -10.38 62.53
CA LEU A 18 -7.07 -11.50 61.92
C LEU A 18 -6.45 -12.83 62.30
N ASP A 19 -7.27 -13.80 62.74
CA ASP A 19 -6.82 -15.16 62.98
C ASP A 19 -7.59 -16.02 61.98
N GLY A 20 -6.87 -16.78 61.16
CA GLY A 20 -7.50 -17.62 60.14
C GLY A 20 -7.12 -19.07 60.17
N ASP A 21 -7.97 -19.90 59.57
CA ASP A 21 -7.75 -21.34 59.41
C ASP A 21 -8.35 -21.71 58.08
N VAL A 22 -7.53 -21.93 57.05
CA VAL A 22 -8.02 -22.30 55.74
C VAL A 22 -7.52 -23.71 55.44
N ASN A 23 -8.43 -24.69 55.35
CA ASN A 23 -8.11 -26.08 55.12
C ASN A 23 -7.09 -26.61 56.14
N GLY A 24 -7.20 -26.17 57.39
CA GLY A 24 -6.31 -26.63 58.45
C GLY A 24 -5.02 -25.85 58.55
N HIS A 25 -4.77 -24.90 57.61
CA HIS A 25 -3.60 -24.04 57.61
C HIS A 25 -3.95 -22.82 58.44
N LYS A 26 -3.38 -22.73 59.66
CA LYS A 26 -3.66 -21.60 60.55
C LYS A 26 -2.66 -20.48 60.31
N PHE A 27 -3.12 -19.25 60.41
CA PHE A 27 -2.27 -18.08 60.19
C PHE A 27 -2.85 -16.86 60.89
N SER A 28 -2.03 -15.83 61.09
CA SER A 28 -2.48 -14.58 61.72
C SER A 28 -1.93 -13.39 60.95
N VAL A 29 -2.74 -12.33 60.85
CA VAL A 29 -2.38 -11.11 60.14
C VAL A 29 -2.64 -9.91 61.06
N SER A 30 -1.67 -9.02 61.19
CA SER A 30 -1.85 -7.79 61.96
C SER A 30 -1.71 -6.63 60.97
N GLY A 31 -2.51 -5.61 61.14
CA GLY A 31 -2.48 -4.45 60.28
C GLY A 31 -2.52 -3.16 61.06
N GLU A 32 -1.95 -2.13 60.49
CA GLU A 32 -1.86 -0.79 61.08
C GLU A 32 -2.04 0.21 59.97
N GLY A 33 -2.53 1.39 60.34
CA GLY A 33 -2.69 2.46 59.37
C GLY A 33 -3.66 3.50 59.84
N GLU A 34 -4.33 4.16 58.90
CA GLU A 34 -5.27 5.20 59.26
C GLU A 34 -6.31 5.41 58.20
N GLY A 35 -7.41 6.01 58.61
CA GLY A 35 -8.54 6.28 57.73
C GLY A 35 -8.98 7.73 57.81
N ASP A 36 -9.42 8.27 56.69
CA ASP A 36 -9.88 9.64 56.59
C ASP A 36 -11.17 9.60 55.79
N ALA A 37 -12.29 9.29 56.44
CA ALA A 37 -13.56 9.22 55.75
C ALA A 37 -13.98 10.53 55.05
N THR A 38 -13.34 11.66 55.39
CA THR A 38 -13.66 12.95 54.80
C THR A 38 -12.73 13.36 53.63
N TYR A 39 -11.79 12.48 53.22
CA TYR A 39 -10.84 12.85 52.17
C TYR A 39 -11.53 13.02 50.83
N GLY A 40 -11.05 13.96 50.04
CA GLY A 40 -11.61 14.17 48.71
C GLY A 40 -11.15 15.46 48.12
N GLY A 41 -10.90 15.41 46.83
CA GLY A 41 -10.51 16.57 46.08
C GLY A 41 -11.22 16.46 44.74
N SER A 42 -10.47 16.66 43.68
CA SER A 42 -10.95 16.56 42.32
C SER A 42 -10.34 15.38 41.52
N GLY A 43 -9.34 14.69 42.10
CA GLY A 43 -8.67 13.59 41.46
C GLY A 43 -9.59 12.42 41.30
N VAL A 44 -9.49 11.78 40.15
CA VAL A 44 -10.30 10.63 39.83
C VAL A 44 -9.65 9.43 40.48
N THR A 45 -10.30 8.89 41.51
CA THR A 45 -9.79 7.70 42.19
C THR A 45 -10.32 6.42 41.54
N GLN A 46 -11.34 6.52 40.69
CA GLN A 46 -11.95 5.39 40.01
C GLN A 46 -12.82 5.94 38.89
N ALA A 47 -12.90 5.25 37.76
CA ALA A 47 -13.76 5.65 36.63
C ALA A 47 -14.14 4.46 35.76
N HIS A 48 -15.24 4.56 35.00
CA HIS A 48 -15.70 3.49 34.11
C HIS A 48 -16.34 4.09 32.86
N ALA A 49 -16.09 3.49 31.69
CA ALA A 49 -16.71 3.96 30.45
C ALA A 49 -17.32 2.79 29.67
N ALA A 50 -18.31 3.06 28.82
CA ALA A 50 -18.89 2.04 27.95
C ALA A 50 -19.00 2.63 26.57
N TRP A 51 -18.54 1.89 25.57
CA TRP A 51 -18.52 2.36 24.20
C TRP A 51 -18.48 1.15 23.28
N GLY A 52 -19.45 1.05 22.40
CA GLY A 52 -19.50 -0.04 21.44
C GLY A 52 -18.63 0.15 20.21
N LEU A 53 -17.87 1.24 20.13
CA LEU A 53 -17.06 1.61 18.97
C LEU A 53 -18.01 2.07 17.85
N LYS A 54 -18.61 1.11 17.13
CA LYS A 54 -19.65 1.34 16.13
C LYS A 54 -20.40 0.03 16.04
N LYS A 55 -21.75 0.05 16.14
CA LYS A 55 -22.55 -1.16 16.11
C LYS A 55 -22.34 -1.93 14.84
N SER A 56 -22.30 -1.22 13.69
CA SER A 56 -22.08 -1.86 12.40
C SER A 56 -20.65 -2.41 12.25
N PHE A 57 -19.65 -1.81 12.95
CA PHE A 57 -18.30 -2.33 12.88
C PHE A 57 -18.23 -3.69 13.57
N GLN A 58 -18.91 -3.85 14.72
CA GLN A 58 -18.97 -5.12 15.44
C GLN A 58 -19.57 -6.21 14.57
N SER A 59 -20.72 -5.95 13.91
CA SER A 59 -21.32 -6.97 13.04
C SER A 59 -20.43 -7.28 11.86
N TYR A 60 -19.64 -6.30 11.37
CA TYR A 60 -18.71 -6.48 10.26
C TYR A 60 -17.60 -7.45 10.69
N ILE A 61 -16.91 -7.16 11.82
CA ILE A 61 -15.83 -8.01 12.33
C ILE A 61 -16.29 -9.46 12.53
N THR A 62 -17.48 -9.65 13.09
CA THR A 62 -18.02 -10.99 13.32
C THR A 62 -18.90 -11.52 12.18
N GLY A 63 -18.98 -10.79 11.08
CA GLY A 63 -19.76 -11.13 9.90
C GLY A 63 -19.00 -11.98 8.92
N SER A 64 -19.70 -12.40 7.83
CA SER A 64 -19.13 -13.29 6.83
C SER A 64 -18.16 -12.65 5.81
N ILE A 65 -17.93 -11.33 5.88
CA ILE A 65 -16.96 -10.70 4.99
C ILE A 65 -15.62 -10.68 5.75
N ALA A 66 -15.58 -10.10 6.97
CA ALA A 66 -14.33 -10.12 7.74
C ALA A 66 -13.96 -11.51 8.30
N LYS A 67 -14.96 -12.29 8.78
CA LYS A 67 -14.77 -13.62 9.36
C LYS A 67 -13.74 -13.57 10.49
N GLY A 68 -13.91 -12.61 11.38
CA GLY A 68 -12.96 -12.39 12.46
C GLY A 68 -13.49 -12.39 13.88
N GLN A 69 -12.83 -11.65 14.74
CA GLN A 69 -13.17 -11.64 16.16
C GLN A 69 -12.49 -10.48 16.91
N TRP A 70 -12.78 -10.35 18.20
CA TRP A 70 -12.10 -9.39 19.05
C TRP A 70 -11.55 -10.05 20.31
N ASN A 71 -10.38 -9.58 20.79
CA ASN A 71 -9.73 -10.10 21.98
C ASN A 71 -9.43 -8.92 22.91
N LEU A 72 -9.89 -9.01 24.14
CA LEU A 72 -9.84 -7.94 25.09
C LEU A 72 -8.95 -8.26 26.30
N ASP A 73 -8.07 -7.30 26.66
CA ASP A 73 -7.18 -7.41 27.83
C ASP A 73 -7.44 -6.14 28.63
N GLY A 74 -8.15 -6.29 29.76
CA GLY A 74 -8.52 -5.15 30.59
C GLY A 74 -9.84 -4.50 30.22
N VAL A 75 -10.44 -4.90 29.07
CA VAL A 75 -11.72 -4.40 28.57
C VAL A 75 -12.77 -5.51 28.70
N GLY A 76 -14.00 -5.16 29.04
CA GLY A 76 -15.08 -6.13 29.13
C GLY A 76 -16.06 -6.00 27.98
N TYR A 77 -17.26 -6.54 28.13
CA TYR A 77 -18.29 -6.42 27.09
C TYR A 77 -19.65 -6.74 27.68
N SER A 78 -20.54 -5.74 27.68
CA SER A 78 -21.90 -5.93 28.19
C SER A 78 -22.85 -4.99 27.46
N ASN A 79 -24.04 -5.50 27.11
CA ASN A 79 -25.10 -4.75 26.41
C ASN A 79 -24.58 -4.17 25.10
N GLY A 80 -23.81 -4.97 24.37
CA GLY A 80 -23.21 -4.57 23.10
C GLY A 80 -22.12 -3.51 23.17
N GLU A 81 -21.63 -3.18 24.37
CA GLU A 81 -20.61 -2.15 24.51
C GLU A 81 -19.36 -2.69 25.18
N PHE A 82 -18.19 -2.18 24.78
CA PHE A 82 -16.92 -2.56 25.38
C PHE A 82 -16.77 -1.68 26.61
N THR A 83 -16.60 -2.29 27.79
CA THR A 83 -16.50 -1.56 29.04
C THR A 83 -15.06 -1.40 29.50
N PHE A 84 -14.70 -0.18 29.92
CA PHE A 84 -13.34 0.16 30.33
C PHE A 84 -13.31 0.66 31.78
N SER A 85 -12.15 0.57 32.41
CA SER A 85 -11.95 1.05 33.77
C SER A 85 -10.73 1.93 33.83
N GLY A 86 -10.81 2.91 34.70
CA GLY A 86 -9.73 3.86 34.95
C GLY A 86 -9.59 4.14 36.43
N ALA A 87 -8.62 5.01 36.75
CA ALA A 87 -8.30 5.45 38.11
C ALA A 87 -7.30 6.60 38.06
N SER A 88 -7.39 7.43 37.02
CA SER A 88 -6.55 8.58 36.84
C SER A 88 -7.34 9.68 36.17
N GLY A 89 -7.13 10.90 36.61
CA GLY A 89 -7.80 12.07 36.05
C GLY A 89 -8.00 13.18 37.05
N ALA A 90 -8.78 14.19 36.66
CA ALA A 90 -9.10 15.33 37.50
C ALA A 90 -10.34 16.00 36.95
N VAL A 91 -11.29 16.35 37.81
CA VAL A 91 -12.52 17.02 37.40
C VAL A 91 -12.77 18.32 38.20
N ASP A 92 -13.15 19.40 37.51
CA ASP A 92 -13.55 20.63 38.17
C ASP A 92 -15.09 20.57 38.18
N PRO A 93 -15.73 20.17 39.29
CA PRO A 93 -17.19 20.01 39.28
C PRO A 93 -17.98 21.28 38.99
N GLN A 94 -17.49 22.42 39.48
CA GLN A 94 -18.17 23.69 39.26
C GLN A 94 -18.22 24.02 37.77
N ALA A 95 -17.12 23.77 37.06
CA ALA A 95 -17.02 24.08 35.65
C ALA A 95 -17.50 22.98 34.72
N LYS A 96 -17.76 21.77 35.26
CA LYS A 96 -18.15 20.58 34.51
C LYS A 96 -17.09 20.27 33.46
N SER A 97 -15.80 20.43 33.80
CA SER A 97 -14.71 20.17 32.88
C SER A 97 -13.62 19.34 33.56
N GLY A 98 -12.84 18.61 32.79
CA GLY A 98 -11.78 17.78 33.32
C GLY A 98 -11.34 16.70 32.34
N PHE A 99 -10.66 15.67 32.85
CA PHE A 99 -10.17 14.58 32.04
C PHE A 99 -10.15 13.25 32.82
N VAL A 100 -10.38 12.15 32.10
CA VAL A 100 -10.39 10.81 32.70
C VAL A 100 -9.53 9.89 31.83
N LYS A 101 -8.56 9.19 32.40
CA LYS A 101 -7.70 8.29 31.65
C LYS A 101 -8.07 6.86 31.99
N PHE A 102 -8.18 5.99 30.97
CA PHE A 102 -8.60 4.61 31.18
C PHE A 102 -7.52 3.62 30.78
N GLY A 103 -7.77 2.34 31.11
CA GLY A 103 -6.91 1.23 30.72
C GLY A 103 -7.64 0.16 29.93
N GLY A 104 -6.85 -0.71 29.31
CA GLY A 104 -7.34 -1.83 28.53
C GLY A 104 -6.93 -1.76 27.08
N THR A 105 -7.14 -2.86 26.34
CA THR A 105 -6.88 -2.96 24.91
C THR A 105 -8.00 -3.73 24.28
N MET A 106 -8.40 -3.31 23.09
CA MET A 106 -9.36 -4.01 22.25
C MET A 106 -8.59 -4.37 21.00
N ARG A 107 -8.66 -5.62 20.55
CA ARG A 107 -8.00 -5.99 19.30
C ARG A 107 -9.06 -6.57 18.39
N PHE A 108 -9.13 -6.08 17.16
CA PHE A 108 -10.10 -6.56 16.19
C PHE A 108 -9.34 -7.26 15.06
N SER A 109 -9.76 -8.49 14.71
CA SER A 109 -9.11 -9.28 13.65
C SER A 109 -10.07 -9.61 12.54
N GLY A 110 -9.56 -9.62 11.33
CA GLY A 110 -10.35 -9.97 10.17
C GLY A 110 -9.50 -10.24 8.96
N HIS A 111 -10.12 -10.69 7.87
CA HIS A 111 -9.44 -10.97 6.62
C HIS A 111 -8.11 -11.71 6.78
N HIS A 112 -8.13 -12.89 7.40
CA HIS A 112 -6.95 -13.74 7.61
C HIS A 112 -5.76 -12.99 8.26
N GLY A 113 -6.03 -12.04 9.14
CA GLY A 113 -4.96 -11.29 9.79
C GLY A 113 -4.59 -9.98 9.13
N ILE A 114 -5.10 -9.70 7.91
CA ILE A 114 -4.88 -8.44 7.20
C ILE A 114 -5.35 -7.26 8.06
N LEU A 115 -6.51 -7.43 8.72
CA LEU A 115 -7.14 -6.45 9.62
C LEU A 115 -6.68 -6.74 11.04
N ASP A 116 -6.01 -5.77 11.68
CA ASP A 116 -5.53 -5.91 13.04
C ASP A 116 -5.60 -4.55 13.73
N LEU A 117 -6.81 -4.14 14.12
CA LEU A 117 -7.04 -2.85 14.75
C LEU A 117 -6.92 -2.97 16.25
N ASN A 118 -6.05 -2.16 16.84
CA ASN A 118 -5.76 -2.13 18.26
C ASN A 118 -6.01 -0.75 18.82
N ILE A 119 -6.93 -0.65 19.77
CA ILE A 119 -7.26 0.60 20.43
C ILE A 119 -7.00 0.35 21.90
N SER A 120 -6.12 1.14 22.51
CA SER A 120 -5.71 0.94 23.89
C SER A 120 -5.76 2.23 24.72
N ASN A 121 -5.90 2.07 26.03
CA ASN A 121 -5.87 3.15 27.00
C ASN A 121 -6.63 4.43 26.59
N PRO A 122 -7.95 4.35 26.40
CA PRO A 122 -8.70 5.54 26.02
C PRO A 122 -8.69 6.63 27.10
N GLU A 123 -8.75 7.89 26.68
CA GLU A 123 -8.75 9.04 27.58
C GLU A 123 -9.79 10.03 27.09
N ILE A 124 -10.42 10.80 27.99
CA ILE A 124 -11.46 11.77 27.63
C ILE A 124 -11.14 13.17 28.13
N VAL A 125 -11.21 14.24 27.29
CA VAL A 125 -11.14 15.63 27.75
C VAL A 125 -12.55 16.11 27.58
N PHE A 126 -13.13 16.77 28.58
CA PHE A 126 -14.51 17.21 28.49
C PHE A 126 -14.75 18.59 29.05
N ASN A 127 -15.89 19.21 28.63
CA ASN A 127 -16.20 20.54 29.11
C ASN A 127 -17.66 20.82 29.36
N GLY A 128 -18.55 19.85 29.20
CA GLY A 128 -19.97 20.11 29.45
C GLY A 128 -20.78 20.33 28.19
N ALA A 129 -20.11 20.76 27.12
CA ALA A 129 -20.75 20.88 25.83
C ALA A 129 -20.08 19.78 24.94
N THR A 130 -18.73 19.85 24.73
CA THR A 130 -18.05 18.89 23.92
C THR A 130 -16.95 18.19 24.72
N GLY A 131 -16.16 17.37 24.03
CA GLY A 131 -15.02 16.62 24.52
C GLY A 131 -14.36 15.87 23.38
N THR A 132 -13.23 15.27 23.68
CA THR A 132 -12.53 14.44 22.72
C THR A 132 -12.17 13.15 23.39
N LEU A 133 -12.28 12.06 22.66
CA LEU A 133 -11.87 10.75 23.12
C LEU A 133 -10.57 10.45 22.39
N PHE A 134 -9.52 10.16 23.14
CA PHE A 134 -8.21 9.82 22.59
C PHE A 134 -7.93 8.36 22.88
N ALA A 135 -7.09 7.71 22.08
CA ALA A 135 -6.72 6.33 22.30
C ALA A 135 -5.37 6.05 21.62
N GLN A 136 -4.69 4.99 22.06
CA GLN A 136 -3.44 4.57 21.43
C GLN A 136 -3.88 3.60 20.36
N VAL A 137 -3.63 3.94 19.08
CA VAL A 137 -4.15 3.12 17.99
C VAL A 137 -3.11 2.56 17.08
N ARG A 138 -3.23 1.28 16.81
CA ARG A 138 -2.39 0.55 15.85
C ARG A 138 -3.36 -0.12 14.91
N SER A 139 -3.14 -0.01 13.61
CA SER A 139 -4.04 -0.66 12.65
C SER A 139 -3.24 -1.39 11.56
N SER A 140 -3.79 -1.50 10.35
CA SER A 140 -3.18 -2.15 9.19
C SER A 140 -3.92 -1.73 7.92
N ASP A 141 -3.23 -1.77 6.77
CA ASP A 141 -3.87 -1.45 5.48
C ASP A 141 -4.45 -2.71 4.83
N MET A 142 -5.16 -2.55 3.71
CA MET A 142 -5.75 -3.67 2.99
C MET A 142 -4.75 -4.72 2.53
N GLU A 143 -3.44 -4.39 2.52
CA GLU A 143 -2.41 -5.38 2.17
C GLU A 143 -1.72 -6.00 3.42
N GLY A 144 -2.27 -5.78 4.61
CA GLY A 144 -1.72 -6.32 5.83
C GLY A 144 -0.76 -5.42 6.60
N LYS A 145 -0.01 -4.54 5.87
CA LYS A 145 0.98 -3.64 6.49
C LYS A 145 0.42 -2.77 7.65
N LYS A 146 0.92 -3.06 8.86
CA LYS A 146 0.56 -2.38 10.09
C LYS A 146 0.97 -0.91 10.09
N SER A 147 0.33 -0.12 10.98
CA SER A 147 0.64 1.29 11.16
C SER A 147 0.44 1.69 12.62
N ASP A 148 1.37 2.47 13.17
CA ASP A 148 1.23 2.94 14.53
C ASP A 148 0.84 4.40 14.50
N TYR A 149 -0.36 4.69 14.97
CA TYR A 149 -0.88 6.04 15.02
C TYR A 149 -0.55 6.76 16.35
N GLY A 150 -0.05 6.02 17.34
CA GLY A 150 0.30 6.54 18.66
C GLY A 150 -0.94 6.98 19.41
N ARG A 151 -0.81 7.97 20.30
CA ARG A 151 -1.94 8.53 21.02
C ARG A 151 -2.61 9.43 20.01
N VAL A 152 -3.85 9.15 19.65
CA VAL A 152 -4.54 9.86 18.59
C VAL A 152 -5.98 10.24 19.00
N ALA A 153 -6.50 11.37 18.48
CA ALA A 153 -7.86 11.78 18.79
C ALA A 153 -8.77 10.99 17.85
N ILE A 154 -9.64 10.14 18.41
CA ILE A 154 -10.51 9.30 17.60
C ILE A 154 -11.97 9.74 17.56
N GLY A 155 -12.45 10.42 18.60
CA GLY A 155 -13.84 10.83 18.63
C GLY A 155 -14.14 12.23 19.13
N ASN A 156 -15.05 12.89 18.45
CA ASN A 156 -15.53 14.20 18.79
C ASN A 156 -16.79 13.96 19.61
N LEU A 157 -16.79 14.34 20.90
CA LEU A 157 -17.92 14.14 21.82
C LEU A 157 -18.84 15.35 21.92
N THR A 158 -20.14 15.09 22.06
CA THR A 158 -21.18 16.09 22.25
C THR A 158 -22.07 15.52 23.33
N PHE A 159 -21.97 16.05 24.55
CA PHE A 159 -22.70 15.51 25.69
C PHE A 159 -24.19 15.79 25.71
N SER A 160 -25.00 14.72 25.72
CA SER A 160 -26.45 14.76 25.93
C SER A 160 -26.68 15.18 27.40
N SER A 161 -25.83 14.66 28.33
CA SER A 161 -25.84 14.98 29.76
C SER A 161 -24.43 14.96 30.31
N LEU A 162 -24.17 15.86 31.26
CA LEU A 162 -22.90 15.91 31.97
C LEU A 162 -23.23 16.46 33.34
N ASN A 163 -23.00 15.64 34.34
CA ASN A 163 -23.27 16.00 35.73
C ASN A 163 -21.99 15.83 36.54
N ALA A 164 -21.81 16.68 37.54
CA ALA A 164 -20.62 16.66 38.37
C ALA A 164 -20.97 17.29 39.68
N SER A 165 -20.55 16.62 40.76
CA SER A 165 -20.74 17.00 42.15
C SER A 165 -19.36 16.90 42.86
N GLU A 166 -19.31 17.17 44.16
CA GLU A 166 -18.10 17.14 44.95
C GLU A 166 -17.41 15.76 44.95
N THR A 167 -18.19 14.67 44.89
CA THR A 167 -17.69 13.31 44.95
C THR A 167 -17.79 12.47 43.66
N ALA A 168 -18.40 12.99 42.57
CA ALA A 168 -18.59 12.21 41.36
C ALA A 168 -18.82 13.05 40.10
N ALA A 169 -18.58 12.48 38.89
CA ALA A 169 -18.85 13.09 37.58
C ALA A 169 -19.39 11.98 36.65
N SER A 170 -20.33 12.29 35.77
CA SER A 170 -20.87 11.31 34.83
C SER A 170 -21.36 12.00 33.57
N GLY A 171 -21.44 11.26 32.47
CA GLY A 171 -21.92 11.85 31.23
C GLY A 171 -22.13 10.87 30.10
N LYS A 172 -22.98 11.24 29.14
CA LYS A 172 -23.22 10.44 27.96
C LYS A 172 -23.06 11.37 26.78
N ALA A 173 -22.24 10.98 25.81
CA ALA A 173 -21.97 11.81 24.65
C ALA A 173 -22.14 11.06 23.34
N THR A 174 -22.75 11.71 22.33
CA THR A 174 -22.76 11.14 21.00
C THR A 174 -21.36 11.37 20.41
N MET A 175 -20.95 10.56 19.43
CA MET A 175 -19.61 10.64 18.89
C MET A 175 -19.56 10.65 17.37
N THR A 176 -18.59 11.40 16.81
CA THR A 176 -18.28 11.41 15.39
C THR A 176 -16.79 11.14 15.22
N LEU A 177 -16.41 10.48 14.13
CA LEU A 177 -15.03 10.14 13.86
C LEU A 177 -14.14 11.35 13.68
N HIS A 178 -13.11 11.48 14.51
CA HIS A 178 -12.17 12.57 14.41
C HIS A 178 -11.26 12.33 13.19
N PRO A 179 -10.96 13.38 12.40
CA PRO A 179 -10.11 13.18 11.22
C PRO A 179 -8.80 12.44 11.48
N ASP A 180 -8.21 12.66 12.66
CA ASP A 180 -6.96 12.03 13.09
C ASP A 180 -7.06 10.51 13.29
N GLY A 181 -8.27 9.98 13.51
CA GLY A 181 -8.46 8.55 13.70
C GLY A 181 -9.11 7.84 12.51
N ALA A 182 -9.39 8.56 11.42
CA ALA A 182 -10.03 7.96 10.25
C ALA A 182 -9.14 6.97 9.51
N GLY A 183 -7.85 7.25 9.49
CA GLY A 183 -6.88 6.37 8.83
C GLY A 183 -6.86 4.98 9.41
N ALA A 184 -7.18 4.85 10.70
CA ALA A 184 -7.21 3.55 11.38
C ALA A 184 -8.31 2.64 10.79
N PHE A 185 -9.35 3.20 10.17
CA PHE A 185 -10.43 2.41 9.59
C PHE A 185 -10.28 2.20 8.08
N ALA A 186 -9.03 2.24 7.59
CA ALA A 186 -8.60 1.97 6.24
C ALA A 186 -9.36 2.70 5.11
N GLY A 187 -9.85 3.91 5.35
CA GLY A 187 -10.54 4.67 4.31
C GLY A 187 -12.01 4.33 4.17
N PHE A 188 -12.52 3.38 5.03
CA PHE A 188 -13.93 2.95 5.01
C PHE A 188 -14.88 3.90 5.70
N TYR A 189 -14.38 4.65 6.69
CA TYR A 189 -15.19 5.65 7.38
C TYR A 189 -14.65 7.02 7.05
N GLU A 190 -15.54 7.98 6.93
CA GLU A 190 -15.16 9.36 6.68
C GLU A 190 -15.04 10.09 8.00
N ALA A 191 -14.26 11.17 8.00
CA ALA A 191 -14.15 12.04 9.16
C ALA A 191 -15.53 12.71 9.36
N GLY A 192 -15.98 12.81 10.60
CA GLY A 192 -17.28 13.35 10.92
C GLY A 192 -18.44 12.36 10.86
N SER A 193 -18.18 11.12 10.43
CA SER A 193 -19.23 10.10 10.39
C SER A 193 -19.56 9.63 11.81
N ASP A 194 -20.80 9.19 12.03
CA ASP A 194 -21.25 8.80 13.37
C ASP A 194 -20.62 7.53 13.90
N LEU A 195 -20.18 7.56 15.17
CA LEU A 195 -19.67 6.39 15.90
C LEU A 195 -20.66 6.10 17.05
N ASP A 196 -20.40 5.06 17.84
CA ASP A 196 -21.27 4.75 18.98
C ASP A 196 -21.08 5.77 20.10
N PRO A 197 -22.17 6.06 20.82
CA PRO A 197 -22.05 6.99 21.94
C PRO A 197 -21.24 6.40 23.09
N ILE A 198 -20.67 7.29 23.93
CA ILE A 198 -19.86 6.86 25.05
C ILE A 198 -20.51 7.34 26.35
N THR A 199 -20.40 6.52 27.39
CA THR A 199 -20.95 6.79 28.71
C THR A 199 -19.82 6.66 29.67
N PHE A 200 -19.68 7.58 30.62
CA PHE A 200 -18.64 7.50 31.63
C PHE A 200 -19.16 7.91 33.00
N ASP A 201 -18.52 7.41 34.07
CA ASP A 201 -18.79 7.81 35.45
C ASP A 201 -17.48 7.76 36.20
N ALA A 202 -17.19 8.77 37.01
CA ALA A 202 -15.96 8.87 37.78
C ALA A 202 -16.27 9.19 39.22
N GLN A 203 -15.42 8.68 40.14
CA GLN A 203 -15.46 8.93 41.57
C GLN A 203 -14.36 9.97 41.86
N LEU A 204 -14.70 11.07 42.53
CA LEU A 204 -13.74 12.12 42.86
C LEU A 204 -13.40 12.00 44.32
N GLY A 205 -12.11 11.85 44.62
CA GLY A 205 -11.67 11.63 45.98
C GLY A 205 -12.21 10.34 46.56
N GLY A 206 -12.57 10.36 47.82
CA GLY A 206 -13.15 9.21 48.48
C GLY A 206 -12.60 9.02 49.86
N GLY A 207 -13.30 8.27 50.70
CA GLY A 207 -12.81 7.96 52.03
C GLY A 207 -11.58 7.10 51.90
N LYS A 208 -10.41 7.68 52.22
CA LYS A 208 -9.09 7.09 52.02
C LYS A 208 -8.54 6.28 53.19
N LEU A 209 -8.22 4.99 52.93
CA LEU A 209 -7.62 4.06 53.90
C LEU A 209 -6.19 3.79 53.46
N THR A 210 -5.22 3.94 54.37
CA THR A 210 -3.83 3.60 54.07
C THR A 210 -3.42 2.63 55.15
N LEU A 211 -3.18 1.36 54.79
CA LEU A 211 -2.86 0.33 55.76
C LEU A 211 -1.75 -0.60 55.30
N LYS A 212 -1.02 -1.19 56.26
CA LYS A 212 0.01 -2.18 55.98
C LYS A 212 -0.26 -3.40 56.86
N PHE A 213 -0.33 -4.58 56.24
CA PHE A 213 -0.60 -5.84 56.89
C PHE A 213 0.60 -6.74 56.85
N ILE A 214 0.83 -7.48 57.93
CA ILE A 214 1.95 -8.41 58.02
C ILE A 214 1.43 -9.77 58.47
N CYS A 215 1.89 -10.85 57.83
CA CYS A 215 1.53 -12.18 58.29
C CYS A 215 2.50 -12.47 59.44
N THR A 216 1.97 -12.57 60.67
CA THR A 216 2.80 -12.78 61.85
C THR A 216 3.19 -14.25 62.10
N THR A 217 2.64 -15.18 61.31
CA THR A 217 2.88 -16.61 61.44
C THR A 217 3.82 -17.21 60.36
N GLY A 218 4.41 -16.36 59.53
CA GLY A 218 5.32 -16.78 58.48
C GLY A 218 4.75 -16.45 57.11
N LYS A 219 4.71 -17.46 56.21
CA LYS A 219 4.17 -17.29 54.88
C LYS A 219 2.64 -17.42 54.94
N LEU A 220 1.93 -16.50 54.28
CA LEU A 220 0.47 -16.54 54.22
C LEU A 220 0.06 -17.73 53.32
N PRO A 221 -0.81 -18.64 53.81
CA PRO A 221 -1.19 -19.82 53.01
C PRO A 221 -2.22 -19.60 51.90
N VAL A 222 -2.76 -18.38 51.80
CA VAL A 222 -3.70 -17.99 50.77
C VAL A 222 -3.19 -16.68 50.12
N PRO A 223 -3.64 -16.33 48.90
CA PRO A 223 -3.18 -15.06 48.31
C PRO A 223 -3.69 -13.85 49.09
N TRP A 224 -2.83 -12.83 49.25
CA TRP A 224 -3.20 -11.58 49.92
C TRP A 224 -4.49 -10.96 49.36
N PRO A 225 -4.71 -10.88 48.01
CA PRO A 225 -5.96 -10.30 47.51
C PRO A 225 -7.25 -10.95 48.04
N THR A 226 -7.22 -12.26 48.34
CA THR A 226 -8.41 -12.94 48.87
C THR A 226 -8.83 -12.45 50.25
N LEU A 227 -7.93 -11.77 50.98
CA LEU A 227 -8.21 -11.26 52.33
C LEU A 227 -8.57 -9.77 52.40
N VAL A 228 -8.46 -9.03 51.28
CA VAL A 228 -8.74 -7.61 51.28
C VAL A 228 -10.12 -7.25 51.88
N THR A 229 -11.20 -7.87 51.40
CA THR A 229 -12.53 -7.55 51.91
C THR A 229 -12.66 -7.85 53.40
N THR A 230 -11.96 -8.87 53.89
CA THR A 230 -12.07 -9.25 55.31
C THR A 230 -11.35 -8.23 56.17
N LEU A 231 -10.15 -7.84 55.74
CA LEU A 231 -9.28 -6.91 56.46
C LEU A 231 -9.83 -5.49 56.43
N VAL A 233 -13.48 -2.24 57.19
CA VAL A 233 -13.73 -1.05 58.00
C VAL A 233 -14.53 -0.02 57.18
N GLN A 234 -15.73 -0.42 56.75
CA GLN A 234 -16.60 0.37 55.88
C GLN A 234 -17.15 1.67 56.52
N CYS A 235 -16.87 1.89 57.81
CA CYS A 235 -17.19 3.14 58.47
C CYS A 235 -16.31 4.28 57.91
N PHE A 236 -15.21 3.97 57.16
CA PHE A 236 -14.36 4.97 56.53
C PHE A 236 -14.83 5.38 55.11
N SER A 237 -16.04 4.95 54.71
CA SER A 237 -16.60 5.35 53.44
C SER A 237 -17.00 6.82 53.48
N ARG A 238 -16.89 7.52 52.36
CA ARG A 238 -17.31 8.91 52.30
C ARG A 238 -18.76 8.95 51.88
N TYR A 239 -19.65 9.37 52.78
CA TYR A 239 -21.05 9.49 52.43
C TYR A 239 -21.31 10.91 52.04
N PRO A 240 -21.75 11.18 50.81
CA PRO A 240 -22.07 12.57 50.42
C PRO A 240 -23.09 13.20 51.37
N ASP A 241 -23.07 14.52 51.50
CA ASP A 241 -23.98 15.25 52.38
C ASP A 241 -25.46 14.82 52.26
N HIS A 242 -25.96 14.69 51.04
CA HIS A 242 -27.34 14.28 50.79
C HIS A 242 -27.65 12.80 51.14
N MET A 243 -26.64 12.00 51.45
CA MET A 243 -26.80 10.59 51.80
C MET A 243 -26.39 10.26 53.23
N LYS A 244 -26.07 11.25 54.07
CA LYS A 244 -25.56 10.99 55.41
C LYS A 244 -26.55 10.26 56.33
N GLN A 245 -27.85 10.36 56.03
CA GLN A 245 -28.86 9.65 56.81
C GLN A 245 -28.91 8.13 56.48
N HIS A 246 -28.04 7.66 55.56
CA HIS A 246 -27.96 6.27 55.15
C HIS A 246 -26.66 5.58 55.58
N ASP A 247 -25.86 6.23 56.45
CA ASP A 247 -24.59 5.67 56.91
C ASP A 247 -24.76 4.86 58.18
N PHE A 248 -25.05 3.58 58.03
CA PHE A 248 -25.22 2.68 59.16
C PHE A 248 -23.92 2.57 59.96
N PHE A 249 -22.81 2.39 59.25
CA PHE A 249 -21.50 2.11 59.81
C PHE A 249 -21.07 3.08 60.87
N LYS A 250 -21.10 4.39 60.56
CA LYS A 250 -20.71 5.40 61.54
C LYS A 250 -21.75 5.55 62.65
N SER A 251 -23.04 5.35 62.34
CA SER A 251 -24.11 5.47 63.35
C SER A 251 -23.99 4.44 64.48
N ALA A 252 -23.34 3.30 64.21
CA ALA A 252 -23.13 2.27 65.22
C ALA A 252 -21.93 2.57 66.15
N MET A 253 -21.13 3.60 65.84
CA MET A 253 -19.94 3.97 66.60
C MET A 253 -20.25 4.88 67.79
N PRO A 254 -19.45 4.80 68.88
CA PRO A 254 -18.21 4.01 69.03
C PRO A 254 -18.35 2.56 69.48
N GLU A 255 -19.54 2.14 69.95
CA GLU A 255 -19.80 0.77 70.40
C GLU A 255 -19.46 -0.26 69.32
N GLY A 256 -19.72 0.09 68.08
CA GLY A 256 -19.36 -0.73 66.94
C GLY A 256 -20.41 -1.69 66.39
N TYR A 257 -19.96 -2.55 65.48
CA TYR A 257 -20.84 -3.52 64.88
C TYR A 257 -20.12 -4.85 64.66
N VAL A 258 -20.91 -5.90 64.50
CA VAL A 258 -20.43 -7.21 64.15
C VAL A 258 -20.63 -7.34 62.64
N GLN A 259 -19.58 -7.72 61.92
CA GLN A 259 -19.66 -7.94 60.48
C GLN A 259 -19.39 -9.41 60.20
N GLU A 260 -20.38 -10.09 59.60
CA GLU A 260 -20.25 -11.51 59.25
C GLU A 260 -20.34 -11.72 57.76
N ARG A 261 -19.54 -12.63 57.22
CA ARG A 261 -19.56 -12.92 55.80
C ARG A 261 -19.42 -14.40 55.49
N THR A 262 -19.86 -14.77 54.28
CA THR A 262 -19.66 -16.04 53.65
C THR A 262 -19.21 -15.65 52.24
N ILE A 263 -17.98 -16.02 51.90
CA ILE A 263 -17.39 -15.72 50.61
C ILE A 263 -17.21 -17.03 49.87
N PHE A 264 -17.95 -17.23 48.79
CA PHE A 264 -17.86 -18.45 48.01
C PHE A 264 -16.95 -18.20 46.82
N PHE A 265 -15.82 -18.91 46.74
CA PHE A 265 -14.93 -18.80 45.59
C PHE A 265 -15.47 -19.77 44.55
N LYS A 266 -15.79 -19.27 43.35
CA LYS A 266 -16.37 -20.10 42.29
C LYS A 266 -15.49 -21.27 41.96
N ASP A 267 -16.07 -22.48 41.86
CA ASP A 267 -15.31 -23.69 41.58
C ASP A 267 -14.22 -24.01 42.62
N ASP A 268 -14.33 -23.44 43.83
CA ASP A 268 -13.36 -23.67 44.90
C ASP A 268 -14.06 -23.60 46.29
N GLY A 269 -13.30 -23.46 47.36
CA GLY A 269 -13.85 -23.40 48.71
C GLY A 269 -14.48 -22.08 49.12
N ASN A 270 -14.75 -21.94 50.41
CA ASN A 270 -15.39 -20.74 50.93
C ASN A 270 -14.76 -20.26 52.23
N TYR A 271 -14.86 -18.94 52.49
CA TYR A 271 -14.44 -18.35 53.75
C TYR A 271 -15.72 -18.00 54.53
N LYS A 272 -15.67 -18.13 55.84
CA LYS A 272 -16.72 -17.65 56.73
C LYS A 272 -16.01 -16.80 57.74
N THR A 273 -16.41 -15.53 57.86
CA THR A 273 -15.75 -14.60 58.76
C THR A 273 -16.70 -13.97 59.76
N ARG A 274 -16.19 -13.67 60.95
CA ARG A 274 -16.90 -12.94 61.98
C ARG A 274 -15.94 -11.89 62.49
N ALA A 275 -16.34 -10.63 62.44
CA ALA A 275 -15.50 -9.54 62.91
C ALA A 275 -16.25 -8.58 63.80
N GLU A 276 -15.52 -7.90 64.68
CA GLU A 276 -16.08 -6.85 65.50
C GLU A 276 -15.28 -5.59 65.19
N VAL A 277 -15.99 -4.54 64.75
CA VAL A 277 -15.40 -3.27 64.37
C VAL A 277 -15.89 -2.24 65.35
N LYS A 278 -15.01 -1.72 66.20
CA LYS A 278 -15.37 -0.75 67.22
C LYS A 278 -14.17 0.11 67.62
N PHE A 279 -14.40 1.18 68.40
CA PHE A 279 -13.30 2.00 68.89
C PHE A 279 -12.80 1.42 70.18
N GLU A 280 -11.48 1.37 70.30
CA GLU A 280 -10.78 0.99 71.50
C GLU A 280 -9.92 2.21 71.79
N GLY A 281 -10.46 3.11 72.62
CA GLY A 281 -9.85 4.39 72.90
C GLY A 281 -9.99 5.25 71.64
N ASP A 282 -8.87 5.82 71.17
CA ASP A 282 -8.90 6.65 69.96
C ASP A 282 -8.76 5.87 68.64
N THR A 283 -8.52 4.57 68.73
CA THR A 283 -8.25 3.71 67.59
C THR A 283 -9.43 2.88 67.14
N LEU A 284 -9.67 2.85 65.82
CA LEU A 284 -10.70 2.00 65.27
C LEU A 284 -10.08 0.61 65.05
N VAL A 285 -10.63 -0.41 65.71
CA VAL A 285 -10.12 -1.77 65.67
C VAL A 285 -11.05 -2.74 64.95
N ASN A 286 -10.49 -3.56 64.03
CA ASN A 286 -11.21 -4.60 63.31
C ASN A 286 -10.59 -5.93 63.73
N ARG A 287 -11.29 -6.71 64.57
CA ARG A 287 -10.80 -8.01 65.03
C ARG A 287 -11.60 -9.10 64.34
N ILE A 288 -10.93 -9.97 63.55
CA ILE A 288 -11.58 -10.98 62.73
C ILE A 288 -11.18 -12.42 63.05
N GLU A 289 -12.14 -13.31 62.85
CA GLU A 289 -11.98 -14.76 62.90
C GLU A 289 -12.37 -15.25 61.51
N LEU A 290 -11.49 -15.99 60.82
CA LEU A 290 -11.77 -16.49 59.48
C LEU A 290 -11.62 -18.01 59.43
N LYS A 291 -12.57 -18.70 58.79
CA LYS A 291 -12.53 -20.16 58.62
C LYS A 291 -12.76 -20.47 57.14
N GLY A 292 -11.80 -21.13 56.50
CA GLY A 292 -11.89 -21.54 55.10
C GLY A 292 -11.93 -23.04 54.98
N ILE A 293 -12.87 -23.57 54.19
CA ILE A 293 -13.02 -25.00 53.97
C ILE A 293 -13.27 -25.32 52.49
N ASP A 294 -13.05 -26.59 52.09
CA ASP A 294 -13.30 -27.13 50.76
C ASP A 294 -12.45 -26.57 49.64
N PHE A 295 -11.29 -26.03 49.97
CA PHE A 295 -10.39 -25.50 48.95
C PHE A 295 -9.65 -26.61 48.25
N LYS A 296 -9.40 -26.45 46.96
CA LYS A 296 -8.66 -27.42 46.17
C LYS A 296 -7.17 -27.19 46.41
N GLU A 297 -6.40 -28.26 46.63
CA GLU A 297 -4.98 -28.12 46.90
C GLU A 297 -4.24 -27.40 45.77
N ASP A 298 -4.64 -27.68 44.51
CA ASP A 298 -4.02 -26.99 43.38
C ASP A 298 -4.96 -25.99 42.68
N GLY A 299 -5.88 -25.41 43.43
CA GLY A 299 -6.76 -24.39 42.91
C GLY A 299 -6.07 -23.04 42.90
N ASN A 300 -6.81 -21.98 42.53
CA ASN A 300 -6.22 -20.64 42.45
C ASN A 300 -5.86 -20.05 43.81
N ILE A 301 -6.52 -20.50 44.88
CA ILE A 301 -6.29 -19.98 46.22
C ILE A 301 -5.11 -20.70 46.89
N LEU A 302 -5.23 -22.01 47.19
CA LEU A 302 -4.13 -22.75 47.80
C LEU A 302 -2.92 -22.91 46.88
N GLY A 303 -3.14 -22.83 45.57
CA GLY A 303 -2.06 -22.90 44.60
C GLY A 303 -1.42 -21.56 44.27
N HIS A 304 -1.88 -20.47 44.93
CA HIS A 304 -1.38 -19.10 44.72
C HIS A 304 -1.26 -18.72 43.25
N LYS A 305 -2.38 -18.79 42.52
CA LYS A 305 -2.40 -18.48 41.09
C LYS A 305 -3.08 -17.12 40.79
N LEU A 306 -3.30 -16.30 41.81
CA LEU A 306 -3.95 -15.01 41.63
C LEU A 306 -2.94 -13.90 41.53
N GLU A 307 -3.16 -12.97 40.58
CA GLU A 307 -2.29 -11.81 40.41
C GLU A 307 -2.36 -10.92 41.67
N TYR A 308 -1.25 -10.22 41.98
CA TYR A 308 -1.20 -9.31 43.13
C TYR A 308 -1.72 -7.95 42.68
N ASN A 309 -3.02 -7.84 42.57
CA ASN A 309 -3.72 -6.63 42.16
C ASN A 309 -5.18 -6.69 42.62
N TYR A 310 -5.94 -5.61 42.39
CA TYR A 310 -7.32 -5.57 42.84
C TYR A 310 -8.16 -4.70 41.94
N ASN A 311 -9.38 -5.16 41.67
CA ASN A 311 -10.28 -4.40 40.80
C ASN A 311 -11.18 -3.47 41.63
N SER A 312 -11.94 -2.60 40.97
CA SER A 312 -12.85 -1.70 41.66
C SER A 312 -14.25 -2.29 41.58
N HIS A 313 -14.94 -2.36 42.72
CA HIS A 313 -16.25 -2.96 42.78
C HIS A 313 -17.31 -2.06 43.39
N ASN A 314 -18.57 -2.45 43.21
CA ASN A 314 -19.69 -1.79 43.81
C ASN A 314 -20.24 -2.73 44.88
N VAL A 315 -20.35 -2.23 46.10
CA VAL A 315 -20.81 -3.00 47.25
C VAL A 315 -22.24 -2.60 47.52
N TYR A 316 -23.21 -3.50 47.31
CA TYR A 316 -24.62 -3.16 47.42
C TYR A 316 -25.17 -3.36 48.82
N ILE A 317 -25.74 -2.29 49.40
CA ILE A 317 -26.27 -2.27 50.76
C ILE A 317 -27.77 -2.15 50.79
N MET A 318 -28.41 -2.94 51.66
CA MET A 318 -29.86 -2.91 51.91
C MET A 318 -30.08 -2.92 53.42
N ALA A 319 -31.21 -2.36 53.88
CA ALA A 319 -31.55 -2.42 55.29
C ALA A 319 -32.06 -3.82 55.63
N ASP A 320 -31.82 -4.26 56.86
CA ASP A 320 -32.31 -5.50 57.42
C ASP A 320 -32.96 -5.10 58.76
N LYS A 321 -34.20 -4.58 58.71
CA LYS A 321 -34.91 -4.03 59.86
C LYS A 321 -35.11 -4.99 61.04
N GLN A 322 -35.38 -6.28 60.75
CA GLN A 322 -35.60 -7.29 61.78
C GLN A 322 -34.35 -7.59 62.62
N LYS A 323 -33.15 -7.38 62.05
CA LYS A 323 -31.90 -7.57 62.81
C LYS A 323 -31.27 -6.22 63.23
N ASN A 324 -31.98 -5.09 63.00
CA ASN A 324 -31.52 -3.74 63.29
C ASN A 324 -30.18 -3.43 62.62
N GLY A 325 -29.99 -3.97 61.41
CA GLY A 325 -28.74 -3.77 60.70
C GLY A 325 -28.88 -3.71 59.19
N ILE A 326 -27.86 -4.17 58.49
CA ILE A 326 -27.83 -4.16 57.04
C ILE A 326 -27.42 -5.51 56.45
N LYS A 327 -27.82 -5.77 55.20
CA LYS A 327 -27.44 -6.94 54.42
C LYS A 327 -26.69 -6.39 53.20
N VAL A 328 -25.51 -6.94 52.92
CA VAL A 328 -24.63 -6.46 51.87
C VAL A 328 -24.24 -7.59 50.90
N ASN A 329 -24.23 -7.32 49.59
CA ASN A 329 -23.88 -8.32 48.58
C ASN A 329 -23.00 -7.70 47.51
N PHE A 330 -22.06 -8.47 47.01
CA PHE A 330 -21.18 -8.05 45.93
C PHE A 330 -20.34 -9.22 45.43
N LYS A 331 -19.84 -9.11 44.20
CA LYS A 331 -18.99 -10.14 43.60
C LYS A 331 -17.61 -9.54 43.35
N ILE A 332 -16.59 -10.12 43.95
CA ILE A 332 -15.22 -9.68 43.73
C ILE A 332 -14.64 -10.47 42.54
N ARG A 333 -13.92 -9.79 41.65
CA ARG A 333 -13.25 -10.41 40.51
C ARG A 333 -11.75 -10.42 40.75
N HIS A 334 -11.16 -11.59 41.01
CA HIS A 334 -9.72 -11.69 41.23
C HIS A 334 -9.06 -12.14 39.91
N ASN A 335 -8.10 -11.35 39.38
CA ASN A 335 -7.41 -11.73 38.16
C ASN A 335 -6.56 -12.96 38.41
N ILE A 336 -6.64 -13.95 37.51
CA ILE A 336 -5.82 -15.14 37.59
C ILE A 336 -4.60 -14.92 36.68
N GLU A 337 -3.45 -15.48 37.06
CA GLU A 337 -2.20 -15.34 36.34
C GLU A 337 -2.29 -15.80 34.87
N ASP A 338 -3.25 -16.70 34.54
CA ASP A 338 -3.40 -17.16 33.16
C ASP A 338 -4.24 -16.25 32.26
N GLY A 339 -4.73 -15.15 32.79
CA GLY A 339 -5.57 -14.23 32.03
C GLY A 339 -7.06 -14.34 32.34
N SER A 340 -7.46 -15.36 33.13
CA SER A 340 -8.86 -15.53 33.48
C SER A 340 -9.20 -14.79 34.79
N VAL A 341 -10.42 -15.02 35.33
CA VAL A 341 -10.92 -14.37 36.52
C VAL A 341 -11.50 -15.41 37.49
N GLN A 342 -11.17 -15.27 38.77
CA GLN A 342 -11.67 -16.10 39.86
C GLN A 342 -12.70 -15.25 40.60
N LEU A 343 -13.97 -15.65 40.55
CA LEU A 343 -15.04 -14.91 41.21
C LEU A 343 -15.14 -15.31 42.66
N ALA A 344 -15.36 -14.32 43.52
CA ALA A 344 -15.56 -14.54 44.95
C ALA A 344 -16.85 -13.86 45.34
N ASP A 345 -17.92 -14.64 45.49
CA ASP A 345 -19.26 -14.17 45.81
C ASP A 345 -19.39 -13.85 47.29
N HIS A 346 -19.64 -12.59 47.62
CA HIS A 346 -19.73 -12.11 49.00
C HIS A 346 -21.16 -11.91 49.48
N TYR A 347 -21.46 -12.47 50.65
CA TYR A 347 -22.73 -12.39 51.39
C TYR A 347 -22.36 -11.82 52.76
N GLN A 348 -22.95 -10.69 53.14
CA GLN A 348 -22.56 -10.00 54.36
C GLN A 348 -23.72 -9.51 55.20
N GLN A 349 -23.53 -9.49 56.52
CA GLN A 349 -24.48 -8.97 57.48
C GLN A 349 -23.78 -8.14 58.55
N ASN A 350 -24.34 -6.98 58.88
CA ASN A 350 -23.78 -6.13 59.94
C ASN A 350 -24.87 -5.83 60.93
N THR A 351 -24.59 -6.05 62.21
CA THR A 351 -25.55 -5.77 63.28
C THR A 351 -24.83 -4.97 64.37
N PRO A 352 -25.51 -3.98 64.95
CA PRO A 352 -24.83 -3.16 65.99
C PRO A 352 -24.51 -3.92 67.27
N ILE A 353 -23.41 -3.54 67.92
CA ILE A 353 -23.00 -4.12 69.19
C ILE A 353 -23.78 -3.46 70.32
N GLY A 354 -23.88 -2.13 70.27
CA GLY A 354 -24.60 -1.37 71.28
C GLY A 354 -26.10 -1.50 71.19
N ASP A 355 -26.78 -0.96 72.19
CA ASP A 355 -28.25 -0.99 72.23
C ASP A 355 -28.88 0.30 71.66
N GLY A 356 -28.07 1.26 71.21
CA GLY A 356 -28.56 2.53 70.73
C GLY A 356 -29.13 2.48 69.33
N PRO A 357 -29.80 3.57 68.92
CA PRO A 357 -30.38 3.60 67.57
C PRO A 357 -29.33 3.76 66.48
N VAL A 358 -29.56 3.08 65.36
CA VAL A 358 -28.69 3.14 64.20
C VAL A 358 -29.48 3.59 62.97
N LEU A 359 -28.77 4.01 61.91
CA LEU A 359 -29.40 4.43 60.68
C LEU A 359 -29.63 3.20 59.78
N LEU A 360 -30.90 2.90 59.49
CA LEU A 360 -31.24 1.79 58.60
C LEU A 360 -31.44 2.43 57.23
N PRO A 361 -30.52 2.13 56.30
CA PRO A 361 -30.52 2.87 55.03
C PRO A 361 -31.43 2.42 53.92
N ASP A 362 -31.69 3.33 52.99
CA ASP A 362 -32.35 2.99 51.75
C ASP A 362 -31.29 2.26 50.92
N ASN A 363 -31.72 1.48 49.91
CA ASN A 363 -30.80 0.78 49.03
C ASN A 363 -29.84 1.74 48.35
N HIS A 364 -28.54 1.46 48.47
CA HIS A 364 -27.47 2.25 47.87
C HIS A 364 -26.23 1.36 47.72
N TYR A 365 -25.12 1.92 47.23
CA TYR A 365 -23.90 1.17 47.09
C TYR A 365 -22.66 1.98 47.45
N LEU A 366 -21.55 1.29 47.70
CA LEU A 366 -20.27 1.92 47.96
C LEU A 366 -19.39 1.60 46.78
N SER A 367 -18.82 2.62 46.18
CA SER A 367 -17.93 2.49 45.05
C SER A 367 -16.53 2.38 45.65
N THR A 368 -15.93 1.18 45.60
CA THR A 368 -14.62 0.96 46.20
C THR A 368 -13.51 0.83 45.17
N GLN A 369 -12.34 1.31 45.52
CA GLN A 369 -11.15 1.22 44.69
C GLN A 369 -10.04 0.79 45.62
N SER A 370 -9.22 -0.22 45.23
CA SER A 370 -8.11 -0.66 46.04
C SER A 370 -6.86 -0.83 45.20
N ALA A 371 -5.70 -0.49 45.77
CA ALA A 371 -4.41 -0.65 45.10
C ALA A 371 -3.50 -1.38 46.06
N LEU A 372 -2.91 -2.48 45.58
CA LEU A 372 -2.01 -3.27 46.40
C LEU A 372 -0.58 -3.03 46.01
N SER A 373 0.30 -2.94 47.00
CA SER A 373 1.72 -2.70 46.76
C SER A 373 2.59 -3.40 47.84
N LYS A 374 3.91 -3.29 47.70
CA LYS A 374 4.84 -3.86 48.66
C LYS A 374 5.79 -2.76 49.18
N ASP A 375 6.23 -2.92 50.42
CA ASP A 375 7.18 -2.05 51.06
C ASP A 375 8.54 -2.67 50.70
N PRO A 376 9.38 -1.91 49.97
CA PRO A 376 10.67 -2.46 49.54
C PRO A 376 11.61 -2.82 50.68
N ASN A 377 11.37 -2.28 51.88
CA ASN A 377 12.21 -2.58 53.03
C ASN A 377 11.62 -3.61 54.00
N GLU A 378 10.47 -4.19 53.65
CA GLU A 378 9.83 -5.17 54.49
C GLU A 378 10.17 -6.59 54.03
N LYS A 379 10.87 -7.35 54.90
CA LYS A 379 11.26 -8.72 54.60
C LYS A 379 10.17 -9.75 54.95
N ARG A 380 9.21 -9.40 55.83
CA ARG A 380 8.12 -10.33 56.17
C ARG A 380 7.08 -10.39 55.05
N ASP A 381 6.22 -11.43 55.04
CA ASP A 381 5.14 -11.55 54.04
C ASP A 381 4.13 -10.49 54.42
N HIS A 382 3.85 -9.56 53.50
CA HIS A 382 3.02 -8.41 53.81
C HIS A 382 2.20 -7.86 52.65
N MET A 383 1.32 -6.89 52.92
CA MET A 383 0.53 -6.23 51.90
C MET A 383 0.33 -4.77 52.29
N VAL A 384 0.61 -3.85 51.38
CA VAL A 384 0.34 -2.44 51.57
C VAL A 384 -0.91 -2.17 50.74
N LEU A 385 -1.91 -1.56 51.35
CA LEU A 385 -3.18 -1.32 50.71
C LEU A 385 -3.58 0.15 50.83
N LYS A 386 -4.03 0.72 49.71
CA LYS A 386 -4.55 2.08 49.62
C LYS A 386 -5.94 1.95 49.01
N GLU A 387 -6.97 2.43 49.71
CA GLU A 387 -8.35 2.34 49.25
C GLU A 387 -9.06 3.70 49.24
N PHE A 388 -10.05 3.85 48.34
CA PHE A 388 -10.88 5.04 48.23
C PHE A 388 -12.31 4.58 48.07
N VAL A 389 -13.19 4.96 49.02
CA VAL A 389 -14.58 4.50 48.99
C VAL A 389 -15.57 5.64 49.08
N THR A 390 -16.55 5.68 48.17
CA THR A 390 -17.58 6.72 48.18
C THR A 390 -18.96 6.09 48.07
N ALA A 391 -19.91 6.53 48.90
CA ALA A 391 -21.28 6.05 48.78
C ALA A 391 -21.98 6.75 47.61
N ALA A 392 -22.86 6.02 46.92
CA ALA A 392 -23.58 6.51 45.75
C ALA A 392 -24.91 5.71 45.57
N GLY A 393 -25.74 6.07 44.58
CA GLY A 393 -26.96 5.33 44.30
C GLY A 393 -28.25 5.99 44.73
N ILE A 394 -28.16 7.07 45.52
CA ILE A 394 -29.33 7.81 45.95
C ILE A 394 -29.21 9.21 45.31
N THR A 395 -30.19 9.58 44.47
CA THR A 395 -30.14 10.87 43.76
C THR A 395 -30.49 12.04 44.70
N MET B 1 7.50 21.28 -2.99
CA MET B 1 8.31 20.72 -1.91
C MET B 1 9.77 20.54 -2.32
N SER B 2 10.70 20.46 -1.35
CA SER B 2 12.11 20.21 -1.67
C SER B 2 12.29 18.74 -2.10
N LYS B 3 13.39 18.43 -2.81
CA LYS B 3 13.63 17.05 -3.24
C LYS B 3 13.94 16.17 -2.02
N GLY B 4 14.70 16.69 -1.05
CA GLY B 4 15.04 15.96 0.16
C GLY B 4 13.86 15.77 1.10
N GLU B 5 13.08 16.85 1.30
CA GLU B 5 11.88 16.86 2.15
C GLU B 5 10.85 15.82 1.71
N GLU B 6 10.66 15.68 0.38
CA GLU B 6 9.71 14.74 -0.20
C GLU B 6 9.98 13.29 0.17
N LEU B 7 11.22 12.94 0.46
CA LEU B 7 11.57 11.58 0.84
C LEU B 7 11.06 11.19 2.22
N PHE B 8 10.67 12.17 3.05
CA PHE B 8 10.27 11.92 4.44
C PHE B 8 8.80 12.16 4.75
N THR B 9 7.96 12.37 3.73
CA THR B 9 6.54 12.64 3.90
C THR B 9 5.75 11.45 4.48
N GLY B 10 6.28 10.24 4.35
CA GLY B 10 5.64 9.04 4.86
C GLY B 10 6.53 8.27 5.81
N VAL B 11 6.17 7.00 6.04
CA VAL B 11 6.96 6.13 6.89
C VAL B 11 8.12 5.55 6.07
N VAL B 12 9.35 5.74 6.55
CA VAL B 12 10.55 5.29 5.86
C VAL B 12 11.25 4.18 6.63
N PRO B 13 11.58 3.05 5.98
CA PRO B 13 12.30 2.00 6.70
C PRO B 13 13.73 2.42 7.05
N ILE B 14 14.22 1.96 8.19
CA ILE B 14 15.56 2.29 8.68
C ILE B 14 16.37 1.03 8.95
N LEU B 15 17.67 1.10 8.65
CA LEU B 15 18.63 0.04 8.93
C LEU B 15 19.84 0.69 9.56
N VAL B 16 20.28 0.18 10.71
CA VAL B 16 21.43 0.74 11.41
C VAL B 16 22.48 -0.37 11.56
N GLU B 17 23.74 -0.08 11.24
CA GLU B 17 24.81 -1.05 11.39
C GLU B 17 25.98 -0.38 12.07
N LEU B 18 26.41 -0.86 13.24
CA LEU B 18 27.52 -0.26 13.97
C LEU B 18 28.58 -1.27 14.32
N ASP B 19 29.84 -0.93 14.06
CA ASP B 19 30.98 -1.74 14.46
C ASP B 19 31.75 -0.91 15.49
N GLY B 20 31.95 -1.47 16.68
CA GLY B 20 32.62 -0.77 17.76
C GLY B 20 33.80 -1.47 18.37
N ASP B 21 34.65 -0.69 19.04
CA ASP B 21 35.81 -1.18 19.76
C ASP B 21 35.96 -0.26 20.93
N VAL B 22 35.58 -0.71 22.14
CA VAL B 22 35.73 0.11 23.34
C VAL B 22 36.73 -0.57 24.25
N ASN B 23 37.90 0.05 24.47
CA ASN B 23 38.97 -0.51 25.28
C ASN B 23 39.40 -1.89 24.81
N GLY B 24 39.39 -2.12 23.50
CA GLY B 24 39.77 -3.41 22.95
C GLY B 24 38.65 -4.43 22.88
N HIS B 25 37.47 -4.09 23.43
CA HIS B 25 36.29 -4.96 23.40
C HIS B 25 35.56 -4.66 22.12
N LYS B 26 35.64 -5.57 21.15
CA LYS B 26 34.98 -5.38 19.85
C LYS B 26 33.58 -5.93 19.87
N PHE B 27 32.67 -5.24 19.21
CA PHE B 27 31.26 -5.64 19.17
C PHE B 27 30.57 -5.07 17.93
N SER B 28 29.41 -5.62 17.58
CA SER B 28 28.62 -5.12 16.46
C SER B 28 27.16 -5.05 16.86
N VAL B 29 26.45 -4.03 16.36
CA VAL B 29 25.03 -3.82 16.63
C VAL B 29 24.30 -3.62 15.32
N SER B 30 23.19 -4.33 15.12
CA SER B 30 22.35 -4.16 13.94
C SER B 30 21.00 -3.67 14.43
N GLY B 31 20.38 -2.77 13.69
CA GLY B 31 19.08 -2.23 14.05
C GLY B 31 18.16 -2.15 12.87
N GLU B 32 16.87 -2.30 13.13
CA GLU B 32 15.81 -2.25 12.13
C GLU B 32 14.65 -1.45 12.70
N GLY B 33 13.85 -0.86 11.83
CA GLY B 33 12.69 -0.12 12.25
C GLY B 33 12.23 0.86 11.21
N GLU B 34 11.59 1.95 11.65
CA GLU B 34 11.07 2.95 10.74
C GLU B 34 10.97 4.32 11.35
N GLY B 35 10.91 5.32 10.49
CA GLY B 35 10.81 6.71 10.92
C GLY B 35 9.67 7.42 10.21
N ASP B 36 8.99 8.29 10.95
CA ASP B 36 7.87 9.08 10.44
C ASP B 36 8.14 10.55 10.84
N ALA B 37 8.91 11.28 10.02
CA ALA B 37 9.26 12.69 10.27
C ALA B 37 8.07 13.66 10.28
N THR B 38 6.91 13.21 9.82
CA THR B 38 5.72 14.02 9.77
C THR B 38 4.68 13.65 10.86
N TYR B 39 5.03 12.72 11.77
CA TYR B 39 4.14 12.27 12.82
C TYR B 39 3.60 13.46 13.65
N GLY B 40 2.32 13.42 13.93
CA GLY B 40 1.67 14.44 14.73
C GLY B 40 1.25 13.89 16.07
N GLY B 41 0.10 13.23 16.09
CA GLY B 41 -0.40 12.63 17.32
C GLY B 41 -0.98 13.66 18.28
N SER B 42 -1.54 13.17 19.36
CA SER B 42 -2.14 14.01 20.38
C SER B 42 -1.47 13.92 21.74
N GLY B 43 -0.57 12.96 21.93
CA GLY B 43 0.14 12.80 23.19
C GLY B 43 1.20 13.85 23.39
N VAL B 44 1.25 14.46 24.59
CA VAL B 44 2.20 15.49 24.96
C VAL B 44 3.54 14.80 25.25
N THR B 45 4.60 15.27 24.60
CA THR B 45 5.97 14.73 24.74
C THR B 45 6.89 15.65 25.53
N GLN B 46 6.54 16.94 25.61
CA GLN B 46 7.27 17.99 26.34
C GLN B 46 6.32 19.16 26.52
N ALA B 47 6.37 19.82 27.68
CA ALA B 47 5.50 20.94 27.99
C ALA B 47 6.13 21.79 29.07
N HIS B 48 5.77 23.06 29.11
CA HIS B 48 6.31 23.99 30.11
C HIS B 48 5.25 24.95 30.56
N ALA B 49 5.31 25.37 31.81
CA ALA B 49 4.39 26.35 32.35
C ALA B 49 5.13 27.27 33.31
N ALA B 50 4.71 28.55 33.40
CA ALA B 50 5.27 29.57 34.31
C ALA B 50 4.13 30.13 35.16
N TRP B 51 4.33 30.26 36.48
CA TRP B 51 3.29 30.75 37.38
C TRP B 51 3.94 31.18 38.68
N GLY B 52 3.75 32.44 39.09
CA GLY B 52 4.36 32.93 40.31
C GLY B 52 3.56 32.67 41.58
N LEU B 53 2.48 31.89 41.50
CA LEU B 53 1.55 31.62 42.60
C LEU B 53 0.73 32.90 42.85
N LYS B 54 1.28 33.85 43.61
CA LYS B 54 0.72 35.17 43.85
C LYS B 54 1.89 36.09 44.26
N LYS B 55 2.03 37.30 43.65
CA LYS B 55 3.14 38.20 43.96
C LYS B 55 3.32 38.47 45.44
N SER B 56 2.23 38.82 46.15
CA SER B 56 2.36 39.14 47.58
C SER B 56 2.60 37.91 48.45
N PHE B 57 2.32 36.70 47.95
CA PHE B 57 2.60 35.48 48.71
C PHE B 57 4.10 35.24 48.77
N GLN B 58 4.82 35.50 47.65
CA GLN B 58 6.28 35.37 47.61
C GLN B 58 6.92 36.37 48.59
N SER B 59 6.41 37.62 48.59
CA SER B 59 6.93 38.65 49.46
C SER B 59 6.62 38.33 50.93
N TYR B 60 5.47 37.69 51.21
CA TYR B 60 5.07 37.28 52.56
C TYR B 60 5.96 36.12 53.05
N ILE B 61 6.09 35.04 52.27
CA ILE B 61 6.92 33.89 52.62
C ILE B 61 8.36 34.32 52.91
N THR B 62 8.90 35.25 52.12
CA THR B 62 10.26 35.76 52.30
C THR B 62 10.34 37.04 53.16
N GLY B 63 9.22 37.51 53.68
CA GLY B 63 9.14 38.73 54.49
C GLY B 63 9.49 38.53 55.95
N SER B 64 9.56 39.65 56.69
CA SER B 64 9.92 39.64 58.12
C SER B 64 8.84 39.11 59.06
N ILE B 65 7.69 38.71 58.54
CA ILE B 65 6.61 38.18 59.36
C ILE B 65 6.68 36.67 59.34
N ALA B 66 6.66 36.08 58.14
CA ALA B 66 6.74 34.63 58.03
C ALA B 66 8.16 34.14 58.21
N LYS B 67 9.19 34.95 57.84
CA LYS B 67 10.62 34.63 57.97
C LYS B 67 10.91 33.23 57.42
N GLY B 68 10.37 32.97 56.23
CA GLY B 68 10.45 31.66 55.59
C GLY B 68 11.19 31.59 54.28
N GLN B 69 10.90 30.55 53.53
CA GLN B 69 11.60 30.28 52.28
C GLN B 69 10.81 29.28 51.41
N TRP B 70 11.31 29.00 50.20
CA TRP B 70 10.74 27.96 49.37
C TRP B 70 11.83 27.02 48.89
N ASN B 71 11.48 25.74 48.73
CA ASN B 71 12.40 24.71 48.23
C ASN B 71 11.73 24.03 47.04
N LEU B 72 12.36 24.13 45.89
CA LEU B 72 11.79 23.59 44.66
C LEU B 72 12.48 22.28 44.26
N ASP B 73 11.69 21.27 43.90
CA ASP B 73 12.19 19.95 43.49
C ASP B 73 11.59 19.65 42.14
N GLY B 74 12.33 19.90 41.07
CA GLY B 74 11.80 19.72 39.72
C GLY B 74 11.12 20.96 39.15
N VAL B 75 11.04 22.02 39.97
CA VAL B 75 10.48 23.33 39.67
C VAL B 75 11.65 24.32 39.59
N GLY B 76 11.57 25.24 38.66
CA GLY B 76 12.57 26.30 38.54
C GLY B 76 12.02 27.63 39.01
N TYR B 77 12.75 28.70 38.75
CA TYR B 77 12.30 30.04 39.12
C TYR B 77 13.00 31.07 38.24
N SER B 78 12.21 31.80 37.45
CA SER B 78 12.77 32.83 36.58
C SER B 78 11.74 33.94 36.36
N ASN B 79 12.21 35.20 36.44
CA ASN B 79 11.41 36.40 36.25
C ASN B 79 10.19 36.44 37.19
N GLY B 80 10.44 36.12 38.46
CA GLY B 80 9.43 36.14 39.51
C GLY B 80 8.37 35.06 39.43
N GLU B 81 8.65 34.00 38.63
CA GLU B 81 7.72 32.90 38.41
C GLU B 81 8.33 31.53 38.62
N PHE B 82 7.52 30.59 39.12
CA PHE B 82 7.92 29.19 39.27
C PHE B 82 7.69 28.51 37.92
N THR B 83 8.74 27.88 37.37
CA THR B 83 8.64 27.23 36.07
C THR B 83 8.55 25.71 36.22
N PHE B 84 7.63 25.11 35.45
CA PHE B 84 7.35 23.69 35.49
C PHE B 84 7.61 23.03 34.15
N SER B 85 7.90 21.74 34.20
CA SER B 85 8.13 20.93 33.01
C SER B 85 7.54 19.54 33.26
N GLY B 86 6.91 19.03 32.24
CA GLY B 86 6.30 17.71 32.28
C GLY B 86 6.35 17.07 30.91
N ALA B 87 5.94 15.81 30.84
CA ALA B 87 5.94 15.12 29.56
C ALA B 87 4.76 14.15 29.43
N SER B 88 3.60 14.53 30.02
CA SER B 88 2.40 13.71 29.97
C SER B 88 1.17 14.54 29.62
N GLY B 89 0.20 13.92 28.98
CA GLY B 89 -1.03 14.60 28.59
C GLY B 89 -1.47 14.28 27.18
N ALA B 90 -2.56 14.94 26.74
CA ALA B 90 -3.15 14.80 25.40
C ALA B 90 -3.90 16.07 25.03
N VAL B 91 -3.69 16.58 23.82
CA VAL B 91 -4.36 17.79 23.36
C VAL B 91 -4.98 17.49 22.01
N ASP B 92 -6.20 17.98 21.74
CA ASP B 92 -6.84 17.95 20.42
C ASP B 92 -6.66 19.40 19.99
N PRO B 93 -5.55 19.77 19.32
CA PRO B 93 -5.30 21.19 19.03
C PRO B 93 -6.39 21.88 18.24
N GLN B 94 -6.94 21.18 17.28
CA GLN B 94 -8.01 21.69 16.41
C GLN B 94 -9.26 22.11 17.20
N ALA B 95 -9.49 21.50 18.39
CA ALA B 95 -10.62 21.83 19.25
C ALA B 95 -10.22 22.77 20.41
N LYS B 96 -8.94 23.26 20.44
CA LYS B 96 -8.36 24.08 21.51
C LYS B 96 -8.66 23.49 22.88
N SER B 97 -8.61 22.14 22.97
CA SER B 97 -8.97 21.44 24.19
C SER B 97 -8.04 20.25 24.49
N GLY B 98 -7.61 20.13 25.74
CA GLY B 98 -6.71 19.06 26.16
C GLY B 98 -6.24 19.18 27.60
N PHE B 99 -5.46 18.20 28.08
CA PHE B 99 -4.91 18.19 29.43
C PHE B 99 -3.39 18.03 29.42
N VAL B 100 -2.67 18.77 30.25
CA VAL B 100 -1.21 18.68 30.32
C VAL B 100 -0.79 18.45 31.75
N LYS B 101 -0.04 17.37 32.02
CA LYS B 101 0.40 17.04 33.36
C LYS B 101 1.88 17.39 33.53
N PHE B 102 2.22 18.11 34.60
CA PHE B 102 3.59 18.54 34.88
C PHE B 102 4.11 17.83 36.13
N GLY B 103 5.42 17.79 36.29
CA GLY B 103 6.01 17.25 37.51
C GLY B 103 6.44 18.35 38.48
N GLY B 104 7.18 17.96 39.51
CA GLY B 104 7.75 18.88 40.49
C GLY B 104 6.98 19.20 41.76
N THR B 105 7.72 19.61 42.81
CA THR B 105 7.17 20.04 44.11
C THR B 105 7.66 21.42 44.51
N MET B 106 6.76 22.25 45.03
CA MET B 106 7.05 23.56 45.58
C MET B 106 6.75 23.44 47.07
N ARG B 107 7.72 23.68 47.96
CA ARG B 107 7.42 23.65 49.39
C ARG B 107 7.75 24.97 50.06
N PHE B 108 6.71 25.69 50.49
CA PHE B 108 6.85 26.97 51.18
C PHE B 108 6.81 26.72 52.66
N SER B 109 7.86 27.14 53.35
CA SER B 109 8.02 27.02 54.79
C SER B 109 7.96 28.41 55.43
N GLY B 110 7.52 28.49 56.68
CA GLY B 110 7.43 29.75 57.39
C GLY B 110 6.99 29.60 58.83
N HIS B 111 7.02 30.69 59.59
CA HIS B 111 6.60 30.74 60.98
C HIS B 111 7.19 29.61 61.83
N HIS B 112 8.52 29.41 61.74
CA HIS B 112 9.23 28.37 62.48
C HIS B 112 8.68 26.96 62.25
N GLY B 113 8.25 26.66 61.03
CA GLY B 113 7.73 25.34 60.71
C GLY B 113 6.22 25.22 60.74
N ILE B 114 5.52 26.19 61.37
CA ILE B 114 4.06 26.20 61.44
C ILE B 114 3.46 26.19 60.04
N LEU B 115 4.08 26.93 59.13
CA LEU B 115 3.64 26.97 57.74
C LEU B 115 4.37 25.88 56.92
N ASP B 116 3.59 24.98 56.32
CA ASP B 116 4.13 23.91 55.48
C ASP B 116 3.22 23.77 54.27
N LEU B 117 3.35 24.67 53.29
CA LEU B 117 2.53 24.60 52.09
C LEU B 117 3.25 23.84 50.96
N ASN B 118 2.74 22.64 50.65
CA ASN B 118 3.27 21.77 49.62
C ASN B 118 2.36 21.72 48.39
N ILE B 119 2.83 22.21 47.24
CA ILE B 119 2.05 22.17 45.98
C ILE B 119 2.82 21.29 44.99
N SER B 120 2.26 20.15 44.54
CA SER B 120 2.98 19.22 43.67
C SER B 120 2.22 18.83 42.40
N ASN B 121 2.94 18.36 41.40
CA ASN B 121 2.45 17.88 40.11
C ASN B 121 1.27 18.66 39.54
N PRO B 122 1.48 19.94 39.20
CA PRO B 122 0.37 20.72 38.62
C PRO B 122 -0.12 20.16 37.27
N GLU B 123 -1.42 20.34 36.98
CA GLU B 123 -2.05 19.87 35.73
C GLU B 123 -2.97 20.96 35.23
N ILE B 124 -2.95 21.18 33.92
CA ILE B 124 -3.81 22.15 33.27
C ILE B 124 -4.79 21.45 32.33
N VAL B 125 -6.09 21.68 32.52
CA VAL B 125 -7.12 21.22 31.60
C VAL B 125 -7.62 22.49 30.92
N PHE B 126 -7.70 22.51 29.59
CA PHE B 126 -8.17 23.69 28.85
C PHE B 126 -9.20 23.33 27.80
N ASN B 127 -10.12 24.23 27.57
CA ASN B 127 -11.21 24.05 26.63
C ASN B 127 -11.62 25.49 26.14
N GLY B 128 -11.11 25.89 24.98
CA GLY B 128 -11.42 27.19 24.41
C GLY B 128 -10.89 28.39 25.16
N ALA B 129 -11.78 29.19 25.79
CA ALA B 129 -11.36 30.37 26.53
C ALA B 129 -11.15 30.15 28.03
N THR B 130 -11.45 28.95 28.57
CA THR B 130 -11.29 28.73 30.02
C THR B 130 -10.60 27.39 30.32
N GLY B 131 -10.14 27.23 31.56
CA GLY B 131 -9.52 26.00 32.03
C GLY B 131 -9.45 25.94 33.53
N THR B 132 -8.77 24.91 34.04
CA THR B 132 -8.57 24.76 35.49
C THR B 132 -7.15 24.31 35.72
N LEU B 133 -6.52 24.82 36.77
CA LEU B 133 -5.20 24.40 37.18
C LEU B 133 -5.42 23.57 38.45
N PHE B 134 -4.95 22.34 38.44
CA PHE B 134 -5.06 21.43 39.56
C PHE B 134 -3.66 21.17 40.11
N ALA B 135 -3.57 20.81 41.37
CA ALA B 135 -2.30 20.45 41.97
C ALA B 135 -2.54 19.57 43.17
N GLN B 136 -1.56 18.75 43.52
CA GLN B 136 -1.64 17.96 44.73
C GLN B 136 -1.29 18.95 45.84
N VAL B 137 -2.24 19.24 46.75
CA VAL B 137 -1.98 20.25 47.78
C VAL B 137 -1.98 19.66 49.20
N ARG B 138 -0.92 19.90 49.96
CA ARG B 138 -0.85 19.58 51.38
C ARG B 138 -0.51 20.89 52.07
N SER B 139 -1.20 21.23 53.17
CA SER B 139 -0.88 22.45 53.89
C SER B 139 -0.77 22.17 55.41
N SER B 140 -0.99 23.20 56.24
CA SER B 140 -0.97 23.15 57.69
C SER B 140 -1.87 24.27 58.21
N ASP B 141 -2.33 24.12 59.46
CA ASP B 141 -3.16 25.14 60.09
C ASP B 141 -2.32 26.10 60.96
N MET B 142 -2.95 27.11 61.55
CA MET B 142 -2.35 28.13 62.40
C MET B 142 -1.54 27.53 63.59
N GLU B 143 -1.76 26.24 63.92
CA GLU B 143 -1.02 25.53 64.99
C GLU B 143 -0.02 24.47 64.46
N GLY B 144 0.14 24.37 63.15
CA GLY B 144 1.09 23.45 62.53
C GLY B 144 0.51 22.12 62.07
N LYS B 145 -0.75 21.82 62.45
CA LYS B 145 -1.45 20.58 62.11
C LYS B 145 -1.63 20.44 60.59
N LYS B 146 -0.98 19.40 60.01
CA LYS B 146 -1.00 19.12 58.58
C LYS B 146 -2.35 18.65 58.09
N SER B 147 -2.61 18.92 56.81
CA SER B 147 -3.83 18.57 56.14
C SER B 147 -3.55 18.27 54.66
N ASP B 148 -4.12 17.18 54.14
CA ASP B 148 -3.93 16.78 52.75
C ASP B 148 -5.19 17.04 51.93
N TYR B 149 -5.11 18.02 51.05
CA TYR B 149 -6.21 18.36 50.15
C TYR B 149 -6.34 17.39 48.95
N GLY B 150 -5.33 16.54 48.75
CA GLY B 150 -5.28 15.63 47.62
C GLY B 150 -5.03 16.39 46.35
N ARG B 151 -5.47 15.86 45.21
CA ARG B 151 -5.43 16.54 43.92
C ARG B 151 -6.60 17.52 44.02
N VAL B 152 -6.31 18.81 44.06
CA VAL B 152 -7.35 19.81 44.26
C VAL B 152 -7.33 20.89 43.16
N ALA B 153 -8.51 21.43 42.80
CA ALA B 153 -8.59 22.49 41.80
C ALA B 153 -8.21 23.78 42.52
N ILE B 154 -7.11 24.42 42.10
CA ILE B 154 -6.65 25.63 42.75
C ILE B 154 -6.90 26.89 41.96
N GLY B 155 -6.86 26.84 40.64
CA GLY B 155 -7.05 28.05 39.85
C GLY B 155 -8.02 27.96 38.69
N ASN B 156 -8.90 28.96 38.58
CA ASN B 156 -9.86 29.09 37.51
C ASN B 156 -9.18 29.92 36.44
N LEU B 157 -8.93 29.33 35.28
CA LEU B 157 -8.24 30.02 34.19
C LEU B 157 -9.19 30.66 33.18
N THR B 158 -8.80 31.85 32.69
CA THR B 158 -9.50 32.61 31.65
C THR B 158 -8.42 33.05 30.69
N PHE B 159 -8.35 32.41 29.54
CA PHE B 159 -7.32 32.66 28.56
C PHE B 159 -7.43 33.97 27.80
N SER B 160 -6.38 34.82 27.93
CA SER B 160 -6.20 36.05 27.15
C SER B 160 -5.89 35.60 25.71
N SER B 161 -5.08 34.52 25.56
CA SER B 161 -4.74 33.92 24.28
C SER B 161 -4.63 32.39 24.43
N LEU B 162 -5.08 31.68 23.42
CA LEU B 162 -4.94 30.24 23.33
C LEU B 162 -4.80 29.93 21.86
N ASN B 163 -3.65 29.41 21.50
CA ASN B 163 -3.35 29.10 20.11
C ASN B 163 -2.99 27.64 20.00
N ALA B 164 -3.30 27.06 18.85
CA ALA B 164 -3.03 25.66 18.62
C ALA B 164 -2.77 25.40 17.15
N SER B 165 -2.11 24.29 16.85
CA SER B 165 -1.79 23.87 15.50
C SER B 165 -1.63 22.34 15.53
N GLU B 166 -1.42 21.71 14.38
CA GLU B 166 -1.21 20.26 14.27
C GLU B 166 -0.17 19.71 15.29
N THR B 167 0.88 20.48 15.60
CA THR B 167 2.01 20.08 16.42
C THR B 167 2.13 20.66 17.84
N ALA B 168 1.38 21.72 18.17
CA ALA B 168 1.57 22.41 19.45
C ALA B 168 0.33 23.21 19.88
N ALA B 169 0.27 23.64 21.17
CA ALA B 169 -0.77 24.45 21.77
C ALA B 169 -0.13 25.32 22.87
N SER B 170 -0.36 26.64 22.87
CA SER B 170 0.20 27.58 23.86
C SER B 170 -0.90 28.52 24.36
N GLY B 171 -0.69 29.14 25.52
CA GLY B 171 -1.67 30.07 26.05
C GLY B 171 -1.26 30.82 27.29
N LYS B 172 -1.94 31.94 27.55
CA LYS B 172 -1.73 32.74 28.75
C LYS B 172 -3.09 32.99 29.36
N ALA B 173 -3.25 32.67 30.65
CA ALA B 173 -4.53 32.83 31.31
C ALA B 173 -4.42 33.59 32.61
N THR B 174 -5.40 34.46 32.89
CA THR B 174 -5.48 35.09 34.21
C THR B 174 -6.07 34.01 35.13
N MET B 175 -5.80 34.12 36.42
CA MET B 175 -6.24 33.12 37.37
C MET B 175 -6.94 33.70 38.58
N THR B 176 -7.97 32.99 39.05
CA THR B 176 -8.67 33.29 40.29
C THR B 176 -8.65 32.04 41.18
N LEU B 177 -8.61 32.24 42.49
CA LEU B 177 -8.57 31.13 43.43
C LEU B 177 -9.85 30.30 43.39
N HIS B 178 -9.70 29.02 43.11
CA HIS B 178 -10.83 28.10 43.08
C HIS B 178 -11.27 27.83 44.53
N PRO B 179 -12.58 27.80 44.79
CA PRO B 179 -13.04 27.55 46.18
C PRO B 179 -12.40 26.33 46.85
N ASP B 180 -12.13 25.28 46.06
CA ASP B 180 -11.53 24.04 46.53
C ASP B 180 -10.10 24.18 47.03
N GLY B 181 -9.40 25.22 46.59
CA GLY B 181 -8.03 25.44 47.01
C GLY B 181 -7.85 26.56 48.01
N ALA B 182 -8.93 27.22 48.43
CA ALA B 182 -8.84 28.32 49.37
C ALA B 182 -8.42 27.91 50.77
N GLY B 183 -8.86 26.74 51.20
CA GLY B 183 -8.53 26.23 52.53
C GLY B 183 -7.04 26.07 52.76
N ALA B 184 -6.28 25.73 51.71
CA ALA B 184 -4.84 25.58 51.75
C ALA B 184 -4.12 26.88 52.14
N PHE B 185 -4.73 28.05 51.87
CA PHE B 185 -4.13 29.33 52.23
C PHE B 185 -4.61 29.87 53.58
N ALA B 186 -5.04 28.95 54.47
CA ALA B 186 -5.48 29.19 55.85
C ALA B 186 -6.50 30.30 56.02
N GLY B 187 -7.32 30.49 54.98
CA GLY B 187 -8.38 31.50 54.96
C GLY B 187 -7.95 32.91 54.63
N PHE B 188 -6.64 33.12 54.43
CA PHE B 188 -6.09 34.42 54.12
C PHE B 188 -6.52 34.93 52.74
N TYR B 189 -6.84 34.02 51.82
CA TYR B 189 -7.33 34.36 50.47
C TYR B 189 -8.76 33.87 50.32
N GLU B 190 -9.57 34.65 49.65
CA GLU B 190 -10.97 34.31 49.40
C GLU B 190 -11.11 33.61 48.07
N ALA B 191 -12.18 32.81 47.92
CA ALA B 191 -12.48 32.16 46.65
C ALA B 191 -12.81 33.26 45.63
N GLY B 192 -12.29 33.13 44.42
CA GLY B 192 -12.49 34.12 43.38
C GLY B 192 -11.49 35.27 43.38
N SER B 193 -10.61 35.34 44.39
CA SER B 193 -9.61 36.39 44.45
C SER B 193 -8.54 36.14 43.37
N ASP B 194 -7.91 37.20 42.89
CA ASP B 194 -6.91 37.08 41.83
C ASP B 194 -5.61 36.42 42.28
N LEU B 195 -5.11 35.50 41.45
CA LEU B 195 -3.82 34.84 41.62
C LEU B 195 -2.92 35.30 40.45
N ASP B 196 -1.63 34.88 40.44
CA ASP B 196 -0.72 35.26 39.37
C ASP B 196 -1.12 34.53 38.07
N PRO B 197 -1.02 35.17 36.89
CA PRO B 197 -1.40 34.49 35.63
C PRO B 197 -0.46 33.35 35.27
N ILE B 198 -0.93 32.42 34.44
CA ILE B 198 -0.13 31.29 34.04
C ILE B 198 0.11 31.27 32.53
N THR B 199 1.27 30.83 32.12
CA THR B 199 1.65 30.73 30.72
C THR B 199 2.04 29.29 30.47
N PHE B 200 1.61 28.69 29.35
CA PHE B 200 1.97 27.32 29.04
C PHE B 200 2.23 27.15 27.55
N ASP B 201 2.97 26.09 27.20
CA ASP B 201 3.20 25.63 25.84
C ASP B 201 3.34 24.11 25.90
N ALA B 202 2.71 23.41 24.95
CA ALA B 202 2.72 21.95 24.89
C ALA B 202 3.17 21.46 23.51
N GLN B 203 3.98 20.39 23.49
CA GLN B 203 4.51 19.77 22.26
C GLN B 203 3.82 18.44 22.01
N LEU B 204 3.18 18.32 20.85
CA LEU B 204 2.45 17.11 20.51
C LEU B 204 3.28 16.17 19.62
N GLY B 205 3.67 15.04 20.19
CA GLY B 205 4.46 14.04 19.48
C GLY B 205 5.83 14.55 19.09
N GLY B 206 6.14 14.36 17.82
CA GLY B 206 7.39 14.72 17.17
C GLY B 206 7.69 13.75 16.04
N GLY B 207 8.84 13.88 15.41
CA GLY B 207 9.26 12.96 14.36
C GLY B 207 9.55 11.60 14.99
N LYS B 208 8.62 10.63 14.83
CA LYS B 208 8.70 9.33 15.49
C LYS B 208 9.72 8.34 14.88
N LEU B 209 10.50 7.68 15.76
CA LEU B 209 11.45 6.64 15.37
C LEU B 209 11.10 5.43 16.21
N THR B 210 10.87 4.28 15.57
CA THR B 210 10.59 3.04 16.30
C THR B 210 11.61 2.03 15.79
N LEU B 211 12.57 1.66 16.63
CA LEU B 211 13.65 0.77 16.21
C LEU B 211 14.00 -0.29 17.25
N LYS B 212 14.53 -1.42 16.79
CA LYS B 212 15.01 -2.50 17.63
C LYS B 212 16.45 -2.83 17.24
N PHE B 213 17.35 -2.81 18.22
CA PHE B 213 18.77 -3.08 18.04
C PHE B 213 19.17 -4.38 18.71
N ILE B 214 20.06 -5.13 18.08
CA ILE B 214 20.54 -6.39 18.60
C ILE B 214 22.06 -6.38 18.57
N CYS B 215 22.70 -6.84 19.65
CA CYS B 215 24.15 -6.99 19.65
C CYS B 215 24.40 -8.34 18.96
N THR B 216 25.01 -8.30 17.76
CA THR B 216 25.24 -9.51 16.97
C THR B 216 26.49 -10.30 17.38
N THR B 217 27.29 -9.77 18.30
CA THR B 217 28.52 -10.41 18.76
C THR B 217 28.42 -11.08 20.15
N GLY B 218 27.23 -11.05 20.76
CA GLY B 218 27.01 -11.64 22.07
C GLY B 218 26.53 -10.58 23.05
N LYS B 219 27.20 -10.47 24.21
CA LYS B 219 26.85 -9.48 25.22
C LYS B 219 27.50 -8.14 24.84
N LEU B 220 26.73 -7.04 24.92
CA LEU B 220 27.23 -5.70 24.63
C LEU B 220 28.20 -5.31 25.76
N PRO B 221 29.44 -4.90 25.45
CA PRO B 221 30.41 -4.57 26.52
C PRO B 221 30.24 -3.20 27.18
N VAL B 222 29.31 -2.38 26.69
CA VAL B 222 28.98 -1.06 27.23
C VAL B 222 27.46 -0.99 27.44
N PRO B 223 26.96 -0.10 28.30
CA PRO B 223 25.50 0.00 28.48
C PRO B 223 24.80 0.50 27.22
N TRP B 224 23.63 -0.08 26.92
CA TRP B 224 22.81 0.32 25.77
C TRP B 224 22.55 1.83 25.73
N PRO B 225 22.19 2.50 26.86
CA PRO B 225 21.95 3.96 26.79
C PRO B 225 23.13 4.78 26.26
N THR B 226 24.39 4.33 26.47
CA THR B 226 25.54 5.07 25.96
C THR B 226 25.63 5.10 24.43
N LEU B 227 24.91 4.20 23.74
CA LEU B 227 24.91 4.10 22.28
C LEU B 227 23.73 4.77 21.60
N VAL B 228 22.72 5.24 22.35
CA VAL B 228 21.53 5.84 21.76
C VAL B 228 21.84 6.95 20.75
N THR B 229 22.64 7.95 21.16
CA THR B 229 22.95 9.06 20.26
C THR B 229 23.68 8.60 19.00
N THR B 230 24.50 7.56 19.10
CA THR B 230 25.27 7.06 17.95
C THR B 230 24.35 6.35 16.96
N LEU B 231 23.48 5.49 17.50
CA LEU B 231 22.53 4.70 16.74
C LEU B 231 21.43 5.55 16.11
N VAL B 233 19.95 9.39 13.35
CA VAL B 233 19.20 9.62 12.12
C VAL B 233 18.32 10.88 12.28
N GLN B 234 18.98 12.02 12.50
CA GLN B 234 18.33 13.30 12.76
C GLN B 234 17.53 13.88 11.57
N CYS B 235 17.59 13.21 10.41
CA CYS B 235 16.74 13.56 9.27
C CYS B 235 15.25 13.26 9.59
N PHE B 236 14.98 12.44 10.63
CA PHE B 236 13.61 12.13 11.04
C PHE B 236 13.03 13.14 12.04
N SER B 237 13.71 14.28 12.26
CA SER B 237 13.19 15.31 13.13
C SER B 237 12.02 16.00 12.45
N ARG B 238 11.04 16.45 13.24
CA ARG B 238 9.92 17.17 12.67
C ARG B 238 10.25 18.65 12.68
N TYR B 239 10.43 19.23 11.50
CA TYR B 239 10.69 20.65 11.41
C TYR B 239 9.38 21.33 11.13
N PRO B 240 8.94 22.24 12.03
CA PRO B 240 7.70 22.99 11.75
C PRO B 240 7.75 23.72 10.41
N ASP B 241 6.60 23.97 9.80
CA ASP B 241 6.52 24.66 8.50
C ASP B 241 7.38 25.93 8.40
N HIS B 242 7.30 26.79 9.44
CA HIS B 242 8.07 28.04 9.48
C HIS B 242 9.59 27.87 9.66
N MET B 243 10.05 26.65 9.93
CA MET B 243 11.47 26.36 10.11
C MET B 243 12.05 25.41 9.06
N LYS B 244 11.28 25.05 8.01
CA LYS B 244 11.73 24.07 7.04
C LYS B 244 12.98 24.50 6.25
N GLN B 245 13.23 25.81 6.17
CA GLN B 245 14.45 26.31 5.50
C GLN B 245 15.72 26.10 6.35
N HIS B 246 15.59 25.51 7.56
CA HIS B 246 16.71 25.25 8.46
C HIS B 246 16.99 23.75 8.66
N ASP B 247 16.39 22.89 7.83
CA ASP B 247 16.57 21.45 7.94
C ASP B 247 17.71 20.99 7.06
N PHE B 248 18.93 20.99 7.60
CA PHE B 248 20.10 20.54 6.87
C PHE B 248 19.98 19.07 6.52
N PHE B 249 19.56 18.25 7.50
CA PHE B 249 19.52 16.80 7.42
C PHE B 249 18.79 16.28 6.20
N LYS B 250 17.54 16.73 5.99
CA LYS B 250 16.74 16.31 4.85
C LYS B 250 17.28 16.90 3.54
N SER B 251 17.84 18.13 3.57
CA SER B 251 18.38 18.77 2.36
C SER B 251 19.57 18.02 1.76
N ALA B 252 20.29 17.25 2.58
CA ALA B 252 21.42 16.46 2.10
C ALA B 252 20.98 15.12 1.48
N MET B 253 19.69 14.75 1.58
CA MET B 253 19.15 13.50 1.06
C MET B 253 18.77 13.57 -0.41
N PRO B 254 18.86 12.45 -1.14
CA PRO B 254 19.19 11.08 -0.69
C PRO B 254 20.67 10.72 -0.58
N GLU B 255 21.57 11.52 -1.15
CA GLU B 255 23.02 11.26 -1.11
C GLU B 255 23.53 11.08 0.31
N GLY B 256 22.98 11.86 1.23
CA GLY B 256 23.25 11.74 2.65
C GLY B 256 24.32 12.65 3.22
N TYR B 257 24.71 12.36 4.45
CA TYR B 257 25.73 13.11 5.13
C TYR B 257 26.61 12.21 5.99
N VAL B 258 27.78 12.74 6.33
CA VAL B 258 28.70 12.12 7.24
C VAL B 258 28.48 12.78 8.59
N GLN B 259 28.26 11.99 9.63
CA GLN B 259 28.09 12.49 10.99
C GLN B 259 29.24 12.01 11.85
N GLU B 260 30.02 12.93 12.40
CA GLU B 260 31.17 12.60 13.25
C GLU B 260 30.97 13.16 14.65
N ARG B 261 31.35 12.39 15.66
CA ARG B 261 31.22 12.83 17.05
C ARG B 261 32.42 12.45 17.90
N THR B 262 32.56 13.18 19.01
CA THR B 262 33.48 12.93 20.10
C THR B 262 32.60 13.09 21.35
N ILE B 263 32.42 12.00 22.09
CA ILE B 263 31.58 11.98 23.28
C ILE B 263 32.48 11.76 24.47
N PHE B 264 32.55 12.72 25.36
CA PHE B 264 33.38 12.64 26.54
C PHE B 264 32.53 12.25 27.75
N PHE B 265 32.76 11.07 28.33
CA PHE B 265 32.05 10.68 29.54
C PHE B 265 32.83 11.27 30.71
N LYS B 266 32.18 12.12 31.52
CA LYS B 266 32.81 12.80 32.66
C LYS B 266 33.46 11.80 33.60
N ASP B 267 34.72 12.06 33.97
CA ASP B 267 35.52 11.19 34.84
C ASP B 267 35.70 9.76 34.30
N ASP B 268 35.54 9.60 32.98
CA ASP B 268 35.70 8.29 32.33
C ASP B 268 36.24 8.49 30.88
N GLY B 269 36.15 7.46 30.05
CA GLY B 269 36.67 7.52 28.69
C GLY B 269 35.85 8.29 27.69
N ASN B 270 36.19 8.13 26.41
CA ASN B 270 35.48 8.82 25.34
C ASN B 270 35.22 7.94 24.13
N TYR B 271 34.14 8.25 23.40
CA TYR B 271 33.83 7.59 22.15
C TYR B 271 34.15 8.58 21.01
N LYS B 272 34.60 8.05 19.88
CA LYS B 272 34.79 8.80 18.65
C LYS B 272 34.06 8.01 17.60
N THR B 273 33.10 8.63 16.93
CA THR B 273 32.29 7.94 15.93
C THR B 273 32.31 8.61 14.56
N ARG B 274 32.19 7.81 13.51
CA ARG B 274 32.06 8.29 12.16
C ARG B 274 30.95 7.48 11.53
N ALA B 275 29.93 8.16 11.03
CA ALA B 275 28.78 7.50 10.43
C ALA B 275 28.42 8.10 9.09
N GLU B 276 27.81 7.31 8.22
CA GLU B 276 27.27 7.78 6.97
C GLU B 276 25.78 7.47 7.01
N VAL B 277 24.95 8.52 6.85
CA VAL B 277 23.50 8.43 6.87
C VAL B 277 23.01 8.79 5.48
N LYS B 278 22.48 7.82 4.76
CA LYS B 278 22.02 8.02 3.39
C LYS B 278 20.97 6.99 3.01
N PHE B 279 20.31 7.18 1.87
CA PHE B 279 19.36 6.20 1.39
C PHE B 279 20.09 5.15 0.56
N GLU B 280 19.73 3.88 0.73
CA GLU B 280 20.22 2.79 -0.12
C GLU B 280 18.93 2.19 -0.59
N GLY B 281 18.47 2.67 -1.74
CA GLY B 281 17.17 2.28 -2.28
C GLY B 281 16.12 3.00 -1.49
N ASP B 282 15.10 2.29 -1.01
CA ASP B 282 14.03 2.90 -0.21
C ASP B 282 14.32 3.03 1.26
N THR B 283 15.45 2.47 1.72
CA THR B 283 15.80 2.41 3.13
C THR B 283 16.80 3.46 3.56
N LEU B 284 16.52 4.15 4.70
CA LEU B 284 17.47 5.08 5.26
C LEU B 284 18.44 4.27 6.12
N VAL B 285 19.72 4.32 5.77
CA VAL B 285 20.77 3.57 6.43
C VAL B 285 21.70 4.43 7.23
N ASN B 286 22.04 3.98 8.43
CA ASN B 286 23.01 4.63 9.28
C ASN B 286 24.12 3.61 9.54
N ARG B 287 25.29 3.78 8.91
CA ARG B 287 26.43 2.88 9.10
C ARG B 287 27.46 3.58 9.91
N ILE B 288 27.82 3.03 11.08
CA ILE B 288 28.73 3.66 12.03
C ILE B 288 29.99 2.84 12.35
N GLU B 289 31.07 3.58 12.64
CA GLU B 289 32.33 3.07 13.15
C GLU B 289 32.52 3.79 14.51
N LEU B 290 32.70 3.05 15.60
CA LEU B 290 32.87 3.64 16.93
C LEU B 290 34.16 3.16 17.57
N LYS B 291 34.90 4.08 18.20
CA LYS B 291 36.14 3.75 18.91
C LYS B 291 36.10 4.38 20.30
N GLY B 292 36.20 3.57 21.33
CA GLY B 292 36.20 4.05 22.71
C GLY B 292 37.53 3.75 23.39
N ILE B 293 38.10 4.75 24.07
CA ILE B 293 39.37 4.60 24.78
C ILE B 293 39.31 5.27 26.17
N ASP B 294 40.26 4.90 27.06
CA ASP B 294 40.42 5.46 28.40
C ASP B 294 39.31 5.18 29.39
N PHE B 295 38.53 4.13 29.15
CA PHE B 295 37.46 3.79 30.06
C PHE B 295 37.99 3.06 31.27
N LYS B 296 37.41 3.33 32.44
CA LYS B 296 37.81 2.67 33.67
C LYS B 296 37.18 1.29 33.72
N GLU B 297 37.95 0.25 34.07
CA GLU B 297 37.41 -1.12 34.11
C GLU B 297 36.21 -1.26 35.04
N ASP B 298 36.22 -0.54 36.18
CA ASP B 298 35.07 -0.56 37.08
C ASP B 298 34.32 0.77 37.14
N GLY B 299 34.33 1.51 36.04
CA GLY B 299 33.59 2.75 35.93
C GLY B 299 32.13 2.48 35.61
N ASN B 300 31.34 3.53 35.38
CA ASN B 300 29.92 3.38 35.07
C ASN B 300 29.64 2.73 33.73
N ILE B 301 30.56 2.86 32.78
CA ILE B 301 30.39 2.32 31.44
C ILE B 301 30.81 0.85 31.38
N LEU B 302 32.12 0.53 31.56
CA LEU B 302 32.56 -0.86 31.52
C LEU B 302 32.03 -1.71 32.69
N GLY B 303 31.68 -1.06 33.80
CA GLY B 303 31.09 -1.73 34.95
C GLY B 303 29.58 -1.83 34.90
N HIS B 304 28.94 -1.36 33.81
CA HIS B 304 27.48 -1.41 33.61
C HIS B 304 26.69 -0.91 34.83
N LYS B 305 26.95 0.33 35.24
CA LYS B 305 26.28 0.92 36.40
C LYS B 305 25.22 1.97 36.01
N LEU B 306 24.84 2.02 34.73
CA LEU B 306 23.86 3.00 34.26
C LEU B 306 22.47 2.39 34.17
N GLU B 307 21.46 3.14 34.63
CA GLU B 307 20.07 2.69 34.55
C GLU B 307 19.65 2.56 33.08
N TYR B 308 18.73 1.61 32.81
CA TYR B 308 18.19 1.39 31.47
C TYR B 308 17.02 2.33 31.26
N ASN B 309 17.34 3.59 31.01
CA ASN B 309 16.38 4.65 30.77
C ASN B 309 17.05 5.81 30.03
N TYR B 310 16.27 6.82 29.65
CA TYR B 310 16.82 7.93 28.89
C TYR B 310 16.09 9.22 29.18
N ASN B 311 16.84 10.30 29.33
CA ASN B 311 16.26 11.60 29.61
C ASN B 311 15.95 12.38 28.31
N SER B 312 15.28 13.52 28.42
CA SER B 312 14.95 14.35 27.27
C SER B 312 15.97 15.47 27.20
N HIS B 313 16.54 15.70 26.02
CA HIS B 313 17.58 16.71 25.86
C HIS B 313 17.29 17.69 24.71
N ASN B 314 18.01 18.79 24.71
CA ASN B 314 17.96 19.76 23.64
C ASN B 314 19.29 19.65 22.89
N VAL B 315 19.22 19.45 21.59
CA VAL B 315 20.38 19.29 20.73
C VAL B 315 20.58 20.60 19.99
N TYR B 316 21.67 21.32 20.27
CA TYR B 316 21.88 22.64 19.69
C TYR B 316 22.64 22.62 18.38
N ILE B 317 22.03 23.19 17.34
CA ILE B 317 22.58 23.21 15.98
C ILE B 317 22.98 24.60 15.52
N MET B 318 24.16 24.70 14.89
CA MET B 318 24.69 25.92 14.30
C MET B 318 25.19 25.60 12.89
N ALA B 319 25.21 26.59 12.00
CA ALA B 319 25.78 26.39 10.67
C ALA B 319 27.31 26.42 10.78
N ASP B 320 27.96 25.67 9.89
CA ASP B 320 29.41 25.61 9.74
C ASP B 320 29.65 25.83 8.24
N LYS B 321 29.59 27.10 7.79
CA LYS B 321 29.66 27.47 6.38
C LYS B 321 30.93 27.02 5.65
N GLN B 322 32.08 27.02 6.32
CA GLN B 322 33.36 26.63 5.73
C GLN B 322 33.43 25.13 5.38
N LYS B 323 32.66 24.29 6.09
CA LYS B 323 32.60 22.86 5.78
C LYS B 323 31.29 22.47 5.06
N ASN B 324 30.47 23.47 4.67
CA ASN B 324 29.17 23.30 4.00
C ASN B 324 28.26 22.38 4.83
N GLY B 325 28.33 22.49 6.15
CA GLY B 325 27.52 21.66 7.03
C GLY B 325 27.10 22.33 8.32
N ILE B 326 26.98 21.52 9.38
CA ILE B 326 26.56 22.01 10.69
C ILE B 326 27.47 21.53 11.81
N LYS B 327 27.50 22.28 12.93
CA LYS B 327 28.20 21.94 14.16
C LYS B 327 27.13 21.81 15.23
N VAL B 328 27.15 20.69 15.98
CA VAL B 328 26.11 20.38 16.95
C VAL B 328 26.72 20.08 18.33
N ASN B 329 26.10 20.58 19.40
CA ASN B 329 26.59 20.35 20.77
C ASN B 329 25.43 20.09 21.71
N PHE B 330 25.65 19.21 22.68
CA PHE B 330 24.66 18.87 23.69
C PHE B 330 25.28 17.98 24.78
N LYS B 331 24.67 17.98 25.96
CA LYS B 331 25.13 17.17 27.08
C LYS B 331 24.06 16.14 27.42
N ILE B 332 24.40 14.88 27.34
CA ILE B 332 23.49 13.81 27.71
C ILE B 332 23.67 13.50 29.21
N ARG B 333 22.56 13.29 29.92
CA ARG B 333 22.59 12.93 31.32
C ARG B 333 22.14 11.48 31.48
N HIS B 334 23.06 10.59 31.84
CA HIS B 334 22.74 9.17 32.03
C HIS B 334 22.54 8.92 33.53
N ASN B 335 21.36 8.43 33.93
CA ASN B 335 21.14 8.12 35.34
C ASN B 335 22.02 6.96 35.78
N ILE B 336 22.68 7.11 36.93
CA ILE B 336 23.49 6.04 37.49
C ILE B 336 22.62 5.30 38.52
N GLU B 337 22.84 3.98 38.64
CA GLU B 337 22.08 3.12 39.55
C GLU B 337 22.12 3.58 41.01
N ASP B 338 23.15 4.34 41.41
CA ASP B 338 23.25 4.83 42.79
C ASP B 338 22.48 6.14 43.08
N GLY B 339 21.80 6.68 42.08
CA GLY B 339 21.06 7.92 42.24
C GLY B 339 21.76 9.14 41.65
N SER B 340 23.02 8.98 41.21
CA SER B 340 23.75 10.09 40.62
C SER B 340 23.56 10.15 39.09
N VAL B 341 24.32 11.03 38.40
CA VAL B 341 24.23 11.24 36.96
C VAL B 341 25.63 11.19 36.34
N GLN B 342 25.74 10.48 35.20
CA GLN B 342 26.97 10.37 34.42
C GLN B 342 26.76 11.26 33.19
N LEU B 343 27.54 12.35 33.10
CA LEU B 343 27.43 13.26 31.96
C LEU B 343 28.21 12.75 30.77
N ALA B 344 27.65 12.91 29.58
CA ALA B 344 28.29 12.55 28.33
C ALA B 344 28.24 13.75 27.41
N ASP B 345 29.34 14.49 27.32
CA ASP B 345 29.47 15.72 26.53
C ASP B 345 29.64 15.39 25.06
N HIS B 346 28.68 15.81 24.22
CA HIS B 346 28.67 15.52 22.79
C HIS B 346 29.11 16.71 21.94
N TYR B 347 30.03 16.43 21.03
CA TYR B 347 30.58 17.35 20.03
C TYR B 347 30.32 16.66 18.69
N GLN B 348 29.64 17.34 17.78
CA GLN B 348 29.24 16.73 16.52
C GLN B 348 29.42 17.63 15.30
N GLN B 349 29.71 17.00 14.15
CA GLN B 349 29.86 17.68 12.88
C GLN B 349 29.15 16.87 11.78
N ASN B 350 28.40 17.54 10.92
CA ASN B 350 27.74 16.87 9.79
C ASN B 350 28.11 17.58 8.52
N THR B 351 28.57 16.83 7.52
CA THR B 351 28.92 17.39 6.22
C THR B 351 28.25 16.55 5.13
N PRO B 352 27.74 17.20 4.07
CA PRO B 352 27.07 16.44 3.01
C PRO B 352 27.98 15.51 2.22
N ILE B 353 27.43 14.38 1.76
CA ILE B 353 28.16 13.42 0.93
C ILE B 353 28.13 13.87 -0.53
N GLY B 354 26.98 14.32 -1.00
CA GLY B 354 26.84 14.80 -2.36
C GLY B 354 27.44 16.18 -2.57
N ASP B 355 27.51 16.59 -3.83
CA ASP B 355 28.03 17.90 -4.22
C ASP B 355 26.91 18.96 -4.39
N GLY B 356 25.66 18.59 -4.12
CA GLY B 356 24.55 19.52 -4.27
C GLY B 356 24.41 20.52 -3.13
N PRO B 357 23.55 21.54 -3.32
CA PRO B 357 23.38 22.53 -2.26
C PRO B 357 22.56 22.01 -1.08
N VAL B 358 22.97 22.43 0.11
CA VAL B 358 22.29 22.06 1.33
C VAL B 358 21.81 23.32 2.09
N LEU B 359 20.90 23.13 3.06
CA LEU B 359 20.40 24.23 3.86
C LEU B 359 21.33 24.44 5.05
N LEU B 360 21.95 25.63 5.12
CA LEU B 360 22.82 25.96 6.25
C LEU B 360 21.92 26.77 7.17
N PRO B 361 21.61 26.19 8.36
CA PRO B 361 20.60 26.78 9.21
C PRO B 361 21.01 27.89 10.15
N ASP B 362 20.01 28.68 10.57
CA ASP B 362 20.20 29.64 11.64
C ASP B 362 20.24 28.79 12.93
N ASN B 363 20.81 29.34 14.01
CA ASN B 363 20.89 28.63 15.29
C ASN B 363 19.51 28.22 15.78
N HIS B 364 19.35 26.95 16.09
CA HIS B 364 18.11 26.38 16.58
C HIS B 364 18.45 25.09 17.36
N TYR B 365 17.43 24.37 17.85
CA TYR B 365 17.64 23.13 18.57
C TYR B 365 16.59 22.07 18.25
N LEU B 366 16.91 20.82 18.56
CA LEU B 366 15.99 19.73 18.42
C LEU B 366 15.65 19.26 19.82
N SER B 367 14.36 19.17 20.12
CA SER B 367 13.87 18.71 21.41
C SER B 367 13.66 17.22 21.25
N THR B 368 14.52 16.41 21.90
CA THR B 368 14.45 14.95 21.75
C THR B 368 13.91 14.27 23.00
N GLN B 369 13.15 13.20 22.81
CA GLN B 369 12.60 12.38 23.89
C GLN B 369 12.83 10.94 23.46
N SER B 370 13.34 10.10 24.36
CA SER B 370 13.59 8.70 24.05
C SER B 370 13.08 7.80 25.16
N ALA B 371 12.53 6.64 24.78
CA ALA B 371 12.04 5.66 25.74
C ALA B 371 12.65 4.31 25.38
N LEU B 372 13.29 3.68 26.36
CA LEU B 372 13.95 2.39 26.13
C LEU B 372 13.12 1.28 26.74
N SER B 373 13.03 0.16 26.02
CA SER B 373 12.27 -1.00 26.47
C SER B 373 12.91 -2.32 25.97
N LYS B 374 12.33 -3.45 26.37
CA LYS B 374 12.81 -4.76 25.93
C LYS B 374 11.66 -5.54 25.29
N ASP B 375 12.01 -6.39 24.34
CA ASP B 375 11.08 -7.29 23.66
C ASP B 375 11.07 -8.54 24.52
N PRO B 376 9.91 -8.88 25.09
CA PRO B 376 9.84 -10.05 25.99
C PRO B 376 10.18 -11.38 25.34
N ASN B 377 10.11 -11.44 24.00
CA ASN B 377 10.42 -12.68 23.29
C ASN B 377 11.84 -12.71 22.67
N GLU B 378 12.64 -11.68 22.92
CA GLU B 378 13.99 -11.60 22.39
C GLU B 378 15.00 -12.09 23.42
N LYS B 379 15.69 -13.20 23.10
CA LYS B 379 16.71 -13.81 23.96
C LYS B 379 18.09 -13.15 23.82
N ARG B 380 18.37 -12.49 22.68
CA ARG B 380 19.66 -11.84 22.47
C ARG B 380 19.73 -10.52 23.25
N ASP B 381 20.95 -9.97 23.44
CA ASP B 381 21.15 -8.69 24.10
C ASP B 381 20.63 -7.64 23.13
N HIS B 382 19.63 -6.85 23.54
CA HIS B 382 18.98 -5.93 22.62
C HIS B 382 18.42 -4.66 23.28
N MET B 383 17.93 -3.72 22.45
CA MET B 383 17.31 -2.51 22.93
C MET B 383 16.19 -2.11 21.98
N VAL B 384 15.01 -1.84 22.52
CA VAL B 384 13.89 -1.32 21.75
C VAL B 384 13.82 0.17 22.10
N LEU B 385 13.78 1.01 21.08
CA LEU B 385 13.81 2.44 21.26
C LEU B 385 12.67 3.12 20.53
N LYS B 386 12.00 4.07 21.20
CA LYS B 386 10.94 4.89 20.66
C LYS B 386 11.35 6.34 20.92
N GLU B 387 11.47 7.15 19.85
CA GLU B 387 11.90 8.53 19.97
C GLU B 387 10.94 9.51 19.32
N PHE B 388 10.88 10.75 19.86
CA PHE B 388 10.09 11.84 19.29
C PHE B 388 10.97 13.06 19.26
N VAL B 389 11.22 13.63 18.07
CA VAL B 389 12.08 14.79 17.94
C VAL B 389 11.42 15.94 17.18
N THR B 390 11.43 17.15 17.76
CA THR B 390 10.83 18.31 17.13
C THR B 390 11.82 19.46 17.11
N ALA B 391 11.98 20.15 15.97
CA ALA B 391 12.84 21.32 15.89
C ALA B 391 12.13 22.52 16.50
N ALA B 392 12.88 23.38 17.17
CA ALA B 392 12.36 24.56 17.83
C ALA B 392 13.47 25.65 17.97
N GLY B 393 13.16 26.83 18.51
CA GLY B 393 14.15 27.86 18.73
C GLY B 393 14.10 29.03 17.78
N ILE B 394 13.29 28.92 16.71
CA ILE B 394 13.13 30.01 15.75
C ILE B 394 11.66 30.49 15.76
N SER C 2 -23.43 -20.16 -62.05
CA SER C 2 -22.36 -21.07 -62.44
C SER C 2 -21.39 -20.40 -63.42
N LYS C 3 -21.93 -19.72 -64.44
CA LYS C 3 -21.07 -19.03 -65.40
C LYS C 3 -20.40 -17.81 -64.73
N GLY C 4 -21.15 -17.10 -63.89
CA GLY C 4 -20.63 -15.93 -63.17
C GLY C 4 -19.65 -16.31 -62.07
N GLU C 5 -19.98 -17.36 -61.29
CA GLU C 5 -19.16 -17.89 -60.20
C GLU C 5 -17.77 -18.30 -60.70
N GLU C 6 -17.71 -18.94 -61.88
CA GLU C 6 -16.45 -19.41 -62.46
C GLU C 6 -15.43 -18.30 -62.70
N LEU C 7 -15.90 -17.07 -62.89
CA LEU C 7 -15.01 -15.93 -63.12
C LEU C 7 -14.23 -15.53 -61.87
N PHE C 8 -14.65 -15.97 -60.68
CA PHE C 8 -14.05 -15.56 -59.42
C PHE C 8 -13.31 -16.65 -58.65
N THR C 9 -13.08 -17.81 -59.27
CA THR C 9 -12.41 -18.93 -58.60
C THR C 9 -10.93 -18.67 -58.27
N GLY C 10 -10.31 -17.69 -58.94
CA GLY C 10 -8.92 -17.31 -58.71
C GLY C 10 -8.78 -15.84 -58.38
N VAL C 11 -7.56 -15.31 -58.50
CA VAL C 11 -7.27 -13.92 -58.26
C VAL C 11 -7.62 -13.12 -59.51
N VAL C 12 -8.48 -12.10 -59.35
CA VAL C 12 -8.97 -11.28 -60.46
C VAL C 12 -8.46 -9.84 -60.32
N PRO C 13 -7.85 -9.28 -61.39
CA PRO C 13 -7.40 -7.89 -61.29
C PRO C 13 -8.57 -6.91 -61.24
N ILE C 14 -8.41 -5.83 -60.49
CA ILE C 14 -9.44 -4.82 -60.30
C ILE C 14 -8.93 -3.44 -60.71
N LEU C 15 -9.83 -2.64 -61.31
CA LEU C 15 -9.56 -1.26 -61.67
C LEU C 15 -10.76 -0.43 -61.21
N VAL C 16 -10.51 0.65 -60.46
CA VAL C 16 -11.59 1.51 -59.94
C VAL C 16 -11.36 2.93 -60.47
N GLU C 17 -12.41 3.56 -61.00
CA GLU C 17 -12.31 4.94 -61.49
C GLU C 17 -13.47 5.74 -60.91
N LEU C 18 -13.20 6.82 -60.16
CA LEU C 18 -14.24 7.63 -59.56
C LEU C 18 -14.11 9.10 -59.93
N ASP C 19 -15.21 9.71 -60.35
CA ASP C 19 -15.24 11.15 -60.58
C ASP C 19 -16.23 11.72 -59.57
N GLY C 20 -15.78 12.65 -58.74
CA GLY C 20 -16.62 13.22 -57.69
C GLY C 20 -16.74 14.72 -57.71
N ASP C 21 -17.80 15.21 -57.08
CA ASP C 21 -18.04 16.63 -56.93
C ASP C 21 -18.71 16.76 -55.59
N VAL C 22 -18.00 17.24 -54.58
CA VAL C 22 -18.58 17.42 -53.25
C VAL C 22 -18.56 18.91 -52.95
N ASN C 23 -19.75 19.52 -52.85
CA ASN C 23 -19.89 20.96 -52.59
C ASN C 23 -19.14 21.81 -53.63
N GLY C 24 -19.12 21.36 -54.90
CA GLY C 24 -18.44 22.09 -55.95
C GLY C 24 -16.97 21.80 -56.07
N HIS C 25 -16.41 20.99 -55.13
CA HIS C 25 -15.01 20.55 -55.14
C HIS C 25 -14.94 19.31 -55.98
N LYS C 26 -14.39 19.43 -57.19
CA LYS C 26 -14.28 18.27 -58.08
C LYS C 26 -12.98 17.54 -57.85
N PHE C 27 -13.02 16.23 -57.96
CA PHE C 27 -11.84 15.40 -57.77
C PHE C 27 -12.00 14.07 -58.50
N SER C 28 -10.88 13.37 -58.70
CA SER C 28 -10.92 12.06 -59.32
C SER C 28 -10.02 11.11 -58.56
N VAL C 29 -10.43 9.85 -58.46
CA VAL C 29 -9.68 8.79 -57.78
C VAL C 29 -9.54 7.59 -58.71
N SER C 30 -8.32 7.05 -58.84
CA SER C 30 -8.09 5.83 -59.61
C SER C 30 -7.56 4.78 -58.64
N GLY C 31 -7.95 3.54 -58.83
CA GLY C 31 -7.54 2.46 -57.96
C GLY C 31 -7.16 1.23 -58.75
N GLU C 32 -6.21 0.47 -58.22
CA GLU C 32 -5.71 -0.77 -58.82
C GLU C 32 -5.53 -1.80 -57.72
N GLY C 33 -5.61 -3.07 -58.08
CA GLY C 33 -5.41 -4.14 -57.12
C GLY C 33 -5.98 -5.43 -57.60
N GLU C 34 -6.39 -6.29 -56.66
CA GLU C 34 -6.94 -7.58 -57.02
C GLU C 34 -7.87 -8.13 -55.96
N GLY C 35 -8.71 -9.06 -56.37
CA GLY C 35 -9.66 -9.69 -55.49
C GLY C 35 -9.59 -11.20 -55.56
N ASP C 36 -9.78 -11.85 -54.44
CA ASP C 36 -9.74 -13.29 -54.35
C ASP C 36 -10.96 -13.74 -53.55
N ALA C 37 -12.12 -13.78 -54.20
CA ALA C 37 -13.37 -14.17 -53.55
C ALA C 37 -13.34 -15.54 -52.86
N THR C 38 -12.34 -16.39 -53.15
CA THR C 38 -12.28 -17.73 -52.57
C THR C 38 -11.25 -17.88 -51.43
N TYR C 39 -10.67 -16.75 -50.95
CA TYR C 39 -9.64 -16.76 -49.94
C TYR C 39 -10.16 -17.32 -48.61
N GLY C 40 -9.50 -18.36 -48.14
CA GLY C 40 -9.94 -19.04 -46.93
C GLY C 40 -8.94 -19.13 -45.81
N GLY C 41 -8.53 -20.35 -45.50
CA GLY C 41 -7.66 -20.57 -44.35
C GLY C 41 -8.45 -20.53 -43.04
N SER C 42 -7.71 -20.53 -41.92
CA SER C 42 -8.15 -20.57 -40.53
C SER C 42 -7.83 -19.30 -39.74
N GLY C 43 -7.09 -18.36 -40.33
CA GLY C 43 -6.73 -17.14 -39.65
C GLY C 43 -7.96 -16.29 -39.40
N VAL C 44 -8.06 -15.74 -38.21
CA VAL C 44 -9.17 -14.90 -37.84
C VAL C 44 -8.99 -13.54 -38.51
N THR C 45 -9.87 -13.22 -39.45
CA THR C 45 -9.85 -11.95 -40.13
C THR C 45 -10.67 -10.89 -39.40
N GLN C 46 -11.68 -11.30 -38.59
CA GLN C 46 -12.59 -10.40 -37.87
C GLN C 46 -13.25 -11.15 -36.71
N ALA C 47 -13.42 -10.53 -35.54
CA ALA C 47 -14.03 -11.17 -34.38
C ALA C 47 -14.72 -10.19 -33.43
N HIS C 48 -15.68 -10.69 -32.62
CA HIS C 48 -16.40 -9.87 -31.65
C HIS C 48 -16.59 -10.63 -30.36
N ALA C 49 -16.46 -9.96 -29.21
CA ALA C 49 -16.67 -10.55 -27.89
C ALA C 49 -17.61 -9.69 -27.02
N ALA C 50 -18.21 -10.27 -25.99
CA ALA C 50 -19.12 -9.56 -25.10
C ALA C 50 -18.90 -10.11 -23.71
N TRP C 51 -18.63 -9.23 -22.78
CA TRP C 51 -18.32 -9.63 -21.42
C TRP C 51 -18.65 -8.47 -20.49
N GLY C 52 -19.48 -8.70 -19.48
CA GLY C 52 -19.83 -7.65 -18.53
C GLY C 52 -18.90 -7.46 -17.37
N LEU C 53 -17.79 -8.20 -17.31
CA LEU C 53 -16.77 -8.24 -16.24
C LEU C 53 -17.34 -8.99 -15.03
N LYS C 54 -18.33 -8.37 -14.36
CA LYS C 54 -19.10 -8.94 -13.26
C LYS C 54 -20.30 -8.03 -13.08
N LYS C 55 -21.53 -8.59 -13.00
CA LYS C 55 -22.73 -7.78 -12.85
C LYS C 55 -22.68 -6.91 -11.63
N SER C 56 -22.25 -7.47 -10.50
CA SER C 56 -22.15 -6.71 -9.26
C SER C 56 -21.05 -5.65 -9.31
N PHE C 57 -19.98 -5.87 -10.08
CA PHE C 57 -18.94 -4.87 -10.24
C PHE C 57 -19.47 -3.61 -10.97
N GLN C 58 -20.29 -3.78 -12.02
CA GLN C 58 -20.85 -2.67 -12.78
C GLN C 58 -21.73 -1.82 -11.92
N SER C 59 -22.59 -2.45 -11.08
CA SER C 59 -23.48 -1.68 -10.19
C SER C 59 -22.72 -1.03 -9.03
N TYR C 60 -21.58 -1.61 -8.61
CA TYR C 60 -20.77 -1.04 -7.57
C TYR C 60 -20.12 0.22 -8.10
N ILE C 61 -19.48 0.17 -9.28
CA ILE C 61 -18.80 1.32 -9.88
C ILE C 61 -19.74 2.51 -10.06
N THR C 62 -20.99 2.24 -10.44
CA THR C 62 -21.97 3.31 -10.66
C THR C 62 -22.85 3.61 -9.39
N GLY C 63 -22.73 2.80 -8.35
CA GLY C 63 -23.48 2.88 -7.10
C GLY C 63 -23.06 4.01 -6.18
N SER C 64 -23.80 4.18 -5.09
CA SER C 64 -23.58 5.27 -4.16
C SER C 64 -22.35 5.10 -3.24
N ILE C 65 -21.61 4.02 -3.35
CA ILE C 65 -20.42 3.80 -2.54
C ILE C 65 -19.20 4.20 -3.36
N ALA C 66 -19.04 3.62 -4.58
CA ALA C 66 -17.90 4.00 -5.41
C ALA C 66 -18.11 5.39 -6.03
N LYS C 67 -19.38 5.78 -6.32
CA LYS C 67 -19.75 7.04 -6.98
C LYS C 67 -18.86 7.29 -8.21
N GLY C 68 -18.71 6.26 -9.02
CA GLY C 68 -17.81 6.29 -10.16
C GLY C 68 -18.47 6.17 -11.52
N GLN C 69 -17.68 5.77 -12.50
CA GLN C 69 -18.14 5.64 -13.87
C GLN C 69 -17.13 4.82 -14.67
N TRP C 70 -17.45 4.53 -15.94
CA TRP C 70 -16.50 3.87 -16.82
C TRP C 70 -16.34 4.65 -18.13
N ASN C 71 -15.12 4.62 -18.68
CA ASN C 71 -14.78 5.31 -19.91
C ASN C 71 -14.20 4.30 -20.88
N LEU C 72 -14.89 4.09 -21.99
CA LEU C 72 -14.55 3.10 -22.99
C LEU C 72 -13.87 3.74 -24.19
N ASP C 73 -13.00 2.98 -24.84
CA ASP C 73 -12.26 3.44 -26.01
C ASP C 73 -12.10 2.23 -26.87
N GLY C 74 -12.85 2.16 -27.97
CA GLY C 74 -12.84 0.98 -28.84
C GLY C 74 -13.67 -0.17 -28.31
N VAL C 75 -14.28 0.01 -27.12
CA VAL C 75 -15.13 -0.96 -26.42
C VAL C 75 -16.53 -0.38 -26.40
N GLY C 76 -17.52 -1.19 -26.71
CA GLY C 76 -18.91 -0.74 -26.66
C GLY C 76 -19.61 -1.24 -25.41
N TYR C 77 -20.92 -1.09 -25.38
CA TYR C 77 -21.74 -1.54 -24.26
C TYR C 77 -23.16 -1.78 -24.73
N SER C 78 -23.62 -3.03 -24.65
CA SER C 78 -24.98 -3.37 -25.06
C SER C 78 -25.45 -4.58 -24.27
N ASN C 79 -26.72 -4.55 -23.85
CA ASN C 79 -27.35 -5.62 -23.08
C ASN C 79 -26.57 -5.97 -21.82
N GLY C 80 -26.14 -4.93 -21.12
CA GLY C 80 -25.38 -4.99 -19.88
C GLY C 80 -23.98 -5.58 -19.98
N GLU C 81 -23.39 -5.63 -21.20
CA GLU C 81 -22.05 -6.19 -21.41
C GLU C 81 -21.15 -5.25 -22.20
N PHE C 82 -19.83 -5.33 -21.99
CA PHE C 82 -18.87 -4.56 -22.78
C PHE C 82 -18.59 -5.40 -24.04
N THR C 83 -18.68 -4.78 -25.21
CA THR C 83 -18.45 -5.44 -26.47
C THR C 83 -17.10 -5.04 -27.05
N PHE C 84 -16.34 -6.03 -27.51
CA PHE C 84 -14.98 -5.85 -28.03
C PHE C 84 -14.91 -6.34 -29.45
N SER C 85 -13.98 -5.78 -30.22
CA SER C 85 -13.76 -6.20 -31.58
C SER C 85 -12.28 -6.48 -31.79
N GLY C 86 -12.03 -7.50 -32.60
CA GLY C 86 -10.68 -7.95 -32.91
C GLY C 86 -10.55 -8.32 -34.36
N ALA C 87 -9.32 -8.53 -34.83
CA ALA C 87 -9.03 -8.84 -36.23
C ALA C 87 -7.74 -9.63 -36.37
N SER C 88 -7.45 -10.49 -35.38
CA SER C 88 -6.25 -11.29 -35.27
C SER C 88 -6.59 -12.59 -34.50
N GLY C 89 -5.96 -13.67 -34.91
CA GLY C 89 -6.19 -14.97 -34.31
C GLY C 89 -5.89 -16.10 -35.25
N ALA C 90 -6.28 -17.32 -34.85
CA ALA C 90 -6.06 -18.55 -35.61
C ALA C 90 -6.91 -19.63 -34.96
N VAL C 91 -7.71 -20.36 -35.75
CA VAL C 91 -8.54 -21.43 -35.22
C VAL C 91 -8.33 -22.73 -36.00
N ASP C 92 -8.18 -23.84 -35.28
CA ASP C 92 -8.04 -25.14 -35.88
C ASP C 92 -9.44 -25.74 -35.76
N PRO C 93 -10.30 -25.66 -36.82
CA PRO C 93 -11.69 -26.13 -36.66
C PRO C 93 -11.83 -27.58 -36.22
N GLN C 94 -10.93 -28.44 -36.68
CA GLN C 94 -10.94 -29.87 -36.35
C GLN C 94 -10.73 -30.08 -34.86
N ALA C 95 -9.79 -29.34 -34.27
CA ALA C 95 -9.49 -29.48 -32.85
C ALA C 95 -10.31 -28.58 -31.94
N LYS C 96 -11.07 -27.62 -32.51
CA LYS C 96 -11.86 -26.62 -31.78
C LYS C 96 -10.94 -25.86 -30.81
N SER C 97 -9.74 -25.51 -31.27
CA SER C 97 -8.76 -24.83 -30.43
C SER C 97 -8.18 -23.62 -31.17
N GLY C 98 -7.53 -22.73 -30.44
CA GLY C 98 -6.94 -21.55 -31.03
C GLY C 98 -6.95 -20.33 -30.13
N PHE C 99 -6.78 -19.20 -30.75
CA PHE C 99 -6.72 -17.95 -30.06
C PHE C 99 -7.30 -16.83 -30.86
N VAL C 100 -7.91 -15.87 -30.16
CA VAL C 100 -8.54 -14.71 -30.74
C VAL C 100 -8.08 -13.48 -29.97
N LYS C 101 -7.50 -12.51 -30.66
CA LYS C 101 -7.03 -11.30 -30.03
C LYS C 101 -8.01 -10.16 -30.32
N PHE C 102 -8.34 -9.39 -29.28
CA PHE C 102 -9.25 -8.25 -29.34
C PHE C 102 -8.50 -6.96 -29.00
N GLY C 103 -9.19 -5.84 -29.19
CA GLY C 103 -8.65 -4.52 -28.88
C GLY C 103 -9.63 -3.67 -28.07
N GLY C 104 -9.17 -2.50 -27.69
CA GLY C 104 -9.99 -1.57 -26.91
C GLY C 104 -9.56 -1.47 -25.47
N THR C 105 -10.03 -0.46 -24.76
CA THR C 105 -9.73 -0.29 -23.35
C THR C 105 -10.98 0.07 -22.60
N MET C 106 -11.07 -0.41 -21.37
CA MET C 106 -12.14 -0.09 -20.44
C MET C 106 -11.44 0.57 -19.26
N ARG C 107 -11.83 1.80 -18.88
CA ARG C 107 -11.29 2.43 -17.67
C ARG C 107 -12.38 2.55 -16.63
N PHE C 108 -12.15 2.06 -15.40
CA PHE C 108 -13.09 2.14 -14.31
C PHE C 108 -12.57 3.13 -13.29
N SER C 109 -13.34 4.21 -13.00
CA SER C 109 -12.93 5.23 -12.03
C SER C 109 -13.91 5.21 -10.84
N GLY C 110 -13.40 5.47 -9.65
CA GLY C 110 -14.23 5.48 -8.45
C GLY C 110 -13.52 6.07 -7.24
N HIS C 111 -14.25 6.27 -6.12
CA HIS C 111 -13.73 6.82 -4.86
C HIS C 111 -12.88 8.07 -5.10
N HIS C 112 -13.41 9.01 -5.90
CA HIS C 112 -12.77 10.25 -6.38
C HIS C 112 -11.35 10.03 -6.91
N GLY C 113 -11.17 9.03 -7.76
CA GLY C 113 -9.89 8.77 -8.37
C GLY C 113 -9.05 7.70 -7.71
N ILE C 114 -9.32 7.39 -6.41
CA ILE C 114 -8.62 6.33 -5.68
C ILE C 114 -8.65 5.01 -6.45
N LEU C 115 -9.81 4.65 -7.05
CA LEU C 115 -10.02 3.47 -7.90
C LEU C 115 -9.79 3.87 -9.38
N ASP C 116 -8.84 3.22 -10.03
CA ASP C 116 -8.53 3.51 -11.43
C ASP C 116 -8.02 2.23 -12.08
N LEU C 117 -8.95 1.38 -12.52
CA LEU C 117 -8.66 0.08 -13.14
C LEU C 117 -8.78 0.14 -14.68
N ASN C 118 -7.67 -0.08 -15.38
CA ASN C 118 -7.62 -0.08 -16.83
C ASN C 118 -7.48 -1.51 -17.37
N ILE C 119 -8.47 -2.02 -18.09
CA ILE C 119 -8.38 -3.34 -18.70
C ILE C 119 -8.38 -3.16 -20.20
N SER C 120 -7.33 -3.63 -20.91
CA SER C 120 -7.15 -3.39 -22.34
C SER C 120 -6.78 -4.63 -23.17
N ASN C 121 -7.10 -4.61 -24.48
CA ASN C 121 -6.77 -5.64 -25.45
C ASN C 121 -6.95 -7.09 -24.95
N PRO C 122 -8.20 -7.51 -24.63
CA PRO C 122 -8.39 -8.89 -24.17
C PRO C 122 -8.10 -9.91 -25.25
N GLU C 123 -7.59 -11.09 -24.86
CA GLU C 123 -7.22 -12.19 -25.75
C GLU C 123 -7.72 -13.47 -25.14
N ILE C 124 -8.07 -14.46 -25.96
CA ILE C 124 -8.46 -15.75 -25.42
C ILE C 124 -7.67 -16.87 -26.10
N VAL C 125 -7.36 -17.94 -25.35
CA VAL C 125 -6.80 -19.22 -25.82
C VAL C 125 -7.89 -20.22 -25.45
N PHE C 126 -8.12 -21.23 -26.28
CA PHE C 126 -9.13 -22.24 -25.99
C PHE C 126 -8.79 -23.59 -26.58
N ASN C 127 -9.40 -24.67 -26.05
CA ASN C 127 -9.12 -26.02 -26.52
C ASN C 127 -10.36 -26.86 -26.81
N GLY C 128 -11.54 -26.34 -26.51
CA GLY C 128 -12.77 -27.09 -26.78
C GLY C 128 -13.62 -27.27 -25.55
N ALA C 129 -12.97 -27.24 -24.37
CA ALA C 129 -13.64 -27.39 -23.09
C ALA C 129 -13.30 -26.22 -22.16
N THR C 130 -12.03 -25.78 -22.21
CA THR C 130 -11.37 -24.85 -21.35
C THR C 130 -10.63 -23.80 -22.15
N GLY C 131 -10.37 -22.66 -21.51
CA GLY C 131 -9.62 -21.56 -22.08
C GLY C 131 -9.19 -20.56 -21.03
N THR C 132 -8.47 -19.51 -21.45
CA THR C 132 -8.08 -18.43 -20.56
C THR C 132 -8.32 -17.11 -21.25
N LEU C 133 -8.78 -16.11 -20.50
CA LEU C 133 -8.96 -14.76 -20.97
C LEU C 133 -7.81 -13.95 -20.37
N PHE C 134 -7.03 -13.31 -21.22
CA PHE C 134 -5.92 -12.47 -20.80
C PHE C 134 -6.26 -11.02 -21.13
N ALA C 135 -5.66 -10.09 -20.43
CA ALA C 135 -5.87 -8.68 -20.67
C ALA C 135 -4.68 -7.89 -20.15
N GLN C 136 -4.47 -6.68 -20.66
CA GLN C 136 -3.44 -5.81 -20.12
C GLN C 136 -4.11 -5.02 -18.97
N VAL C 137 -3.62 -5.18 -17.73
CA VAL C 137 -4.25 -4.53 -16.58
C VAL C 137 -3.36 -3.55 -15.86
N ARG C 138 -3.87 -2.32 -15.67
CA ARG C 138 -3.24 -1.27 -14.85
C ARG C 138 -4.27 -1.00 -13.73
N SER C 139 -3.86 -1.03 -12.45
CA SER C 139 -4.81 -0.79 -11.36
C SER C 139 -4.25 0.19 -10.31
N SER C 140 -4.95 0.37 -9.16
CA SER C 140 -4.51 1.21 -8.03
C SER C 140 -5.10 0.67 -6.72
N ASP C 141 -4.30 0.75 -5.64
CA ASP C 141 -4.67 0.26 -4.30
C ASP C 141 -5.62 1.20 -3.54
N MET C 142 -5.99 0.83 -2.29
CA MET C 142 -6.87 1.58 -1.40
C MET C 142 -6.45 3.03 -1.12
N GLU C 143 -5.16 3.34 -1.39
CA GLU C 143 -4.60 4.68 -1.20
C GLU C 143 -4.38 5.46 -2.52
N GLY C 144 -4.61 4.82 -3.66
CA GLY C 144 -4.49 5.44 -4.98
C GLY C 144 -3.25 5.14 -5.81
N LYS C 145 -2.21 4.51 -5.20
CA LYS C 145 -0.94 4.16 -5.90
C LYS C 145 -1.17 3.20 -7.07
N LYS C 146 -0.82 3.67 -8.29
CA LYS C 146 -1.01 2.92 -9.53
C LYS C 146 -0.02 1.74 -9.66
N SER C 147 -0.43 0.68 -10.36
CA SER C 147 0.38 -0.52 -10.55
C SER C 147 0.13 -1.10 -11.95
N ASP C 148 1.18 -1.51 -12.67
CA ASP C 148 1.06 -2.06 -14.02
C ASP C 148 1.28 -3.57 -14.03
N TYR C 149 0.18 -4.34 -14.08
CA TYR C 149 0.18 -5.80 -14.08
C TYR C 149 0.63 -6.43 -15.42
N GLY C 150 0.71 -5.61 -16.49
CA GLY C 150 1.05 -6.05 -17.84
C GLY C 150 -0.01 -6.95 -18.42
N ARG C 151 0.37 -7.86 -19.32
CA ARG C 151 -0.55 -8.85 -19.89
C ARG C 151 -0.73 -9.88 -18.78
N VAL C 152 -1.94 -10.05 -18.27
CA VAL C 152 -2.20 -10.93 -17.14
C VAL C 152 -3.38 -11.86 -17.41
N ALA C 153 -3.36 -13.08 -16.86
CA ALA C 153 -4.48 -14.01 -17.04
C ALA C 153 -5.55 -13.61 -16.02
N ILE C 154 -6.73 -13.19 -16.50
CA ILE C 154 -7.78 -12.73 -15.61
C ILE C 154 -8.94 -13.71 -15.46
N GLY C 155 -9.17 -14.54 -16.48
CA GLY C 155 -10.29 -15.45 -16.44
C GLY C 155 -10.01 -16.88 -16.82
N ASN C 156 -10.65 -17.80 -16.09
CA ASN C 156 -10.59 -19.21 -16.38
C ASN C 156 -11.92 -19.53 -17.08
N LEU C 157 -11.86 -19.90 -18.37
CA LEU C 157 -13.05 -20.17 -19.19
C LEU C 157 -13.42 -21.64 -19.23
N THR C 158 -14.74 -21.92 -19.24
CA THR C 158 -15.32 -23.25 -19.33
C THR C 158 -16.44 -23.09 -20.33
N PHE C 159 -16.24 -23.58 -21.55
CA PHE C 159 -17.22 -23.42 -22.61
C PHE C 159 -18.48 -24.27 -22.49
N SER C 160 -19.63 -23.60 -22.41
CA SER C 160 -20.97 -24.21 -22.48
C SER C 160 -21.13 -24.73 -23.92
N SER C 161 -20.65 -23.96 -24.93
CA SER C 161 -20.67 -24.30 -26.34
C SER C 161 -19.44 -23.75 -27.03
N LEU C 162 -18.93 -24.52 -28.00
CA LEU C 162 -17.81 -24.11 -28.82
C LEU C 162 -18.01 -24.77 -30.15
N ASN C 163 -18.19 -23.97 -31.18
CA ASN C 163 -18.40 -24.47 -32.53
C ASN C 163 -17.37 -23.86 -33.45
N ALA C 164 -16.96 -24.61 -34.47
CA ALA C 164 -15.98 -24.15 -35.44
C ALA C 164 -16.21 -24.92 -36.71
N SER C 165 -16.17 -24.19 -37.83
CA SER C 165 -16.33 -24.65 -39.20
C SER C 165 -15.20 -24.02 -40.05
N GLU C 166 -15.17 -24.27 -41.35
CA GLU C 166 -14.14 -23.74 -42.25
C GLU C 166 -14.10 -22.19 -42.26
N THR C 167 -15.27 -21.55 -42.15
CA THR C 167 -15.41 -20.09 -42.24
C THR C 167 -15.72 -19.33 -40.94
N ALA C 168 -15.99 -20.03 -39.83
CA ALA C 168 -16.36 -19.35 -38.59
C ALA C 168 -16.09 -20.18 -37.32
N ALA C 169 -15.97 -19.51 -36.17
CA ALA C 169 -15.82 -20.12 -34.84
C ALA C 169 -16.65 -19.28 -33.85
N SER C 170 -17.30 -19.91 -32.89
CA SER C 170 -18.10 -19.19 -31.89
C SER C 170 -18.14 -19.97 -30.59
N GLY C 171 -18.42 -19.28 -29.49
CA GLY C 171 -18.50 -19.95 -28.20
C GLY C 171 -18.98 -19.08 -27.06
N LYS C 172 -19.49 -19.72 -26.02
CA LYS C 172 -19.91 -19.04 -24.81
C LYS C 172 -19.29 -19.78 -23.66
N ALA C 173 -18.60 -19.07 -22.77
CA ALA C 173 -17.94 -19.70 -21.64
C ALA C 173 -18.27 -19.03 -20.32
N THR C 174 -18.48 -19.83 -19.26
CA THR C 174 -18.61 -19.24 -17.93
C THR C 174 -17.18 -18.90 -17.49
N MET C 175 -17.03 -17.98 -16.54
CA MET C 175 -15.73 -17.51 -16.13
C MET C 175 -15.55 -17.44 -14.61
N THR C 176 -14.34 -17.75 -14.15
CA THR C 176 -13.92 -17.59 -12.76
C THR C 176 -12.65 -16.75 -12.72
N LEU C 177 -12.46 -15.98 -11.66
CA LEU C 177 -11.31 -15.11 -11.52
C LEU C 177 -10.01 -15.90 -11.38
N HIS C 178 -9.08 -15.67 -12.30
CA HIS C 178 -7.78 -16.30 -12.30
C HIS C 178 -6.96 -15.68 -11.14
N PRO C 179 -6.20 -16.49 -10.38
CA PRO C 179 -5.41 -15.94 -9.28
C PRO C 179 -4.54 -14.73 -9.68
N ASP C 180 -3.99 -14.76 -10.91
CA ASP C 180 -3.13 -13.70 -11.45
C ASP C 180 -3.82 -12.35 -11.62
N GLY C 181 -5.13 -12.35 -11.72
CA GLY C 181 -5.89 -11.13 -11.92
C GLY C 181 -6.63 -10.65 -10.68
N ALA C 182 -6.52 -11.36 -9.56
CA ALA C 182 -7.21 -10.99 -8.34
C ALA C 182 -6.68 -9.71 -7.71
N GLY C 183 -5.39 -9.43 -7.86
CA GLY C 183 -4.78 -8.22 -7.33
C GLY C 183 -5.36 -6.93 -7.93
N ALA C 184 -5.81 -6.97 -9.19
CA ALA C 184 -6.40 -5.80 -9.83
C ALA C 184 -7.71 -5.36 -9.16
N PHE C 185 -8.39 -6.30 -8.45
CA PHE C 185 -9.65 -5.99 -7.77
C PHE C 185 -9.44 -5.69 -6.28
N ALA C 186 -8.24 -5.21 -5.91
CA ALA C 186 -7.83 -4.76 -4.60
C ALA C 186 -8.12 -5.71 -3.45
N GLY C 187 -8.13 -7.01 -3.72
CA GLY C 187 -8.39 -7.99 -2.67
C GLY C 187 -9.85 -8.26 -2.36
N PHE C 188 -10.75 -7.56 -3.06
CA PHE C 188 -12.20 -7.70 -2.88
C PHE C 188 -12.78 -8.98 -3.45
N TYR C 189 -12.13 -9.52 -4.49
CA TYR C 189 -12.57 -10.76 -5.10
C TYR C 189 -11.54 -11.82 -4.82
N GLU C 190 -12.03 -13.02 -4.57
CA GLU C 190 -11.17 -14.16 -4.35
C GLU C 190 -10.88 -14.84 -5.67
N ALA C 191 -9.75 -15.56 -5.72
CA ALA C 191 -9.40 -16.37 -6.87
C ALA C 191 -10.45 -17.50 -6.95
N GLY C 192 -10.92 -17.79 -8.15
CA GLY C 192 -11.95 -18.80 -8.36
C GLY C 192 -13.38 -18.32 -8.20
N SER C 193 -13.57 -17.06 -7.83
CA SER C 193 -14.92 -16.51 -7.71
C SER C 193 -15.51 -16.27 -9.11
N ASP C 194 -16.84 -16.36 -9.25
CA ASP C 194 -17.49 -16.21 -10.53
C ASP C 194 -17.43 -14.82 -11.12
N LEU C 195 -17.14 -14.73 -12.41
CA LEU C 195 -17.14 -13.49 -13.19
C LEU C 195 -18.27 -13.61 -14.24
N ASP C 196 -18.51 -12.56 -15.03
CA ASP C 196 -19.52 -12.62 -16.08
C ASP C 196 -19.08 -13.53 -17.21
N PRO C 197 -20.02 -14.26 -17.83
CA PRO C 197 -19.63 -15.15 -18.94
C PRO C 197 -19.20 -14.36 -20.17
N ILE C 198 -18.43 -15.00 -21.05
CA ILE C 198 -17.96 -14.35 -22.25
C ILE C 198 -18.53 -15.04 -23.48
N THR C 199 -18.87 -14.26 -24.49
CA THR C 199 -19.39 -14.77 -25.76
C THR C 199 -18.48 -14.26 -26.86
N PHE C 200 -18.12 -15.10 -27.82
CA PHE C 200 -17.29 -14.67 -28.93
C PHE C 200 -17.73 -15.32 -30.24
N ASP C 201 -17.40 -14.68 -31.34
CA ASP C 201 -17.58 -15.19 -32.69
C ASP C 201 -16.44 -14.66 -33.54
N ALA C 202 -15.99 -15.46 -34.49
CA ALA C 202 -14.90 -15.09 -35.34
C ALA C 202 -15.14 -15.54 -36.75
N GLN C 203 -14.60 -14.76 -37.66
CA GLN C 203 -14.64 -15.01 -39.06
C GLN C 203 -13.27 -15.58 -39.43
N LEU C 204 -13.28 -16.72 -40.12
CA LEU C 204 -12.08 -17.40 -40.57
C LEU C 204 -11.99 -17.15 -42.06
N GLY C 205 -10.91 -16.53 -42.50
CA GLY C 205 -10.74 -16.19 -43.90
C GLY C 205 -11.74 -15.16 -44.34
N GLY C 206 -12.04 -15.15 -45.61
CA GLY C 206 -12.96 -14.20 -46.19
C GLY C 206 -12.47 -13.74 -47.54
N GLY C 207 -13.39 -13.23 -48.39
CA GLY C 207 -13.03 -12.75 -49.71
C GLY C 207 -12.09 -11.58 -49.60
N LYS C 208 -10.82 -11.81 -49.94
CA LYS C 208 -9.76 -10.81 -49.80
C LYS C 208 -9.64 -9.83 -50.97
N LEU C 209 -9.71 -8.53 -50.66
CA LEU C 209 -9.50 -7.43 -51.61
C LEU C 209 -8.21 -6.74 -51.19
N THR C 210 -7.32 -6.40 -52.13
CA THR C 210 -6.12 -5.64 -51.83
C THR C 210 -6.04 -4.57 -52.90
N LEU C 211 -6.23 -3.30 -52.54
CA LEU C 211 -6.28 -2.21 -53.52
C LEU C 211 -5.54 -0.97 -53.05
N LYS C 212 -5.04 -0.18 -54.00
CA LYS C 212 -4.40 1.10 -53.73
C LYS C 212 -5.08 2.17 -54.59
N PHE C 213 -5.53 3.24 -53.95
CA PHE C 213 -6.22 4.35 -54.59
C PHE C 213 -5.39 5.60 -54.54
N ILE C 214 -5.43 6.39 -55.61
CA ILE C 214 -4.69 7.63 -55.70
C ILE C 214 -5.64 8.75 -56.13
N CYS C 215 -5.54 9.93 -55.48
CA CYS C 215 -6.33 11.07 -55.93
C CYS C 215 -5.53 11.67 -57.07
N THR C 216 -6.07 11.61 -58.30
CA THR C 216 -5.37 12.09 -59.48
C THR C 216 -5.47 13.61 -59.72
N THR C 217 -6.27 14.30 -58.91
CA THR C 217 -6.47 15.75 -59.05
C THR C 217 -5.74 16.60 -57.99
N GLY C 218 -4.96 15.95 -57.13
CA GLY C 218 -4.22 16.65 -56.09
C GLY C 218 -4.64 16.14 -54.73
N LYS C 219 -5.00 17.07 -53.82
CA LYS C 219 -5.46 16.71 -52.48
C LYS C 219 -6.93 16.34 -52.54
N LEU C 220 -7.31 15.21 -51.90
CA LEU C 220 -8.69 14.75 -51.85
C LEU C 220 -9.46 15.73 -50.94
N PRO C 221 -10.59 16.31 -51.41
CA PRO C 221 -11.32 17.29 -50.59
C PRO C 221 -12.20 16.72 -49.48
N VAL C 222 -12.30 15.39 -49.39
CA VAL C 222 -13.06 14.70 -48.35
C VAL C 222 -12.16 13.63 -47.73
N PRO C 223 -12.45 13.15 -46.50
CA PRO C 223 -11.61 12.10 -45.92
C PRO C 223 -11.71 10.80 -46.70
N TRP C 224 -10.57 10.11 -46.88
CA TRP C 224 -10.50 8.81 -47.54
C TRP C 224 -11.50 7.81 -46.98
N PRO C 225 -11.66 7.65 -45.63
CA PRO C 225 -12.65 6.70 -45.13
C PRO C 225 -14.08 6.89 -45.63
N THR C 226 -14.49 8.14 -45.94
CA THR C 226 -15.85 8.39 -46.45
C THR C 226 -16.10 7.78 -47.83
N LEU C 227 -15.03 7.44 -48.57
CA LEU C 227 -15.12 6.89 -49.92
C LEU C 227 -14.98 5.38 -49.99
N VAL C 228 -14.64 4.70 -48.89
CA VAL C 228 -14.43 3.25 -48.89
C VAL C 228 -15.61 2.47 -49.48
N THR C 229 -16.84 2.70 -48.98
CA THR C 229 -17.98 1.95 -49.48
C THR C 229 -18.23 2.21 -50.98
N THR C 230 -17.93 3.42 -51.47
CA THR C 230 -18.16 3.76 -52.87
C THR C 230 -17.14 3.06 -53.75
N LEU C 231 -15.87 3.08 -53.34
CA LEU C 231 -14.77 2.49 -54.08
C LEU C 231 -14.81 0.97 -54.06
N VAL C 233 -17.14 -3.31 -54.81
CA VAL C 233 -16.99 -4.50 -55.63
C VAL C 233 -17.38 -5.74 -54.82
N GLN C 234 -18.66 -5.78 -54.38
CA GLN C 234 -19.20 -6.83 -53.53
C GLN C 234 -19.28 -8.20 -54.17
N CYS C 235 -18.97 -8.30 -55.48
CA CYS C 235 -18.84 -9.58 -56.18
C CYS C 235 -17.64 -10.39 -55.62
N PHE C 236 -16.71 -9.74 -54.88
CA PHE C 236 -15.57 -10.40 -54.26
C PHE C 236 -15.87 -10.96 -52.86
N SER C 237 -17.15 -10.98 -52.44
CA SER C 237 -17.51 -11.54 -51.15
C SER C 237 -17.40 -13.05 -51.21
N ARG C 238 -17.03 -13.68 -50.09
CA ARG C 238 -16.96 -15.14 -50.06
C ARG C 238 -18.32 -15.66 -49.64
N TYR C 239 -19.01 -16.34 -50.55
CA TYR C 239 -20.29 -16.94 -50.21
C TYR C 239 -20.02 -18.38 -49.85
N PRO C 240 -20.34 -18.80 -48.62
CA PRO C 240 -20.17 -20.21 -48.24
C PRO C 240 -20.92 -21.14 -49.20
N ASP C 241 -20.45 -22.37 -49.35
CA ASP C 241 -21.05 -23.36 -50.25
C ASP C 241 -22.59 -23.45 -50.14
N HIS C 242 -23.11 -23.52 -48.91
CA HIS C 242 -24.55 -23.62 -48.67
C HIS C 242 -25.36 -22.34 -48.99
N MET C 243 -24.68 -21.23 -49.29
CA MET C 243 -25.32 -19.95 -49.62
C MET C 243 -25.05 -19.47 -51.05
N LYS C 244 -24.40 -20.29 -51.89
CA LYS C 244 -24.02 -19.85 -53.22
C LYS C 244 -25.20 -19.49 -54.13
N GLN C 245 -26.39 -20.03 -53.84
CA GLN C 245 -27.59 -19.70 -54.61
C GLN C 245 -28.14 -18.29 -54.27
N HIS C 246 -27.49 -17.57 -53.33
CA HIS C 246 -27.89 -16.23 -52.90
C HIS C 246 -26.90 -15.13 -53.32
N ASP C 247 -25.93 -15.45 -54.19
CA ASP C 247 -24.93 -14.50 -54.63
C ASP C 247 -25.38 -13.80 -55.91
N PHE C 248 -26.09 -12.67 -55.74
CA PHE C 248 -26.57 -11.88 -56.85
C PHE C 248 -25.38 -11.33 -57.64
N PHE C 249 -24.38 -10.79 -56.93
CA PHE C 249 -23.25 -10.08 -57.48
C PHE C 249 -22.52 -10.84 -58.57
N LYS C 250 -22.12 -12.09 -58.27
CA LYS C 250 -21.41 -12.90 -59.26
C LYS C 250 -22.35 -13.37 -60.37
N SER C 251 -23.64 -13.62 -60.05
CA SER C 251 -24.61 -14.08 -61.07
C SER C 251 -24.84 -13.05 -62.19
N ALA C 252 -24.61 -11.78 -61.90
CA ALA C 252 -24.76 -10.71 -62.89
C ALA C 252 -23.55 -10.60 -63.83
N MET C 253 -22.44 -11.31 -63.54
CA MET C 253 -21.20 -11.25 -64.30
C MET C 253 -21.20 -12.19 -65.50
N PRO C 254 -20.48 -11.84 -66.59
CA PRO C 254 -19.58 -10.68 -66.74
C PRO C 254 -20.20 -9.35 -67.15
N GLU C 255 -21.48 -9.36 -67.60
CA GLU C 255 -22.18 -8.14 -68.04
C GLU C 255 -22.19 -7.06 -66.98
N GLY C 256 -22.32 -7.48 -65.72
CA GLY C 256 -22.23 -6.62 -64.57
C GLY C 256 -23.52 -6.09 -64.01
N TYR C 257 -23.39 -5.14 -63.08
CA TYR C 257 -24.54 -4.50 -62.47
C TYR C 257 -24.30 -3.02 -62.25
N VAL C 258 -25.38 -2.30 -62.06
CA VAL C 258 -25.38 -0.90 -61.71
C VAL C 258 -25.59 -0.85 -60.20
N GLN C 259 -24.75 -0.13 -59.48
CA GLN C 259 -24.88 0.03 -58.04
C GLN C 259 -25.13 1.50 -57.75
N GLU C 260 -26.26 1.81 -57.11
CA GLU C 260 -26.61 3.19 -56.76
C GLU C 260 -26.76 3.33 -55.26
N ARG C 261 -26.28 4.45 -54.70
CA ARG C 261 -26.39 4.71 -53.28
C ARG C 261 -26.75 6.16 -52.95
N THR C 262 -27.29 6.34 -51.74
CA THR C 262 -27.53 7.62 -51.10
C THR C 262 -26.98 7.41 -49.70
N ILE C 263 -25.93 8.17 -49.35
CA ILE C 263 -25.26 8.07 -48.06
C ILE C 263 -25.51 9.36 -47.32
N PHE C 264 -26.22 9.28 -46.20
CA PHE C 264 -26.53 10.44 -45.39
C PHE C 264 -25.58 10.54 -44.22
N PHE C 265 -24.75 11.60 -44.18
CA PHE C 265 -23.85 11.80 -43.04
C PHE C 265 -24.65 12.55 -42.00
N LYS C 266 -24.80 11.96 -40.80
CA LYS C 266 -25.60 12.56 -39.72
C LYS C 266 -25.12 13.96 -39.39
N ASP C 267 -26.07 14.91 -39.31
CA ASP C 267 -25.76 16.31 -39.02
C ASP C 267 -24.83 16.96 -40.06
N ASP C 268 -24.75 16.39 -41.27
CA ASP C 268 -23.94 16.93 -42.35
C ASP C 268 -24.58 16.62 -43.74
N GLY C 269 -23.83 16.73 -44.82
CA GLY C 269 -24.35 16.50 -46.15
C GLY C 269 -24.54 15.05 -46.55
N ASN C 270 -24.77 14.84 -47.85
CA ASN C 270 -24.99 13.50 -48.37
C ASN C 270 -24.26 13.25 -49.67
N TYR C 271 -23.93 11.98 -49.93
CA TYR C 271 -23.37 11.56 -51.21
C TYR C 271 -24.48 10.81 -51.98
N LYS C 272 -24.46 10.94 -53.29
CA LYS C 272 -25.29 10.16 -54.18
C LYS C 272 -24.34 9.58 -55.21
N THR C 273 -24.31 8.25 -55.33
CA THR C 273 -23.39 7.60 -56.25
C THR C 273 -24.08 6.70 -57.26
N ARG C 274 -23.52 6.62 -58.45
CA ARG C 274 -23.96 5.68 -59.48
C ARG C 274 -22.71 5.01 -60.02
N ALA C 275 -22.66 3.69 -59.98
CA ALA C 275 -21.51 2.95 -60.45
C ALA C 275 -21.90 1.79 -61.36
N GLU C 276 -21.00 1.39 -62.24
CA GLU C 276 -21.17 0.22 -63.07
C GLU C 276 -20.00 -0.70 -62.76
N VAL C 277 -20.32 -1.92 -62.34
CA VAL C 277 -19.32 -2.93 -61.97
C VAL C 277 -19.45 -4.07 -62.99
N LYS C 278 -18.45 -4.26 -63.82
CA LYS C 278 -18.49 -5.28 -64.86
C LYS C 278 -17.07 -5.67 -65.27
N PHE C 279 -16.94 -6.75 -66.06
CA PHE C 279 -15.63 -7.14 -66.58
C PHE C 279 -15.35 -6.41 -67.88
N GLU C 280 -14.14 -5.94 -68.00
CA GLU C 280 -13.61 -5.33 -69.21
C GLU C 280 -12.38 -6.20 -69.49
N GLY C 281 -12.59 -7.22 -70.31
CA GLY C 281 -11.57 -8.22 -70.58
C GLY C 281 -11.44 -9.08 -69.35
N ASP C 282 -10.21 -9.27 -68.87
CA ASP C 282 -9.98 -10.05 -67.65
C ASP C 282 -10.07 -9.28 -66.35
N THR C 283 -10.27 -7.97 -66.44
CA THR C 283 -10.29 -7.07 -65.30
C THR C 283 -11.69 -6.69 -64.83
N LEU C 284 -11.91 -6.75 -63.51
CA LEU C 284 -13.18 -6.30 -62.95
C LEU C 284 -13.05 -4.79 -62.71
N VAL C 285 -13.91 -4.01 -63.37
CA VAL C 285 -13.89 -2.56 -63.32
C VAL C 285 -15.08 -1.95 -62.57
N ASN C 286 -14.80 -1.01 -61.68
CA ASN C 286 -15.82 -0.28 -60.94
C ASN C 286 -15.70 1.19 -61.34
N ARG C 287 -16.62 1.71 -62.17
CA ARG C 287 -16.62 3.10 -62.62
C ARG C 287 -17.72 3.84 -61.92
N ILE C 288 -17.37 4.88 -61.13
CA ILE C 288 -18.32 5.61 -60.30
C ILE C 288 -18.43 7.10 -60.63
N GLU C 289 -19.62 7.64 -60.37
CA GLU C 289 -19.95 9.06 -60.41
C GLU C 289 -20.46 9.37 -59.00
N LEU C 290 -19.88 10.37 -58.34
CA LEU C 290 -20.28 10.72 -56.98
C LEU C 290 -20.64 12.20 -56.91
N LYS C 291 -21.75 12.53 -56.26
CA LYS C 291 -22.18 13.91 -56.08
C LYS C 291 -22.49 14.15 -54.60
N GLY C 292 -21.79 15.07 -53.98
CA GLY C 292 -21.98 15.41 -52.58
C GLY C 292 -22.50 16.82 -52.43
N ILE C 293 -23.56 17.00 -51.65
CA ILE C 293 -24.15 18.31 -51.44
C ILE C 293 -24.48 18.52 -49.94
N ASP C 294 -24.65 19.79 -49.54
CA ASP C 294 -25.06 20.22 -48.21
C ASP C 294 -24.07 19.94 -47.11
N PHE C 295 -22.79 19.83 -47.45
CA PHE C 295 -21.76 19.60 -46.44
C PHE C 295 -21.39 20.89 -45.75
N LYS C 296 -21.10 20.82 -44.44
CA LYS C 296 -20.70 21.99 -43.67
C LYS C 296 -19.24 22.26 -43.93
N GLU C 297 -18.87 23.53 -44.17
CA GLU C 297 -17.47 23.89 -44.46
C GLU C 297 -16.51 23.43 -43.36
N ASP C 298 -16.93 23.55 -42.09
CA ASP C 298 -16.11 23.09 -40.98
C ASP C 298 -16.68 21.87 -40.27
N GLY C 299 -17.39 21.03 -41.00
CA GLY C 299 -17.89 19.77 -40.47
C GLY C 299 -16.81 18.71 -40.46
N ASN C 300 -17.17 17.48 -40.09
CA ASN C 300 -16.20 16.38 -40.02
C ASN C 300 -15.67 15.94 -41.37
N ILE C 301 -16.46 16.15 -42.44
CA ILE C 301 -16.07 15.74 -43.77
C ILE C 301 -15.21 16.80 -44.46
N LEU C 302 -15.74 17.99 -44.77
CA LEU C 302 -14.95 19.04 -45.40
C LEU C 302 -13.84 19.58 -44.50
N GLY C 303 -14.00 19.47 -43.17
CA GLY C 303 -12.99 19.87 -42.22
C GLY C 303 -11.96 18.80 -41.89
N HIS C 304 -12.05 17.62 -42.53
CA HIS C 304 -11.14 16.48 -42.33
C HIS C 304 -10.90 16.17 -40.84
N LYS C 305 -11.97 15.88 -40.11
CA LYS C 305 -11.89 15.57 -38.68
C LYS C 305 -12.09 14.07 -38.38
N LEU C 306 -12.04 13.22 -39.41
CA LEU C 306 -12.22 11.79 -39.25
C LEU C 306 -10.89 11.07 -39.15
N GLU C 307 -10.79 10.13 -38.21
CA GLU C 307 -9.60 9.30 -38.07
C GLU C 307 -9.41 8.42 -39.34
N TYR C 308 -8.15 8.11 -39.67
CA TYR C 308 -7.80 7.27 -40.81
C TYR C 308 -7.83 5.82 -40.35
N ASN C 309 -9.03 5.29 -40.22
CA ASN C 309 -9.27 3.92 -39.81
C ASN C 309 -10.67 3.47 -40.27
N TYR C 310 -11.00 2.19 -40.06
CA TYR C 310 -12.28 1.68 -40.51
C TYR C 310 -12.79 0.59 -39.60
N ASN C 311 -14.08 0.60 -39.31
CA ASN C 311 -14.68 -0.39 -38.45
C ASN C 311 -15.26 -1.55 -39.27
N SER C 312 -15.69 -2.62 -38.61
CA SER C 312 -16.26 -3.78 -39.30
C SER C 312 -17.77 -3.67 -39.21
N HIS C 313 -18.46 -3.85 -40.34
CA HIS C 313 -19.91 -3.70 -40.38
C HIS C 313 -20.61 -4.93 -41.01
N ASN C 314 -21.93 -4.99 -40.83
CA ASN C 314 -22.77 -5.99 -41.45
C ASN C 314 -23.60 -5.25 -42.49
N VAL C 315 -23.55 -5.75 -43.73
CA VAL C 315 -24.25 -5.17 -44.86
C VAL C 315 -25.46 -6.02 -45.13
N TYR C 316 -26.67 -5.50 -44.91
CA TYR C 316 -27.88 -6.30 -45.05
C TYR C 316 -28.48 -6.27 -46.44
N ILE C 317 -28.65 -7.46 -47.03
CA ILE C 317 -29.14 -7.64 -48.39
C ILE C 317 -30.52 -8.29 -48.44
N MET C 318 -31.40 -7.74 -49.28
CA MET C 318 -32.74 -8.27 -49.55
C MET C 318 -32.97 -8.30 -51.06
N ALA C 319 -33.84 -9.20 -51.53
CA ALA C 319 -34.19 -9.24 -52.95
C ALA C 319 -35.15 -8.08 -53.25
N ASP C 320 -35.06 -7.58 -54.49
CA ASP C 320 -35.95 -6.55 -55.02
C ASP C 320 -36.44 -7.12 -56.36
N LYS C 321 -37.43 -8.02 -56.32
CA LYS C 321 -37.93 -8.75 -57.50
C LYS C 321 -38.44 -7.87 -58.64
N GLN C 322 -39.10 -6.75 -58.33
CA GLN C 322 -39.64 -5.84 -59.35
C GLN C 322 -38.56 -5.12 -60.18
N LYS C 323 -37.36 -4.96 -59.62
CA LYS C 323 -36.25 -4.38 -60.37
C LYS C 323 -35.20 -5.44 -60.80
N ASN C 324 -35.52 -6.74 -60.60
CA ASN C 324 -34.65 -7.88 -60.91
C ASN C 324 -33.28 -7.72 -60.24
N GLY C 325 -33.26 -7.17 -59.03
CA GLY C 325 -32.01 -6.97 -58.31
C GLY C 325 -32.13 -7.09 -56.81
N ILE C 326 -31.32 -6.30 -56.08
CA ILE C 326 -31.29 -6.31 -54.63
C ILE C 326 -31.36 -4.91 -54.02
N LYS C 327 -31.82 -4.82 -52.76
CA LYS C 327 -31.87 -3.60 -51.95
C LYS C 327 -30.97 -3.86 -50.76
N VAL C 328 -30.05 -2.93 -50.47
CA VAL C 328 -29.05 -3.11 -49.42
C VAL C 328 -29.06 -1.92 -48.44
N ASN C 329 -28.94 -2.19 -47.12
CA ASN C 329 -28.92 -1.15 -46.10
C ASN C 329 -27.87 -1.46 -45.04
N PHE C 330 -27.25 -0.40 -44.51
CA PHE C 330 -26.26 -0.51 -43.44
C PHE C 330 -25.85 0.87 -42.94
N LYS C 331 -25.33 0.91 -41.71
CA LYS C 331 -24.86 2.17 -41.10
C LYS C 331 -23.37 2.07 -40.85
N ILE C 332 -22.59 2.96 -41.46
CA ILE C 332 -21.16 3.01 -41.25
C ILE C 332 -20.86 3.97 -40.07
N ARG C 333 -19.96 3.57 -39.18
CA ARG C 333 -19.57 4.39 -38.05
C ARG C 333 -18.12 4.88 -38.27
N HIS C 334 -17.93 6.18 -38.56
CA HIS C 334 -16.60 6.74 -38.78
C HIS C 334 -16.10 7.37 -37.50
N ASN C 335 -14.94 6.96 -36.99
CA ASN C 335 -14.39 7.55 -35.77
C ASN C 335 -14.00 8.99 -36.02
N ILE C 336 -14.38 9.88 -35.11
CA ILE C 336 -14.00 11.28 -35.19
C ILE C 336 -12.78 11.46 -34.29
N GLU C 337 -11.87 12.36 -34.67
CA GLU C 337 -10.63 12.63 -33.95
C GLU C 337 -10.85 13.04 -32.48
N ASP C 338 -12.05 13.56 -32.14
CA ASP C 338 -12.32 13.94 -30.74
C ASP C 338 -12.83 12.81 -29.85
N GLY C 339 -12.94 11.61 -30.39
CA GLY C 339 -13.44 10.46 -29.63
C GLY C 339 -14.87 10.07 -29.96
N SER C 340 -15.58 10.93 -30.71
CA SER C 340 -16.97 10.62 -31.05
C SER C 340 -17.07 9.82 -32.36
N VAL C 341 -18.29 9.62 -32.87
CA VAL C 341 -18.55 8.85 -34.08
C VAL C 341 -19.46 9.65 -35.04
N GLN C 342 -19.12 9.64 -36.32
CA GLN C 342 -19.87 10.28 -37.39
C GLN C 342 -20.59 9.13 -38.13
N LEU C 343 -21.92 9.09 -38.05
CA LEU C 343 -22.70 8.06 -38.71
C LEU C 343 -22.92 8.39 -40.16
N ALA C 344 -22.82 7.38 -41.03
CA ALA C 344 -23.08 7.52 -42.46
C ALA C 344 -24.09 6.44 -42.83
N ASP C 345 -25.36 6.83 -42.96
CA ASP C 345 -26.47 5.94 -43.28
C ASP C 345 -26.49 5.60 -44.75
N HIS C 346 -26.32 4.30 -45.09
CA HIS C 346 -26.26 3.84 -46.48
C HIS C 346 -27.54 3.17 -46.95
N TYR C 347 -28.01 3.62 -48.13
CA TYR C 347 -29.17 3.12 -48.85
C TYR C 347 -28.67 2.72 -50.22
N GLN C 348 -28.86 1.46 -50.64
CA GLN C 348 -28.27 0.97 -51.87
C GLN C 348 -29.21 0.11 -52.71
N GLN C 349 -29.02 0.17 -54.04
CA GLN C 349 -29.76 -0.62 -55.01
C GLN C 349 -28.82 -1.17 -56.09
N ASN C 350 -28.97 -2.46 -56.43
CA ASN C 350 -28.17 -3.05 -57.50
C ASN C 350 -29.09 -3.70 -58.51
N THR C 351 -28.90 -3.39 -59.78
CA THR C 351 -29.70 -3.98 -60.85
C THR C 351 -28.76 -4.47 -61.94
N PRO C 352 -29.07 -5.62 -62.55
CA PRO C 352 -28.18 -6.16 -63.59
C PRO C 352 -28.13 -5.31 -64.86
N ILE C 353 -26.97 -5.30 -65.52
CA ILE C 353 -26.78 -4.59 -66.79
C ILE C 353 -27.31 -5.45 -67.94
N GLY C 354 -26.99 -6.74 -67.93
CA GLY C 354 -27.46 -7.67 -68.96
C GLY C 354 -28.91 -8.04 -68.79
N ASP C 355 -29.47 -8.71 -69.80
CA ASP C 355 -30.86 -9.15 -69.75
C ASP C 355 -31.03 -10.60 -69.25
N GLY C 356 -29.92 -11.28 -68.94
CA GLY C 356 -29.95 -12.66 -68.49
C GLY C 356 -30.40 -12.84 -67.06
N PRO C 357 -30.65 -14.09 -66.66
CA PRO C 357 -31.13 -14.36 -65.30
C PRO C 357 -30.09 -14.15 -64.22
N VAL C 358 -30.54 -13.63 -63.09
CA VAL C 358 -29.69 -13.42 -61.93
C VAL C 358 -30.27 -14.13 -60.70
N LEU C 359 -29.46 -14.29 -59.65
CA LEU C 359 -29.90 -14.91 -58.41
C LEU C 359 -30.52 -13.83 -57.51
N LEU C 360 -31.81 -13.98 -57.20
CA LEU C 360 -32.49 -13.05 -56.31
C LEU C 360 -32.46 -13.75 -54.96
N PRO C 361 -31.70 -13.19 -54.01
CA PRO C 361 -31.44 -13.89 -52.76
C PRO C 361 -32.46 -13.79 -51.65
N ASP C 362 -32.38 -14.76 -50.73
CA ASP C 362 -33.13 -14.67 -49.49
C ASP C 362 -32.36 -13.64 -48.64
N ASN C 363 -33.02 -13.08 -47.62
CA ASN C 363 -32.38 -12.10 -46.74
C ASN C 363 -31.15 -12.69 -46.07
N HIS C 364 -30.03 -11.99 -46.17
CA HIS C 364 -28.77 -12.37 -45.58
C HIS C 364 -27.89 -11.11 -45.41
N TYR C 365 -26.65 -11.27 -44.94
CA TYR C 365 -25.75 -10.14 -44.77
C TYR C 365 -24.32 -10.49 -45.13
N LEU C 366 -23.51 -9.45 -45.36
CA LEU C 366 -22.10 -9.61 -45.63
C LEU C 366 -21.37 -9.03 -44.43
N SER C 367 -20.48 -9.81 -43.85
CA SER C 367 -19.67 -9.40 -42.71
C SER C 367 -18.40 -8.81 -43.31
N THR C 368 -18.23 -7.49 -43.24
CA THR C 368 -17.08 -6.83 -43.87
C THR C 368 -16.08 -6.34 -42.86
N GLN C 369 -14.82 -6.40 -43.24
CA GLN C 369 -13.71 -5.93 -42.42
C GLN C 369 -12.81 -5.15 -43.35
N SER C 370 -12.38 -3.93 -42.94
CA SER C 370 -11.48 -3.13 -43.75
C SER C 370 -10.34 -2.57 -42.91
N ALA C 371 -9.14 -2.51 -43.50
CA ALA C 371 -7.96 -1.96 -42.84
C ALA C 371 -7.34 -0.95 -43.78
N LEU C 372 -7.13 0.27 -43.29
CA LEU C 372 -6.57 1.33 -44.12
C LEU C 372 -5.12 1.56 -43.75
N SER C 373 -4.28 1.78 -44.77
CA SER C 373 -2.86 2.02 -44.56
C SER C 373 -2.30 2.98 -45.63
N LYS C 374 -1.00 3.31 -45.54
CA LYS C 374 -0.34 4.16 -46.50
C LYS C 374 0.90 3.44 -47.05
N ASP C 375 1.25 3.74 -48.31
CA ASP C 375 2.43 3.25 -48.99
C ASP C 375 3.52 4.26 -48.64
N PRO C 376 4.56 3.80 -47.95
CA PRO C 376 5.61 4.74 -47.52
C PRO C 376 6.36 5.44 -48.65
N ASN C 377 6.29 4.89 -49.87
CA ASN C 377 6.96 5.49 -51.01
C ASN C 377 6.05 6.30 -51.93
N GLU C 378 4.77 6.43 -51.57
CA GLU C 378 3.82 7.18 -52.37
C GLU C 378 3.69 8.61 -51.87
N LYS C 379 4.07 9.58 -52.73
CA LYS C 379 4.01 11.01 -52.41
C LYS C 379 2.64 11.62 -52.70
N ARG C 380 1.83 11.00 -53.58
CA ARG C 380 0.49 11.52 -53.87
C ARG C 380 -0.49 11.20 -52.72
N ASP C 381 -1.63 11.89 -52.68
CA ASP C 381 -2.67 11.62 -51.69
C ASP C 381 -3.27 10.28 -52.07
N HIS C 382 -3.21 9.30 -51.16
CA HIS C 382 -3.62 7.95 -51.50
C HIS C 382 -4.20 7.14 -50.33
N MET C 383 -4.70 5.93 -50.61
CA MET C 383 -5.22 5.04 -49.60
C MET C 383 -4.94 3.60 -50.01
N VAL C 384 -4.35 2.82 -49.13
CA VAL C 384 -4.16 1.40 -49.34
C VAL C 384 -5.24 0.71 -48.49
N LEU C 385 -5.99 -0.19 -49.10
CA LEU C 385 -7.10 -0.84 -48.45
C LEU C 385 -7.00 -2.36 -48.58
N LYS C 386 -7.22 -3.07 -47.47
CA LYS C 386 -7.25 -4.52 -47.39
C LYS C 386 -8.61 -4.87 -46.77
N GLU C 387 -9.42 -5.65 -47.47
CA GLU C 387 -10.75 -6.03 -47.00
C GLU C 387 -10.96 -7.54 -46.98
N PHE C 388 -11.83 -8.02 -46.10
CA PHE C 388 -12.20 -9.43 -45.98
C PHE C 388 -13.70 -9.47 -45.80
N VAL C 389 -14.42 -10.10 -46.74
CA VAL C 389 -15.88 -10.12 -46.68
C VAL C 389 -16.44 -11.53 -46.79
N THR C 390 -17.33 -11.91 -45.86
CA THR C 390 -17.95 -13.22 -45.89
C THR C 390 -19.46 -13.11 -45.77
N ALA C 391 -20.21 -13.82 -46.62
CA ALA C 391 -21.66 -13.83 -46.51
C ALA C 391 -22.08 -14.74 -45.36
N ALA C 392 -23.13 -14.36 -44.66
CA ALA C 392 -23.64 -15.09 -43.50
C ALA C 392 -25.18 -14.79 -43.31
N GLY C 393 -25.84 -15.43 -42.33
CA GLY C 393 -27.24 -15.15 -42.06
C GLY C 393 -28.23 -16.21 -42.51
N ILE C 394 -27.78 -17.19 -43.29
CA ILE C 394 -28.63 -18.28 -43.77
C ILE C 394 -28.08 -19.60 -43.21
N MET D 1 16.81 -13.16 2.02
CA MET D 1 17.22 -12.58 0.73
C MET D 1 18.64 -11.99 0.77
N SER D 2 19.27 -11.79 -0.40
CA SER D 2 20.59 -11.15 -0.43
C SER D 2 20.43 -9.64 -0.17
N LYS D 3 21.52 -8.97 0.24
CA LYS D 3 21.46 -7.53 0.50
C LYS D 3 21.24 -6.76 -0.81
N GLY D 4 21.92 -7.19 -1.88
CA GLY D 4 21.79 -6.55 -3.19
C GLY D 4 20.46 -6.82 -3.85
N GLU D 5 19.98 -8.08 -3.79
CA GLU D 5 18.70 -8.53 -4.35
C GLU D 5 17.54 -7.72 -3.76
N GLU D 6 17.56 -7.46 -2.45
CA GLU D 6 16.51 -6.72 -1.76
C GLU D 6 16.27 -5.32 -2.30
N LEU D 7 17.30 -4.71 -2.90
CA LEU D 7 17.18 -3.37 -3.47
C LEU D 7 16.32 -3.34 -4.73
N PHE D 8 16.06 -4.49 -5.37
CA PHE D 8 15.35 -4.58 -6.64
C PHE D 8 13.99 -5.23 -6.60
N THR D 9 13.46 -5.49 -5.41
CA THR D 9 12.16 -6.16 -5.25
C THR D 9 10.96 -5.32 -5.73
N GLY D 10 11.14 -4.02 -5.89
CA GLY D 10 10.09 -3.15 -6.37
C GLY D 10 10.55 -2.29 -7.53
N VAL D 11 9.82 -1.22 -7.80
CA VAL D 11 10.15 -0.28 -8.84
C VAL D 11 11.22 0.69 -8.32
N VAL D 12 12.35 0.77 -9.03
CA VAL D 12 13.48 1.61 -8.65
C VAL D 12 13.67 2.74 -9.64
N PRO D 13 13.78 4.01 -9.19
CA PRO D 13 14.03 5.10 -10.14
C PRO D 13 15.43 5.01 -10.75
N ILE D 14 15.56 5.38 -12.02
CA ILE D 14 16.82 5.33 -12.75
C ILE D 14 17.18 6.70 -13.32
N LEU D 15 18.48 7.00 -13.31
CA LEU D 15 19.01 8.20 -13.92
C LEU D 15 20.21 7.79 -14.76
N VAL D 16 20.28 8.21 -16.02
CA VAL D 16 21.38 7.89 -16.90
C VAL D 16 22.03 9.18 -17.39
N GLU D 17 23.35 9.28 -17.33
CA GLU D 17 24.06 10.46 -17.81
C GLU D 17 25.21 10.00 -18.69
N LEU D 18 25.18 10.37 -19.97
CA LEU D 18 26.19 10.00 -20.95
C LEU D 18 26.91 11.23 -21.53
N ASP D 19 28.25 11.20 -21.55
CA ASP D 19 29.03 12.23 -22.22
C ASP D 19 29.79 11.49 -23.32
N GLY D 20 29.61 11.91 -24.57
CA GLY D 20 30.25 11.25 -25.70
C GLY D 20 31.05 12.15 -26.61
N ASP D 21 31.94 11.52 -27.39
CA ASP D 21 32.74 12.19 -28.40
C ASP D 21 32.93 11.17 -29.49
N VAL D 22 32.22 11.32 -30.61
CA VAL D 22 32.35 10.40 -31.74
C VAL D 22 32.93 11.17 -32.91
N ASN D 23 34.16 10.83 -33.32
CA ASN D 23 34.86 11.52 -34.41
C ASN D 23 34.96 13.04 -34.18
N GLY D 24 35.13 13.45 -32.93
CA GLY D 24 35.23 14.87 -32.61
C GLY D 24 33.91 15.57 -32.38
N HIS D 25 32.78 14.86 -32.62
CA HIS D 25 31.43 15.38 -32.39
C HIS D 25 31.08 15.09 -30.94
N LYS D 26 31.07 16.13 -30.10
CA LYS D 26 30.76 15.96 -28.68
C LYS D 26 29.28 16.11 -28.43
N PHE D 27 28.75 15.32 -27.50
CA PHE D 27 27.34 15.35 -27.18
C PHE D 27 27.08 14.82 -25.78
N SER D 28 25.90 15.11 -25.22
CA SER D 28 25.51 14.60 -23.92
C SER D 28 24.07 14.10 -23.96
N VAL D 29 23.79 13.02 -23.23
CA VAL D 29 22.45 12.43 -23.15
C VAL D 29 22.07 12.26 -21.69
N SER D 30 20.87 12.67 -21.31
CA SER D 30 20.36 12.46 -19.96
C SER D 30 19.12 11.57 -20.09
N GLY D 31 18.96 10.64 -19.16
CA GLY D 31 17.84 9.73 -19.18
C GLY D 31 17.22 9.60 -17.81
N GLU D 32 15.92 9.36 -17.80
CA GLU D 32 15.13 9.19 -16.59
C GLU D 32 14.16 8.05 -16.81
N GLY D 33 13.76 7.41 -15.74
CA GLY D 33 12.77 6.35 -15.83
C GLY D 33 12.81 5.47 -14.60
N GLU D 34 12.42 4.21 -14.80
CA GLU D 34 12.38 3.28 -13.70
C GLU D 34 12.54 1.86 -14.15
N GLY D 35 12.95 1.01 -13.23
CA GLY D 35 13.18 -0.39 -13.50
C GLY D 35 12.43 -1.27 -12.53
N ASP D 36 11.91 -2.38 -13.04
CA ASP D 36 11.18 -3.35 -12.24
C ASP D 36 11.71 -4.73 -12.63
N ALA D 37 12.76 -5.18 -11.93
CA ALA D 37 13.37 -6.47 -12.20
C ALA D 37 12.47 -7.66 -11.82
N THR D 38 11.40 -7.43 -11.06
CA THR D 38 10.48 -8.50 -10.67
C THR D 38 9.19 -8.53 -11.51
N TYR D 39 9.04 -7.65 -12.53
CA TYR D 39 7.87 -7.55 -13.38
C TYR D 39 7.52 -8.88 -13.99
N GLY D 40 6.28 -9.31 -13.78
CA GLY D 40 5.78 -10.60 -14.29
C GLY D 40 4.65 -10.45 -15.29
N GLY D 41 4.00 -11.55 -15.59
CA GLY D 41 2.92 -11.56 -16.53
C GLY D 41 2.86 -12.82 -17.37
N SER D 42 1.84 -12.89 -18.21
CA SER D 42 1.64 -14.01 -19.12
C SER D 42 2.07 -13.70 -20.55
N GLY D 43 2.41 -12.45 -20.85
CA GLY D 43 2.80 -12.02 -22.19
C GLY D 43 4.17 -12.48 -22.63
N VAL D 44 4.24 -13.10 -23.81
CA VAL D 44 5.49 -13.57 -24.41
C VAL D 44 6.22 -12.35 -24.96
N THR D 45 7.42 -12.06 -24.43
CA THR D 45 8.19 -10.90 -24.92
C THR D 45 9.28 -11.28 -25.95
N GLN D 46 9.64 -12.57 -26.00
CA GLN D 46 10.61 -13.12 -26.94
C GLN D 46 10.42 -14.64 -26.97
N ALA D 47 10.50 -15.24 -28.15
CA ALA D 47 10.32 -16.68 -28.34
C ALA D 47 11.23 -17.22 -29.45
N HIS D 48 11.43 -18.55 -29.51
CA HIS D 48 12.20 -19.21 -30.57
C HIS D 48 11.63 -20.57 -30.87
N ALA D 49 11.72 -20.99 -32.14
CA ALA D 49 11.23 -22.28 -32.62
C ALA D 49 12.27 -22.93 -33.51
N ALA D 50 12.23 -24.27 -33.59
CA ALA D 50 13.13 -25.07 -34.40
C ALA D 50 12.28 -26.12 -35.12
N TRP D 51 12.36 -26.16 -36.46
CA TRP D 51 11.54 -27.10 -37.22
C TRP D 51 12.11 -27.37 -38.59
N GLY D 52 12.42 -28.63 -38.87
CA GLY D 52 13.00 -29.01 -40.15
C GLY D 52 12.00 -29.19 -41.28
N LEU D 53 10.69 -29.06 -41.01
CA LEU D 53 9.59 -29.28 -41.95
C LEU D 53 9.34 -30.79 -42.12
N LYS D 54 10.22 -31.47 -42.87
CA LYS D 54 10.29 -32.90 -43.11
C LYS D 54 11.68 -33.09 -43.69
N LYS D 55 12.48 -33.97 -43.07
CA LYS D 55 13.86 -34.22 -43.48
C LYS D 55 13.95 -34.64 -44.94
N SER D 56 13.06 -35.54 -45.39
CA SER D 56 13.07 -36.01 -46.79
C SER D 56 12.72 -34.88 -47.78
N PHE D 57 11.89 -33.90 -47.35
CA PHE D 57 11.53 -32.76 -48.19
C PHE D 57 12.74 -31.85 -48.42
N GLN D 58 13.61 -31.72 -47.42
CA GLN D 58 14.80 -30.91 -47.54
C GLN D 58 15.74 -31.51 -48.58
N SER D 59 15.91 -32.84 -48.53
CA SER D 59 16.75 -33.51 -49.50
C SER D 59 16.10 -33.54 -50.88
N TYR D 60 14.76 -33.58 -50.95
CA TYR D 60 14.07 -33.55 -52.25
C TYR D 60 14.30 -32.18 -52.90
N ILE D 61 14.03 -31.07 -52.19
CA ILE D 61 14.22 -29.70 -52.67
C ILE D 61 15.66 -29.50 -53.19
N THR D 62 16.66 -29.93 -52.41
CA THR D 62 18.08 -29.81 -52.76
C THR D 62 18.65 -31.09 -53.38
N GLY D 63 17.82 -31.84 -54.09
CA GLY D 63 18.20 -33.08 -54.73
C GLY D 63 18.31 -32.96 -56.24
N SER D 64 18.62 -34.07 -56.92
CA SER D 64 18.76 -34.09 -58.37
C SER D 64 17.44 -34.16 -59.14
N ILE D 65 16.29 -34.22 -58.45
CA ILE D 65 14.99 -34.25 -59.11
C ILE D 65 14.40 -32.85 -59.11
N ALA D 66 14.25 -32.23 -57.93
CA ALA D 66 13.74 -30.86 -57.89
C ALA D 66 14.80 -29.86 -58.35
N LYS D 67 16.10 -30.14 -58.10
CA LYS D 67 17.22 -29.25 -58.46
C LYS D 67 16.99 -27.81 -58.02
N GLY D 68 16.37 -27.65 -56.85
CA GLY D 68 16.02 -26.35 -56.33
C GLY D 68 16.82 -25.87 -55.15
N GLN D 69 16.20 -25.04 -54.32
CA GLN D 69 16.85 -24.42 -53.17
C GLN D 69 15.80 -23.79 -52.24
N TRP D 70 16.24 -23.24 -51.11
CA TRP D 70 15.35 -22.50 -50.22
C TRP D 70 15.93 -21.13 -49.90
N ASN D 71 15.06 -20.12 -49.75
CA ASN D 71 15.47 -18.75 -49.48
C ASN D 71 14.74 -18.30 -48.23
N LEU D 72 15.49 -18.06 -47.15
CA LEU D 72 14.92 -17.73 -45.84
C LEU D 72 15.04 -16.22 -45.48
N ASP D 73 13.92 -15.60 -45.11
CA ASP D 73 13.90 -14.18 -44.76
C ASP D 73 13.41 -14.00 -43.33
N GLY D 74 14.32 -13.86 -42.39
CA GLY D 74 13.98 -13.79 -40.98
C GLY D 74 13.97 -15.15 -40.29
N VAL D 75 14.23 -16.22 -41.07
CA VAL D 75 14.34 -17.61 -40.64
C VAL D 75 15.81 -18.02 -40.76
N GLY D 76 16.33 -18.72 -39.78
CA GLY D 76 17.70 -19.23 -39.83
C GLY D 76 17.71 -20.71 -40.18
N TYR D 77 18.86 -21.35 -40.02
CA TYR D 77 18.98 -22.79 -40.28
C TYR D 77 20.16 -23.34 -39.53
N SER D 78 19.90 -24.25 -38.58
CA SER D 78 20.95 -24.88 -37.80
C SER D 78 20.53 -26.27 -37.37
N ASN D 79 21.45 -27.23 -37.47
CA ASN D 79 21.26 -28.64 -37.14
C ASN D 79 20.07 -29.26 -37.87
N GLY D 80 19.99 -29.01 -39.18
CA GLY D 80 18.94 -29.52 -40.05
C GLY D 80 17.56 -29.02 -39.67
N GLU D 81 17.49 -27.80 -39.15
CA GLU D 81 16.23 -27.24 -38.69
C GLU D 81 16.16 -25.78 -39.02
N PHE D 82 15.01 -25.32 -39.51
CA PHE D 82 14.77 -23.92 -39.80
C PHE D 82 14.40 -23.25 -38.46
N THR D 83 15.13 -22.22 -38.06
CA THR D 83 14.93 -21.55 -36.78
C THR D 83 14.12 -20.27 -36.93
N PHE D 84 13.14 -20.08 -36.04
CA PHE D 84 12.21 -18.96 -36.06
C PHE D 84 12.28 -18.13 -34.77
N SER D 85 11.77 -16.90 -34.80
CA SER D 85 11.78 -16.04 -33.63
C SER D 85 10.64 -15.03 -33.68
N GLY D 86 9.86 -14.95 -32.61
CA GLY D 86 8.75 -14.01 -32.51
C GLY D 86 8.70 -13.30 -31.17
N ALA D 87 7.93 -12.21 -31.07
CA ALA D 87 7.87 -11.45 -29.83
C ALA D 87 6.43 -11.20 -29.38
N SER D 88 5.53 -12.15 -29.63
CA SER D 88 4.12 -11.97 -29.27
C SER D 88 3.48 -13.28 -28.84
N GLY D 89 2.55 -13.20 -27.91
CA GLY D 89 1.85 -14.37 -27.40
C GLY D 89 1.44 -14.23 -25.95
N ALA D 90 0.78 -15.24 -25.41
CA ALA D 90 0.37 -15.25 -24.01
C ALA D 90 0.31 -16.69 -23.52
N VAL D 91 0.77 -16.95 -22.29
CA VAL D 91 0.76 -18.30 -21.72
C VAL D 91 0.19 -18.27 -20.31
N ASP D 92 -0.71 -19.22 -19.98
CA ASP D 92 -1.29 -19.40 -18.65
C ASP D 92 -0.54 -20.65 -18.14
N PRO D 93 0.60 -20.43 -17.45
CA PRO D 93 1.47 -21.53 -17.05
C PRO D 93 0.84 -22.67 -16.28
N GLN D 94 -0.06 -22.39 -15.32
CA GLN D 94 -0.67 -23.47 -14.52
C GLN D 94 -1.58 -24.37 -15.37
N ALA D 95 -2.17 -23.80 -16.41
CA ALA D 95 -3.04 -24.53 -17.33
C ALA D 95 -2.28 -25.22 -18.47
N LYS D 96 -0.96 -24.95 -18.62
CA LYS D 96 -0.12 -25.42 -19.71
C LYS D 96 -0.74 -25.07 -21.07
N SER D 97 -1.42 -23.92 -21.14
CA SER D 97 -2.10 -23.43 -22.30
C SER D 97 -1.63 -22.05 -22.69
N GLY D 98 -1.61 -21.79 -23.99
CA GLY D 98 -1.19 -20.50 -24.51
C GLY D 98 -0.93 -20.52 -26.00
N PHE D 99 -0.44 -19.43 -26.54
CA PHE D 99 -0.11 -19.33 -27.97
C PHE D 99 1.17 -18.53 -28.15
N VAL D 100 1.95 -18.84 -29.20
CA VAL D 100 3.19 -18.12 -29.47
C VAL D 100 3.29 -17.74 -30.95
N LYS D 101 3.35 -16.46 -31.26
CA LYS D 101 3.45 -15.98 -32.63
C LYS D 101 4.92 -15.74 -33.03
N PHE D 102 5.28 -16.21 -34.22
CA PHE D 102 6.64 -16.10 -34.78
C PHE D 102 6.63 -15.34 -36.10
N GLY D 103 7.81 -14.90 -36.54
CA GLY D 103 7.95 -14.21 -37.82
C GLY D 103 8.94 -14.88 -38.75
N GLY D 104 8.98 -14.39 -39.98
CA GLY D 104 9.91 -14.88 -40.99
C GLY D 104 9.24 -15.63 -42.13
N THR D 105 9.97 -15.82 -43.24
CA THR D 105 9.46 -16.54 -44.42
C THR D 105 10.44 -17.61 -44.87
N MET D 106 9.94 -18.77 -45.29
CA MET D 106 10.74 -19.81 -45.93
C MET D 106 10.22 -19.83 -47.36
N ARG D 107 11.11 -19.77 -48.34
CA ARG D 107 10.70 -19.83 -49.73
C ARG D 107 11.33 -21.02 -50.43
N PHE D 108 10.58 -22.10 -50.61
CA PHE D 108 11.07 -23.31 -51.29
C PHE D 108 10.86 -23.20 -52.77
N SER D 109 11.92 -23.44 -53.55
CA SER D 109 11.85 -23.37 -55.00
C SER D 109 12.44 -24.65 -55.62
N GLY D 110 11.97 -24.98 -56.81
CA GLY D 110 12.41 -26.14 -57.55
C GLY D 110 11.65 -26.31 -58.84
N HIS D 111 11.95 -27.38 -59.59
CA HIS D 111 11.30 -27.71 -60.85
C HIS D 111 11.18 -26.52 -61.82
N HIS D 112 12.30 -25.79 -62.02
CA HIS D 112 12.36 -24.63 -62.91
C HIS D 112 11.32 -23.56 -62.57
N GLY D 113 11.00 -23.39 -61.28
CA GLY D 113 10.03 -22.40 -60.88
C GLY D 113 8.61 -22.93 -60.69
N ILE D 114 8.31 -24.15 -61.18
CA ILE D 114 6.99 -24.78 -61.03
C ILE D 114 6.66 -24.93 -59.55
N LEU D 115 7.63 -25.41 -58.77
CA LEU D 115 7.46 -25.55 -57.33
C LEU D 115 7.76 -24.19 -56.70
N ASP D 116 6.81 -23.67 -55.89
CA ASP D 116 6.97 -22.39 -55.19
C ASP D 116 6.18 -22.40 -53.87
N LEU D 117 6.72 -23.06 -52.84
CA LEU D 117 6.09 -23.15 -51.53
C LEU D 117 6.63 -22.09 -50.57
N ASN D 118 5.77 -21.16 -50.13
CA ASN D 118 6.11 -20.07 -49.21
C ASN D 118 5.40 -20.24 -47.86
N ILE D 119 6.14 -20.62 -46.81
CA ILE D 119 5.58 -20.77 -45.47
C ILE D 119 6.08 -19.60 -44.61
N SER D 120 5.18 -18.72 -44.16
CA SER D 120 5.57 -17.52 -43.41
C SER D 120 4.83 -17.36 -42.07
N ASN D 121 5.44 -16.65 -41.11
CA ASN D 121 4.87 -16.32 -39.80
C ASN D 121 4.19 -17.48 -39.05
N PRO D 122 4.95 -18.53 -38.71
CA PRO D 122 4.34 -19.66 -37.98
C PRO D 122 3.86 -19.28 -36.57
N GLU D 123 2.80 -19.93 -36.10
CA GLU D 123 2.22 -19.70 -34.77
C GLU D 123 1.86 -21.03 -34.16
N ILE D 124 2.01 -21.17 -32.86
CA ILE D 124 1.67 -22.38 -32.15
C ILE D 124 0.60 -22.08 -31.13
N VAL D 125 -0.34 -22.99 -30.96
CA VAL D 125 -1.29 -22.96 -29.86
C VAL D 125 -0.98 -24.25 -29.14
N PHE D 126 -0.99 -24.24 -27.82
CA PHE D 126 -0.75 -25.44 -27.03
C PHE D 126 -1.70 -25.47 -25.85
N ASN D 127 -2.13 -26.64 -25.48
CA ASN D 127 -3.07 -26.82 -24.39
C ASN D 127 -2.78 -28.20 -23.89
N GLY D 128 -1.98 -28.25 -22.84
CA GLY D 128 -1.59 -29.50 -22.22
C GLY D 128 -0.67 -30.34 -23.07
N ALA D 129 -1.13 -31.54 -23.50
CA ALA D 129 -0.33 -32.45 -24.30
C ALA D 129 -0.46 -32.32 -25.81
N THR D 130 -1.35 -31.44 -26.34
CA THR D 130 -1.51 -31.29 -27.79
C THR D 130 -1.55 -29.83 -28.20
N GLY D 131 -1.39 -29.56 -29.49
CA GLY D 131 -1.44 -28.21 -30.03
C GLY D 131 -1.51 -28.18 -31.54
N THR D 132 -1.47 -26.99 -32.13
CA THR D 132 -1.51 -26.86 -33.59
C THR D 132 -0.48 -25.85 -34.04
N LEU D 133 0.16 -26.11 -35.16
CA LEU D 133 1.11 -25.20 -35.77
C LEU D 133 0.40 -24.62 -36.97
N PHE D 134 0.28 -23.30 -37.03
CA PHE D 134 -0.34 -22.57 -38.12
C PHE D 134 0.73 -21.81 -38.87
N ALA D 135 0.51 -21.54 -40.15
CA ALA D 135 1.44 -20.77 -40.96
C ALA D 135 0.72 -20.18 -42.13
N GLN D 136 1.25 -19.11 -42.71
CA GLN D 136 0.69 -18.52 -43.90
C GLN D 136 1.32 -19.21 -45.10
N VAL D 137 0.54 -20.07 -45.74
CA VAL D 137 1.03 -20.82 -46.87
C VAL D 137 0.51 -20.29 -48.20
N ARG D 138 1.42 -20.15 -49.15
CA ARG D 138 1.20 -19.77 -50.53
C ARG D 138 1.95 -20.86 -51.31
N SER D 139 1.26 -21.71 -52.09
CA SER D 139 1.89 -22.83 -52.80
C SER D 139 1.66 -22.78 -54.35
N SER D 140 1.80 -23.93 -55.05
CA SER D 140 1.61 -24.07 -56.49
C SER D 140 1.23 -25.52 -56.85
N ASP D 141 0.67 -25.74 -58.05
CA ASP D 141 0.29 -27.07 -58.53
C ASP D 141 1.38 -27.65 -59.46
N MET D 142 1.13 -28.85 -60.06
CA MET D 142 2.04 -29.51 -61.01
C MET D 142 2.32 -28.65 -62.26
N GLU D 143 1.48 -27.66 -62.54
CA GLU D 143 1.58 -26.74 -63.68
C GLU D 143 2.12 -25.34 -63.33
N GLY D 144 2.43 -25.08 -62.05
CA GLY D 144 3.01 -23.81 -61.64
C GLY D 144 2.04 -22.78 -61.13
N LYS D 145 0.72 -22.99 -61.35
CA LYS D 145 -0.32 -22.07 -60.88
C LYS D 145 -0.26 -21.86 -59.36
N LYS D 146 0.02 -20.62 -58.94
CA LYS D 146 0.18 -20.24 -57.54
C LYS D 146 -1.16 -20.25 -56.80
N SER D 147 -1.13 -20.52 -55.49
CA SER D 147 -2.35 -20.56 -54.69
C SER D 147 -2.12 -20.09 -53.26
N ASP D 148 -2.87 -19.07 -52.79
CA ASP D 148 -2.72 -18.58 -51.43
C ASP D 148 -3.73 -19.24 -50.51
N TYR D 149 -3.21 -20.16 -49.67
CA TYR D 149 -3.97 -20.89 -48.66
C TYR D 149 -4.29 -20.06 -47.42
N GLY D 150 -3.71 -18.85 -47.29
CA GLY D 150 -3.91 -17.97 -46.14
C GLY D 150 -3.25 -18.53 -44.90
N ARG D 151 -3.73 -18.15 -43.69
CA ARG D 151 -3.17 -18.75 -42.47
C ARG D 151 -3.85 -20.09 -42.39
N VAL D 152 -3.09 -21.14 -42.39
CA VAL D 152 -3.62 -22.48 -42.43
C VAL D 152 -3.02 -23.36 -41.34
N ALA D 153 -3.81 -24.32 -40.81
CA ALA D 153 -3.31 -25.23 -39.79
C ALA D 153 -2.50 -26.30 -40.54
N ILE D 154 -1.19 -26.38 -40.29
CA ILE D 154 -0.32 -27.29 -41.05
C ILE D 154 0.14 -28.49 -40.22
N GLY D 155 0.26 -28.33 -38.91
CA GLY D 155 0.70 -29.42 -38.06
C GLY D 155 -0.10 -29.71 -36.81
N ASN D 156 -0.34 -31.00 -36.55
CA ASN D 156 -1.01 -31.49 -35.35
C ASN D 156 0.11 -31.87 -34.39
N LEU D 157 0.22 -31.14 -33.28
CA LEU D 157 1.29 -31.37 -32.32
C LEU D 157 0.88 -32.29 -31.16
N THR D 158 1.83 -33.15 -30.73
CA THR D 158 1.69 -34.06 -29.59
C THR D 158 2.96 -33.86 -28.78
N PHE D 159 2.86 -33.13 -27.68
CA PHE D 159 4.00 -32.79 -26.85
C PHE D 159 4.56 -33.92 -26.04
N SER D 160 5.85 -34.24 -26.29
CA SER D 160 6.66 -35.18 -25.51
C SER D 160 6.88 -34.52 -24.14
N SER D 161 7.09 -33.16 -24.13
CA SER D 161 7.26 -32.34 -22.94
C SER D 161 6.68 -30.95 -23.17
N LEU D 162 6.09 -30.40 -22.13
CA LEU D 162 5.57 -29.04 -22.14
C LEU D 162 5.71 -28.55 -20.73
N ASN D 163 6.54 -27.54 -20.56
CA ASN D 163 6.79 -26.97 -19.25
C ASN D 163 6.45 -25.50 -19.29
N ALA D 164 5.92 -25.02 -18.18
CA ALA D 164 5.57 -23.62 -18.06
C ALA D 164 5.62 -23.20 -16.61
N SER D 165 6.46 -22.22 -16.37
CA SER D 165 6.64 -21.60 -15.07
C SER D 165 6.23 -20.12 -15.21
N GLU D 166 6.36 -19.35 -14.13
CA GLU D 166 6.02 -17.93 -14.10
C GLU D 166 6.81 -17.09 -15.15
N THR D 167 8.07 -17.47 -15.43
CA THR D 167 8.97 -16.73 -16.31
C THR D 167 9.27 -17.33 -17.70
N ALA D 168 8.92 -18.61 -17.94
CA ALA D 168 9.26 -19.25 -19.22
C ALA D 168 8.32 -20.40 -19.58
N ALA D 169 8.26 -20.71 -20.88
CA ALA D 169 7.46 -21.81 -21.42
C ALA D 169 8.32 -22.53 -22.46
N SER D 170 8.25 -23.85 -22.51
CA SER D 170 9.04 -24.60 -23.50
C SER D 170 8.38 -25.92 -23.80
N GLY D 171 8.68 -26.49 -24.95
CA GLY D 171 8.12 -27.77 -25.32
C GLY D 171 8.69 -28.38 -26.58
N LYS D 172 8.55 -29.72 -26.69
CA LYS D 172 8.95 -30.44 -27.88
C LYS D 172 7.78 -31.31 -28.26
N ALA D 173 7.35 -31.23 -29.53
CA ALA D 173 6.22 -31.99 -29.99
C ALA D 173 6.49 -32.75 -31.28
N THR D 174 5.98 -33.98 -31.39
CA THR D 174 6.02 -34.68 -32.68
C THR D 174 4.89 -34.07 -33.52
N MET D 175 5.01 -34.15 -34.84
CA MET D 175 4.04 -33.50 -35.72
C MET D 175 3.52 -34.40 -36.82
N THR D 176 2.23 -34.25 -37.15
CA THR D 176 1.59 -34.91 -38.27
C THR D 176 0.94 -33.84 -39.14
N LEU D 177 0.89 -34.09 -40.45
CA LEU D 177 0.32 -33.15 -41.39
C LEU D 177 -1.19 -32.95 -41.15
N HIS D 178 -1.59 -31.71 -40.91
CA HIS D 178 -2.98 -31.37 -40.71
C HIS D 178 -3.66 -31.43 -42.09
N PRO D 179 -4.89 -31.99 -42.17
CA PRO D 179 -5.57 -32.05 -43.48
C PRO D 179 -5.62 -30.72 -44.23
N ASP D 180 -5.77 -29.59 -43.49
CA ASP D 180 -5.83 -28.25 -44.05
C ASP D 180 -4.54 -27.78 -44.73
N GLY D 181 -3.42 -28.40 -44.42
CA GLY D 181 -2.16 -28.03 -45.01
C GLY D 181 -1.63 -29.01 -46.02
N ALA D 182 -2.37 -30.11 -46.29
CA ALA D 182 -1.94 -31.12 -47.23
C ALA D 182 -1.90 -30.64 -48.68
N GLY D 183 -2.83 -29.73 -49.04
CA GLY D 183 -2.90 -29.16 -50.38
C GLY D 183 -1.65 -28.44 -50.79
N ALA D 184 -0.97 -27.77 -49.85
CA ALA D 184 0.30 -27.05 -50.06
C ALA D 184 1.42 -27.96 -50.57
N PHE D 185 1.34 -29.28 -50.29
CA PHE D 185 2.36 -30.24 -50.72
C PHE D 185 1.95 -31.02 -51.98
N ALA D 186 1.07 -30.42 -52.81
CA ALA D 186 0.60 -30.89 -54.11
C ALA D 186 0.12 -32.35 -54.15
N GLY D 187 -0.43 -32.84 -53.05
CA GLY D 187 -0.91 -34.21 -53.00
C GLY D 187 0.14 -35.28 -52.73
N PHE D 188 1.40 -34.86 -52.54
CA PHE D 188 2.49 -35.79 -52.28
C PHE D 188 2.49 -36.33 -50.86
N TYR D 189 1.96 -35.58 -49.91
CA TYR D 189 1.86 -36.02 -48.53
C TYR D 189 0.40 -36.22 -48.16
N GLU D 190 0.13 -37.25 -47.37
CA GLU D 190 -1.21 -37.52 -46.91
C GLU D 190 -1.47 -36.82 -45.59
N ALA D 191 -2.74 -36.56 -45.29
CA ALA D 191 -3.13 -36.00 -44.00
C ALA D 191 -2.81 -37.05 -42.93
N GLY D 192 -2.24 -36.62 -41.81
CA GLY D 192 -1.85 -37.52 -40.73
C GLY D 192 -0.46 -38.13 -40.88
N SER D 193 0.21 -37.87 -42.00
CA SER D 193 1.57 -38.39 -42.20
C SER D 193 2.55 -37.64 -41.32
N ASP D 194 3.64 -38.28 -40.91
CA ASP D 194 4.60 -37.66 -40.02
C ASP D 194 5.41 -36.54 -40.65
N LEU D 195 5.57 -35.43 -39.91
CA LEU D 195 6.40 -34.28 -40.28
C LEU D 195 7.57 -34.22 -39.27
N ASP D 196 8.57 -33.34 -39.47
CA ASP D 196 9.68 -33.20 -38.51
C ASP D 196 9.14 -32.62 -37.18
N PRO D 197 9.66 -33.04 -36.01
CA PRO D 197 9.17 -32.48 -34.73
C PRO D 197 9.53 -31.01 -34.54
N ILE D 198 8.81 -30.33 -33.65
CA ILE D 198 9.06 -28.91 -33.40
C ILE D 198 9.47 -28.68 -31.94
N THR D 199 10.38 -27.75 -31.73
CA THR D 199 10.86 -27.38 -30.40
C THR D 199 10.63 -25.88 -30.24
N PHE D 200 10.13 -25.44 -29.09
CA PHE D 200 9.92 -24.02 -28.87
C PHE D 200 10.27 -23.64 -27.42
N ASP D 201 10.55 -22.35 -27.22
CA ASP D 201 10.76 -21.75 -25.91
C ASP D 201 10.28 -20.29 -25.96
N ALA D 202 9.82 -19.76 -24.84
CA ALA D 202 9.34 -18.37 -24.78
C ALA D 202 9.52 -17.77 -23.38
N GLN D 203 10.00 -16.51 -23.33
CA GLN D 203 10.16 -15.78 -22.07
C GLN D 203 8.86 -15.00 -21.82
N LEU D 204 8.37 -15.05 -20.59
CA LEU D 204 7.14 -14.39 -20.20
C LEU D 204 7.45 -13.20 -19.33
N GLY D 205 7.25 -12.00 -19.87
CA GLY D 205 7.54 -10.78 -19.15
C GLY D 205 9.04 -10.55 -19.10
N GLY D 206 9.54 -10.26 -17.90
CA GLY D 206 10.95 -10.03 -17.67
C GLY D 206 11.20 -8.73 -16.94
N GLY D 207 12.47 -8.42 -16.69
CA GLY D 207 12.83 -7.17 -16.01
C GLY D 207 12.46 -5.98 -16.87
N LYS D 208 11.45 -5.23 -16.45
CA LYS D 208 10.96 -4.12 -17.25
C LYS D 208 11.68 -2.81 -17.01
N LEU D 209 12.24 -2.23 -18.07
CA LEU D 209 12.87 -0.91 -18.00
C LEU D 209 12.00 0.04 -18.80
N THR D 210 11.62 1.18 -18.22
CA THR D 210 10.87 2.19 -18.98
C THR D 210 11.67 3.49 -18.81
N LEU D 211 12.31 3.96 -19.88
CA LEU D 211 13.18 5.13 -19.79
C LEU D 211 13.01 6.08 -20.97
N LYS D 212 13.28 7.36 -20.75
CA LYS D 212 13.25 8.39 -21.78
C LYS D 212 14.58 9.12 -21.75
N PHE D 213 15.25 9.20 -22.90
CA PHE D 213 16.54 9.86 -23.05
C PHE D 213 16.41 11.10 -23.90
N ILE D 214 17.14 12.14 -23.55
CA ILE D 214 17.14 13.39 -24.29
C ILE D 214 18.57 13.80 -24.59
N CYS D 215 18.86 14.23 -25.83
CA CYS D 215 20.18 14.75 -26.14
C CYS D 215 20.17 16.20 -25.69
N THR D 216 20.95 16.52 -24.65
CA THR D 216 20.98 17.86 -24.05
C THR D 216 21.87 18.86 -24.80
N THR D 217 22.59 18.43 -25.83
CA THR D 217 23.47 19.28 -26.60
C THR D 217 22.94 19.66 -28.00
N GLY D 218 21.72 19.25 -28.32
CA GLY D 218 21.10 19.54 -29.60
C GLY D 218 20.77 18.26 -30.34
N LYS D 219 21.21 18.15 -31.59
CA LYS D 219 20.97 16.95 -32.41
C LYS D 219 22.02 15.89 -32.06
N LEU D 220 21.58 14.64 -31.86
CA LEU D 220 22.50 13.54 -31.57
C LEU D 220 23.28 13.23 -32.86
N PRO D 221 24.64 13.21 -32.80
CA PRO D 221 25.43 12.99 -34.02
C PRO D 221 25.54 11.54 -34.50
N VAL D 222 24.98 10.60 -33.74
CA VAL D 222 24.95 9.18 -34.09
C VAL D 222 23.50 8.69 -33.94
N PRO D 223 23.12 7.57 -34.58
CA PRO D 223 21.74 7.07 -34.42
C PRO D 223 21.46 6.62 -33.00
N TRP D 224 20.26 6.92 -32.49
CA TRP D 224 19.84 6.50 -31.16
C TRP D 224 20.01 4.99 -30.91
N PRO D 225 19.65 4.09 -31.86
CA PRO D 225 19.86 2.66 -31.62
C PRO D 225 21.30 2.26 -31.28
N THR D 226 22.32 2.97 -31.81
CA THR D 226 23.71 2.64 -31.51
C THR D 226 24.10 2.85 -30.05
N LEU D 227 23.30 3.65 -29.30
CA LEU D 227 23.56 3.96 -27.91
C LEU D 227 22.77 3.11 -26.91
N VAL D 228 21.82 2.29 -27.37
CA VAL D 228 20.98 1.50 -26.48
C VAL D 228 21.78 0.67 -25.49
N THR D 229 22.75 -0.14 -25.97
CA THR D 229 23.52 -0.98 -25.07
C THR D 229 24.32 -0.16 -24.04
N THR D 230 24.78 1.03 -24.42
CA THR D 230 25.57 1.87 -23.52
C THR D 230 24.70 2.47 -22.44
N LEU D 231 23.53 2.97 -22.84
CA LEU D 231 22.56 3.62 -21.95
C LEU D 231 21.89 2.61 -21.02
N VAL D 233 22.06 -1.00 -17.68
CA VAL D 233 21.67 -1.24 -16.31
C VAL D 233 21.15 -2.69 -16.18
N GLN D 234 22.05 -3.64 -16.42
CA GLN D 234 21.75 -5.07 -16.42
C GLN D 234 21.38 -5.64 -15.03
N CYS D 235 21.47 -4.81 -13.98
CA CYS D 235 21.00 -5.13 -12.64
C CYS D 235 19.45 -5.24 -12.61
N PHE D 236 18.76 -4.76 -13.68
CA PHE D 236 17.31 -4.88 -13.80
C PHE D 236 16.85 -6.15 -14.54
N SER D 237 17.78 -7.09 -14.80
CA SER D 237 17.42 -8.36 -15.44
C SER D 237 16.64 -9.21 -14.46
N ARG D 238 15.70 -10.00 -14.97
CA ARG D 238 14.95 -10.89 -14.10
C ARG D 238 15.68 -12.22 -14.04
N TYR D 239 16.23 -12.56 -12.89
CA TYR D 239 16.89 -13.85 -12.73
C TYR D 239 15.88 -14.79 -12.12
N PRO D 240 15.54 -15.90 -12.81
CA PRO D 240 14.63 -16.88 -12.22
C PRO D 240 15.13 -17.38 -10.86
N ASP D 241 14.22 -17.83 -10.01
CA ASP D 241 14.55 -18.32 -8.66
C ASP D 241 15.74 -19.29 -8.62
N HIS D 242 15.74 -20.28 -9.53
CA HIS D 242 16.79 -21.28 -9.60
C HIS D 242 18.15 -20.75 -10.10
N MET D 243 18.20 -19.51 -10.60
CA MET D 243 19.43 -18.89 -11.10
C MET D 243 19.90 -17.69 -10.29
N LYS D 244 19.26 -17.39 -9.15
CA LYS D 244 19.58 -16.18 -8.39
C LYS D 244 21.00 -16.14 -7.84
N GLN D 245 21.64 -17.31 -7.68
CA GLN D 245 23.03 -17.37 -7.24
C GLN D 245 24.03 -16.97 -8.37
N HIS D 246 23.52 -16.64 -9.57
CA HIS D 246 24.34 -16.25 -10.71
C HIS D 246 24.16 -14.78 -11.12
N ASP D 247 23.51 -13.97 -10.27
CA ASP D 247 23.26 -12.57 -10.57
C ASP D 247 24.37 -11.69 -9.99
N PHE D 248 25.42 -11.48 -10.79
CA PHE D 248 26.53 -10.64 -10.39
C PHE D 248 26.07 -9.20 -10.16
N PHE D 249 25.27 -8.69 -11.09
CA PHE D 249 24.85 -7.30 -11.15
C PHE D 249 24.24 -6.79 -9.86
N LYS D 250 23.23 -7.50 -9.33
CA LYS D 250 22.58 -7.11 -8.09
C LYS D 250 23.49 -7.35 -6.89
N SER D 251 24.34 -8.39 -6.92
CA SER D 251 25.25 -8.68 -5.80
C SER D 251 26.28 -7.57 -5.54
N ALA D 252 26.60 -6.79 -6.57
CA ALA D 252 27.54 -5.69 -6.44
C ALA D 252 26.89 -4.42 -5.83
N MET D 253 25.55 -4.40 -5.69
CA MET D 253 24.80 -3.27 -5.18
C MET D 253 24.73 -3.23 -3.65
N PRO D 254 24.66 -2.02 -3.05
CA PRO D 254 24.50 -0.70 -3.68
C PRO D 254 25.78 0.00 -4.15
N GLU D 255 26.97 -0.48 -3.72
CA GLU D 255 28.26 0.12 -4.08
C GLU D 255 28.43 0.24 -5.62
N GLY D 256 27.94 -0.77 -6.32
CA GLY D 256 27.90 -0.77 -7.77
C GLY D 256 29.03 -1.47 -8.49
N TYR D 257 29.08 -1.28 -9.80
CA TYR D 257 30.12 -1.84 -10.62
C TYR D 257 30.54 -0.89 -11.74
N VAL D 258 31.71 -1.14 -12.28
CA VAL D 258 32.24 -0.45 -13.43
C VAL D 258 31.95 -1.35 -14.62
N GLN D 259 31.34 -0.81 -15.66
CA GLN D 259 31.07 -1.55 -16.89
C GLN D 259 31.86 -0.91 -18.04
N GLU D 260 32.75 -1.69 -18.66
CA GLU D 260 33.55 -1.20 -19.77
C GLU D 260 33.25 -1.99 -21.03
N ARG D 261 33.22 -1.31 -22.18
CA ARG D 261 32.97 -1.98 -23.46
C ARG D 261 33.83 -1.45 -24.60
N THR D 262 33.98 -2.29 -25.64
CA THR D 262 34.56 -1.97 -26.93
C THR D 262 33.55 -2.54 -27.92
N ILE D 263 32.93 -1.66 -28.70
CA ILE D 263 31.91 -2.01 -29.67
C ILE D 263 32.46 -1.75 -31.05
N PHE D 264 32.63 -2.80 -31.84
CA PHE D 264 33.15 -2.69 -33.19
C PHE D 264 32.02 -2.72 -34.21
N PHE D 265 31.81 -1.61 -34.92
CA PHE D 265 30.78 -1.59 -35.96
C PHE D 265 31.45 -2.14 -37.21
N LYS D 266 30.92 -3.24 -37.78
CA LYS D 266 31.50 -3.89 -38.95
C LYS D 266 31.66 -2.93 -40.11
N ASP D 267 32.87 -2.90 -40.70
CA ASP D 267 33.22 -2.02 -41.81
C ASP D 267 33.05 -0.53 -41.47
N ASP D 268 33.11 -0.18 -40.18
CA ASP D 268 33.00 1.19 -39.71
C ASP D 268 33.84 1.38 -38.41
N GLY D 269 33.61 2.46 -37.68
CA GLY D 269 34.36 2.76 -36.47
C GLY D 269 34.00 1.95 -35.24
N ASN D 270 34.51 2.38 -34.09
CA ASN D 270 34.25 1.70 -32.84
C ASN D 270 33.96 2.67 -31.69
N TYR D 271 33.19 2.19 -30.70
CA TYR D 271 32.95 2.93 -29.47
C TYR D 271 33.77 2.24 -28.36
N LYS D 272 34.24 3.03 -27.42
CA LYS D 272 34.88 2.54 -26.20
C LYS D 272 34.17 3.27 -25.07
N THR D 273 33.57 2.51 -24.14
CA THR D 273 32.81 3.11 -23.06
C THR D 273 33.28 2.69 -21.67
N ARG D 274 33.13 3.59 -20.70
CA ARG D 274 33.40 3.31 -19.31
C ARG D 274 32.25 3.89 -18.53
N ALA D 275 31.57 3.04 -17.75
CA ALA D 275 30.43 3.48 -16.97
C ALA D 275 30.51 3.00 -15.53
N GLU D 276 29.86 3.74 -14.63
CA GLU D 276 29.73 3.34 -13.25
C GLU D 276 28.23 3.26 -12.97
N VAL D 277 27.78 2.07 -12.52
CA VAL D 277 26.38 1.82 -12.22
C VAL D 277 26.28 1.56 -10.73
N LYS D 278 25.64 2.45 -10.00
CA LYS D 278 25.53 2.34 -8.54
C LYS D 278 24.31 3.10 -8.02
N PHE D 279 23.97 2.92 -6.74
CA PHE D 279 22.88 3.68 -6.14
C PHE D 279 23.42 4.98 -5.61
N GLU D 280 22.69 6.05 -5.88
CA GLU D 280 22.94 7.37 -5.34
C GLU D 280 21.66 7.69 -4.59
N GLY D 281 21.63 7.35 -3.31
CA GLY D 281 20.42 7.47 -2.51
C GLY D 281 19.46 6.36 -2.93
N ASP D 282 18.23 6.71 -3.24
CA ASP D 282 17.21 5.75 -3.71
C ASP D 282 17.25 5.43 -5.20
N THR D 283 18.06 6.19 -5.95
CA THR D 283 18.11 6.11 -7.39
C THR D 283 19.27 5.29 -7.93
N LEU D 284 19.00 4.43 -8.93
CA LEU D 284 20.05 3.70 -9.59
C LEU D 284 20.57 4.61 -10.72
N VAL D 285 21.87 4.96 -10.66
CA VAL D 285 22.50 5.85 -11.62
C VAL D 285 23.52 5.15 -12.53
N ASN D 286 23.43 5.42 -13.84
CA ASN D 286 24.38 4.91 -14.82
C ASN D 286 25.08 6.13 -15.43
N ARG D 287 26.36 6.35 -15.07
CA ARG D 287 27.13 7.49 -15.57
C ARG D 287 28.16 6.95 -16.54
N ILE D 288 28.11 7.40 -17.81
CA ILE D 288 28.97 6.89 -18.88
C ILE D 288 29.85 7.92 -19.54
N GLU D 289 31.02 7.46 -20.01
CA GLU D 289 31.95 8.20 -20.84
C GLU D 289 32.08 7.37 -22.12
N LEU D 290 31.83 7.96 -23.28
CA LEU D 290 31.90 7.23 -24.56
C LEU D 290 32.85 7.93 -25.52
N LYS D 291 33.71 7.15 -26.19
CA LYS D 291 34.65 7.68 -27.19
C LYS D 291 34.52 6.86 -28.48
N GLY D 292 34.17 7.51 -29.58
CA GLY D 292 34.04 6.85 -30.87
C GLY D 292 35.07 7.38 -31.85
N ILE D 293 35.76 6.46 -32.56
CA ILE D 293 36.78 6.83 -33.54
C ILE D 293 36.65 5.97 -34.81
N ASP D 294 37.26 6.44 -35.92
CA ASP D 294 37.34 5.77 -37.21
C ASP D 294 36.03 5.57 -37.93
N PHE D 295 35.03 6.40 -37.63
CA PHE D 295 33.75 6.29 -38.31
C PHE D 295 33.82 6.94 -39.68
N LYS D 296 33.12 6.36 -40.66
CA LYS D 296 33.07 6.90 -42.00
C LYS D 296 32.06 8.04 -42.03
N GLU D 297 32.41 9.17 -42.64
CA GLU D 297 31.52 10.32 -42.69
C GLU D 297 30.15 9.98 -43.32
N ASP D 298 30.17 9.12 -44.36
CA ASP D 298 28.94 8.70 -45.02
C ASP D 298 28.58 7.23 -44.75
N GLY D 299 29.01 6.71 -43.61
CA GLY D 299 28.67 5.35 -43.22
C GLY D 299 27.29 5.31 -42.61
N ASN D 300 26.90 4.14 -42.09
CA ASN D 300 25.58 3.97 -41.50
C ASN D 300 25.39 4.72 -40.18
N ILE D 301 26.48 4.97 -39.47
CA ILE D 301 26.42 5.65 -38.18
C ILE D 301 26.41 7.17 -38.35
N LEU D 302 27.51 7.78 -38.85
CA LEU D 302 27.53 9.23 -39.06
C LEU D 302 26.58 9.70 -40.14
N GLY D 303 26.22 8.83 -41.07
CA GLY D 303 25.26 9.14 -42.12
C GLY D 303 23.82 8.88 -41.75
N HIS D 304 23.55 8.43 -40.49
CA HIS D 304 22.22 8.13 -39.96
C HIS D 304 21.38 7.27 -40.91
N LYS D 305 21.90 6.10 -41.25
CA LYS D 305 21.20 5.19 -42.16
C LYS D 305 20.58 3.98 -41.45
N LEU D 306 20.50 4.01 -40.12
CA LEU D 306 19.95 2.91 -39.35
C LEU D 306 18.49 3.16 -39.00
N GLU D 307 17.66 2.11 -39.16
CA GLU D 307 16.25 2.20 -38.82
C GLU D 307 16.08 2.45 -37.31
N TYR D 308 15.01 3.16 -36.93
CA TYR D 308 14.70 3.44 -35.54
C TYR D 308 13.89 2.28 -34.99
N ASN D 309 14.59 1.19 -34.69
CA ASN D 309 14.03 -0.03 -34.15
C ASN D 309 15.16 -0.85 -33.46
N TYR D 310 14.79 -1.97 -32.83
CA TYR D 310 15.77 -2.77 -32.13
C TYR D 310 15.40 -4.23 -32.14
N ASN D 311 16.38 -5.09 -32.35
CA ASN D 311 16.15 -6.53 -32.37
C ASN D 311 16.34 -7.14 -30.98
N SER D 312 16.00 -8.42 -30.82
CA SER D 312 16.15 -9.13 -29.56
C SER D 312 17.44 -9.93 -29.63
N HIS D 313 18.28 -9.83 -28.60
CA HIS D 313 19.57 -10.50 -28.59
C HIS D 313 19.80 -11.33 -27.34
N ASN D 314 20.81 -12.19 -27.39
CA ASN D 314 21.23 -12.99 -26.25
C ASN D 314 22.60 -12.44 -25.84
N VAL D 315 22.72 -12.06 -24.58
CA VAL D 315 23.92 -11.48 -24.01
C VAL D 315 24.61 -12.56 -23.21
N TYR D 316 25.77 -13.02 -23.65
CA TYR D 316 26.45 -14.14 -23.01
C TYR D 316 27.40 -13.72 -21.88
N ILE D 317 27.18 -14.27 -20.68
CA ILE D 317 27.94 -13.94 -19.49
C ILE D 317 28.79 -15.08 -18.99
N MET D 318 30.03 -14.77 -18.61
CA MET D 318 30.98 -15.72 -18.03
C MET D 318 31.63 -15.07 -16.81
N ALA D 319 32.08 -15.89 -15.85
CA ALA D 319 32.81 -15.35 -14.71
C ALA D 319 34.24 -15.00 -15.12
N ASP D 320 34.80 -13.98 -14.48
CA ASP D 320 36.18 -13.52 -14.66
C ASP D 320 36.74 -13.45 -13.24
N LYS D 321 37.13 -14.61 -12.66
CA LYS D 321 37.56 -14.72 -11.27
C LYS D 321 38.74 -13.86 -10.88
N GLN D 322 39.72 -13.68 -11.79
CA GLN D 322 40.92 -12.89 -11.50
C GLN D 322 40.63 -11.38 -11.33
N LYS D 323 39.55 -10.89 -11.93
CA LYS D 323 39.14 -9.49 -11.76
C LYS D 323 37.92 -9.35 -10.81
N ASN D 324 37.51 -10.45 -10.15
CA ASN D 324 36.36 -10.52 -9.26
C ASN D 324 35.08 -10.00 -9.96
N GLY D 325 34.95 -10.29 -11.25
CA GLY D 325 33.80 -9.83 -12.01
C GLY D 325 33.35 -10.76 -13.11
N ILE D 326 32.81 -10.20 -14.19
CA ILE D 326 32.32 -10.97 -15.31
C ILE D 326 32.84 -10.44 -16.66
N LYS D 327 32.86 -11.31 -17.68
CA LYS D 327 33.20 -10.98 -19.06
C LYS D 327 31.95 -11.29 -19.88
N VAL D 328 31.53 -10.34 -20.72
CA VAL D 328 30.29 -10.46 -21.47
C VAL D 328 30.53 -10.24 -22.97
N ASN D 329 29.88 -11.04 -23.84
CA ASN D 329 30.03 -10.92 -25.29
C ASN D 329 28.70 -11.09 -25.98
N PHE D 330 28.48 -10.33 -27.05
CA PHE D 330 27.28 -10.42 -27.86
C PHE D 330 27.40 -9.61 -29.14
N LYS D 331 26.58 -9.94 -30.15
CA LYS D 331 26.57 -9.22 -31.41
C LYS D 331 25.22 -8.57 -31.60
N ILE D 332 25.20 -7.24 -31.72
CA ILE D 332 23.97 -6.52 -31.97
C ILE D 332 23.76 -6.40 -33.48
N ARG D 333 22.52 -6.59 -33.94
CA ARG D 333 22.17 -6.44 -35.34
C ARG D 333 21.29 -5.21 -35.51
N HIS D 334 21.84 -4.16 -36.15
CA HIS D 334 21.09 -2.94 -36.38
C HIS D 334 20.53 -2.96 -37.80
N ASN D 335 19.20 -2.84 -37.97
CA ASN D 335 18.62 -2.82 -39.31
C ASN D 335 19.04 -1.57 -40.04
N ILE D 336 19.48 -1.71 -41.29
CA ILE D 336 19.84 -0.57 -42.12
C ILE D 336 18.62 -0.25 -42.99
N GLU D 337 18.42 1.05 -43.28
CA GLU D 337 17.29 1.53 -44.08
C GLU D 337 17.19 0.90 -45.46
N ASP D 338 18.30 0.38 -46.00
CA ASP D 338 18.28 -0.27 -47.32
C ASP D 338 17.87 -1.76 -47.31
N GLY D 339 17.57 -2.29 -46.13
CA GLY D 339 17.20 -3.70 -46.00
C GLY D 339 18.30 -4.58 -45.46
N SER D 340 19.53 -4.06 -45.35
CA SER D 340 20.65 -4.84 -44.84
C SER D 340 20.78 -4.73 -43.30
N VAL D 341 21.86 -5.26 -42.73
CA VAL D 341 22.11 -5.25 -41.29
C VAL D 341 23.53 -4.76 -41.01
N GLN D 342 23.67 -3.88 -40.01
CA GLN D 342 24.93 -3.35 -39.56
C GLN D 342 25.24 -4.07 -38.24
N LEU D 343 26.29 -4.87 -38.23
CA LEU D 343 26.69 -5.61 -37.03
C LEU D 343 27.51 -4.75 -36.11
N ALA D 344 27.26 -4.86 -34.80
CA ALA D 344 28.00 -4.16 -33.77
C ALA D 344 28.46 -5.20 -32.77
N ASP D 345 29.73 -5.61 -32.86
CA ASP D 345 30.35 -6.62 -32.01
C ASP D 345 30.71 -6.05 -30.65
N HIS D 346 30.08 -6.56 -29.58
CA HIS D 346 30.28 -6.09 -28.22
C HIS D 346 31.17 -6.97 -27.38
N TYR D 347 32.14 -6.33 -26.73
CA TYR D 347 33.11 -6.92 -25.79
C TYR D 347 32.94 -6.14 -24.50
N GLN D 348 32.63 -6.81 -23.39
CA GLN D 348 32.33 -6.15 -22.14
C GLN D 348 32.98 -6.76 -20.90
N GLN D 349 33.28 -5.91 -19.92
CA GLN D 349 33.82 -6.32 -18.63
C GLN D 349 33.14 -5.56 -17.49
N ASN D 350 32.78 -6.27 -16.41
CA ASN D 350 32.19 -5.64 -15.25
C ASN D 350 32.98 -6.02 -14.02
N THR D 351 33.37 -5.04 -13.22
CA THR D 351 34.10 -5.29 -11.98
C THR D 351 33.44 -4.49 -10.86
N PRO D 352 33.35 -5.08 -9.66
CA PRO D 352 32.70 -4.36 -8.57
C PRO D 352 33.47 -3.13 -8.09
N ILE D 353 32.73 -2.10 -7.63
CA ILE D 353 33.31 -0.89 -7.08
C ILE D 353 33.70 -1.13 -5.62
N GLY D 354 32.81 -1.77 -4.87
CA GLY D 354 33.06 -2.08 -3.48
C GLY D 354 34.02 -3.24 -3.27
N ASP D 355 34.41 -3.41 -2.01
CA ASP D 355 35.31 -4.48 -1.61
C ASP D 355 34.58 -5.75 -1.12
N GLY D 356 33.24 -5.71 -1.07
CA GLY D 356 32.45 -6.84 -0.60
C GLY D 356 32.38 -8.01 -1.56
N PRO D 357 31.83 -9.13 -1.08
CA PRO D 357 31.74 -10.33 -1.95
C PRO D 357 30.68 -10.21 -3.00
N VAL D 358 30.97 -10.71 -4.19
CA VAL D 358 30.02 -10.70 -5.30
C VAL D 358 29.77 -12.12 -5.80
N LEU D 359 28.69 -12.32 -6.57
CA LEU D 359 28.37 -13.62 -7.13
C LEU D 359 29.09 -13.76 -8.47
N LEU D 360 29.99 -14.74 -8.56
CA LEU D 360 30.70 -15.01 -9.81
C LEU D 360 29.92 -16.16 -10.44
N PRO D 361 29.25 -15.88 -11.56
CA PRO D 361 28.31 -16.84 -12.12
C PRO D 361 28.83 -17.95 -13.00
N ASP D 362 28.03 -19.02 -13.12
CA ASP D 362 28.30 -20.04 -14.12
C ASP D 362 27.87 -19.41 -15.47
N ASN D 363 28.36 -19.96 -16.58
CA ASN D 363 28.01 -19.46 -17.91
C ASN D 363 26.50 -19.49 -18.13
N HIS D 364 25.93 -18.36 -18.53
CA HIS D 364 24.52 -18.21 -18.81
C HIS D 364 24.34 -17.02 -19.77
N TYR D 365 23.08 -16.67 -20.08
CA TYR D 365 22.81 -15.54 -20.95
C TYR D 365 21.59 -14.74 -20.51
N LEU D 366 21.48 -13.51 -21.00
CA LEU D 366 20.32 -12.67 -20.76
C LEU D 366 19.61 -12.53 -22.09
N SER D 367 18.32 -12.84 -22.11
CA SER D 367 17.49 -12.72 -23.29
C SER D 367 16.89 -11.32 -23.23
N THR D 368 17.34 -10.43 -24.12
CA THR D 368 16.89 -9.04 -24.09
C THR D 368 15.94 -8.71 -25.23
N GLN D 369 15.00 -7.84 -24.97
CA GLN D 369 14.03 -7.37 -25.95
C GLN D 369 13.93 -5.87 -25.72
N SER D 370 13.99 -5.07 -26.80
CA SER D 370 13.88 -3.62 -26.67
C SER D 370 12.93 -3.06 -27.72
N ALA D 371 12.16 -2.04 -27.33
CA ALA D 371 11.24 -1.37 -28.24
C ALA D 371 11.49 0.12 -28.15
N LEU D 372 11.73 0.76 -29.29
CA LEU D 372 12.02 2.18 -29.32
C LEU D 372 10.80 2.95 -29.83
N SER D 373 10.54 4.11 -29.21
CA SER D 373 9.42 4.95 -29.59
C SER D 373 9.73 6.45 -29.37
N LYS D 374 8.79 7.34 -29.72
CA LYS D 374 8.94 8.77 -29.53
C LYS D 374 7.77 9.32 -28.72
N ASP D 375 8.04 10.37 -27.94
CA ASP D 375 7.06 11.07 -27.14
C ASP D 375 6.51 12.15 -28.09
N PRO D 376 5.20 12.09 -28.38
CA PRO D 376 4.62 13.06 -29.32
C PRO D 376 4.70 14.51 -28.88
N ASN D 377 4.91 14.74 -27.58
CA ASN D 377 4.98 16.10 -27.05
C ASN D 377 6.42 16.59 -26.81
N GLU D 378 7.41 15.77 -27.15
CA GLU D 378 8.81 16.13 -26.94
C GLU D 378 9.42 16.71 -28.21
N LYS D 379 9.83 17.99 -28.15
CA LYS D 379 10.45 18.68 -29.27
C LYS D 379 11.99 18.44 -29.36
N ARG D 380 12.63 18.05 -28.25
CA ARG D 380 14.08 17.79 -28.27
C ARG D 380 14.38 16.44 -28.93
N ASP D 381 15.64 16.21 -29.34
CA ASP D 381 16.03 14.93 -29.95
C ASP D 381 16.04 13.93 -28.81
N HIS D 382 15.24 12.86 -28.92
CA HIS D 382 15.05 11.94 -27.80
C HIS D 382 14.78 10.49 -28.20
N MET D 383 14.72 9.60 -27.20
CA MET D 383 14.40 8.21 -27.41
C MET D 383 13.64 7.68 -26.22
N VAL D 384 12.49 7.03 -26.45
CA VAL D 384 11.74 6.36 -25.40
C VAL D 384 12.03 4.88 -25.59
N LEU D 385 12.44 4.20 -24.51
CA LEU D 385 12.84 2.82 -24.55
C LEU D 385 12.09 1.98 -23.53
N LYS D 386 11.59 0.82 -23.95
CA LYS D 386 10.92 -0.16 -23.12
C LYS D 386 11.68 -1.48 -23.34
N GLU D 387 12.22 -2.07 -22.27
CA GLU D 387 12.99 -3.30 -22.36
C GLU D 387 12.48 -4.39 -21.43
N PHE D 388 12.69 -5.65 -21.83
CA PHE D 388 12.34 -6.82 -21.03
C PHE D 388 13.53 -7.76 -21.08
N VAL D 389 14.14 -8.06 -19.93
CA VAL D 389 15.31 -8.92 -19.90
C VAL D 389 15.16 -10.07 -18.92
N THR D 390 15.41 -11.29 -19.37
CA THR D 390 15.29 -12.46 -18.50
C THR D 390 16.55 -13.31 -18.61
N ALA D 391 17.11 -13.74 -17.47
CA ALA D 391 18.26 -14.63 -17.49
C ALA D 391 17.80 -16.06 -17.82
N ALA D 392 18.65 -16.79 -18.55
CA ALA D 392 18.36 -18.15 -18.97
C ALA D 392 19.71 -18.93 -19.24
N GLY D 393 19.64 -20.22 -19.58
CA GLY D 393 20.84 -20.98 -19.90
C GLY D 393 21.29 -21.96 -18.85
N ILE D 394 20.72 -21.89 -17.64
CA ILE D 394 21.04 -22.82 -16.55
C ILE D 394 19.77 -23.60 -16.16
N THR D 395 19.87 -24.90 -15.85
CA THR D 395 18.70 -25.66 -15.42
C THR D 395 18.98 -26.49 -14.16
#